data_1OVA
#
_entry.id   1OVA
#
_cell.length_a   62.900
_cell.length_b   84.700
_cell.length_c   71.500
_cell.angle_alpha   87.50
_cell.angle_beta   104.00
_cell.angle_gamma   108.50
#
_symmetry.space_group_name_H-M   'P 1'
#
loop_
_entity.id
_entity.type
_entity.pdbx_description
1 polymer OVALBUMIN
2 polymer OVALBUMIN
3 polymer OVALBUMIN
4 non-polymer 2-acetamido-2-deoxy-beta-D-glucopyranose
5 non-polymer 'CALCIUM ION'
6 water water
#
loop_
_entity_poly.entity_id
_entity_poly.type
_entity_poly.pdbx_seq_one_letter_code
_entity_poly.pdbx_strand_id
1 'polypeptide(L)'
;(ACE)GSIGAASMEFCFDVFKELKVHHANENIFYCPIAIMSALAMVYLGAKDSTRTQINKVVRFDKLPGFGD(SEP)IEA
QCGTSVNVHSSLRDILNQITKPNDVYSFSLASRLYAEERYPILPEYLQCVKELYRGGLEPINFQTAADQARELINSWVES
QTNGIIRNVLQPSSVDSQTAMVLVNAIVFKGLWEKAFKDEDTQAMPFRVTEQESKPVQMMYQIGLFRVASMASEKMKILE
LPFASGTMSMLVLLPDEVSGLEQLESIINFEKLTEWTSSNVMEERKIKVYLPRMKMEEKYNLTSVLMAMGITDVFSSSAN
LSGISSAESLKISQAVHAAHAEINEAGREVVG(SEP)AEAGVDAASVSEEFRADHPFLFCIKHIATNAVLFFGRCVSP
;
A
2 'polypeptide(L)'
;(ACE)GSIGAASMEFCFDVFKELKVHHANENIFYCPIAIMSALAMVYLGAKDSTRTQINKVVRFDKLPGFGDSIEAQCGT
SVNVHSSLRDILNQITKPNDVYSFSLASRLYAEERYPILPEYLQCVKELYRGGLEPINFQTAADQARELINSWVESQTNG
IIRNVLQPSSVDSQTAMVLVNAIVFKGLWEKAFKDEDTQAMPFRVTEQESKPVQMMYQIGLFRVASMASEKMKILELPFA
SGTMSMLVLLPDEVSGLEQLESIINFEKLTEWTSSNVMEERKIKVYLPRMKMEEKYNLTSVLMAMGITDVFSSSANLSGI
SSAESLKISQAVHAAHAEINEAGREVVG(SEP)AEAGVDAASVSEEFRADHPFLFCIKHIATNAVLFFGRCVSP
;
B
3 'polypeptide(L)'
;(ACE)GSIGAASMEFCFDVFKELKVHHANENIFYCPIAIMSALAMVYLGAKDSTRTQINKVVRFDKLPGFGDSIEAQCGT
SVNVHSSLRDILNQITKPNDVYSFSLASRLYAEERYPILPEYLQCVKELYRGGLEPINFQTAADQARELINSWVESQTNG
IIRNVLQPSSVDSQTAMVLVNAIVFKGLWEKAFKDEDTQAMPFRVTEQESKPVQMMYQIGLFRVASMASEKMKILELPFA
SGTMSMLVLLPDEVSGLEQLESIINFEKLTEWTSSNVMEERKIKVYLPRMKMEEKYNLTSVLMAMGITDVFSSSANLSGI
SSAESLKISQAVHAAHAEINEAGREVVGSAEAGVDAASVSEEFRADHPFLFCIKHIATNAVLFFGRCVSP
;
C,D
#
loop_
_chem_comp.id
_chem_comp.type
_chem_comp.name
_chem_comp.formula
ACE non-polymer 'ACETYL GROUP' 'C2 H4 O'
CA non-polymer 'CALCIUM ION' 'Ca 2'
NAG D-saccharide, beta linking 2-acetamido-2-deoxy-beta-D-glucopyranose 'C8 H15 N O6'
#
# COMPACT_ATOMS: atom_id res chain seq x y z
C ACE A 1 -11.93 26.02 36.70
O ACE A 1 -11.11 26.64 35.99
CH3 ACE A 1 -11.62 24.68 37.36
N GLY A 2 -13.16 26.44 36.99
CA GLY A 2 -13.72 27.71 36.64
C GLY A 2 -14.75 27.52 35.51
N SER A 3 -14.16 27.38 34.33
CA SER A 3 -14.86 27.16 33.08
C SER A 3 -13.99 26.17 32.26
N ILE A 4 -14.66 25.55 31.32
CA ILE A 4 -14.00 24.42 30.63
C ILE A 4 -12.82 24.93 29.80
N GLY A 5 -12.94 26.17 29.32
CA GLY A 5 -11.86 26.78 28.47
C GLY A 5 -10.59 26.88 29.32
N ALA A 6 -10.70 27.58 30.41
CA ALA A 6 -9.64 27.78 31.41
C ALA A 6 -9.12 26.46 31.95
N ALA A 7 -10.06 25.58 32.31
CA ALA A 7 -9.61 24.30 32.91
C ALA A 7 -8.87 23.43 31.89
N SER A 8 -9.36 23.34 30.65
CA SER A 8 -8.61 22.44 29.70
C SER A 8 -7.23 22.99 29.35
N MET A 9 -7.15 24.29 29.34
CA MET A 9 -5.87 24.99 28.95
C MET A 9 -4.91 24.84 30.08
N GLU A 10 -5.42 25.13 31.29
CA GLU A 10 -4.42 24.85 32.40
C GLU A 10 -3.99 23.41 32.41
N PHE A 11 -4.97 22.48 32.33
CA PHE A 11 -4.59 21.03 32.23
C PHE A 11 -3.60 20.79 31.10
N CYS A 12 -3.94 21.24 29.91
CA CYS A 12 -3.02 21.16 28.74
C CYS A 12 -1.55 21.51 29.03
N PHE A 13 -1.32 22.61 29.73
CA PHE A 13 0.07 23.14 29.95
C PHE A 13 0.73 22.41 31.08
N ASP A 14 -0.07 21.95 32.03
CA ASP A 14 0.51 20.99 33.02
C ASP A 14 1.05 19.75 32.35
N VAL A 15 0.21 19.15 31.49
CA VAL A 15 0.69 17.92 30.77
C VAL A 15 1.95 18.23 29.94
N PHE A 16 1.88 19.35 29.24
CA PHE A 16 3.00 19.76 28.34
C PHE A 16 4.33 19.85 29.10
N LYS A 17 4.30 20.46 30.28
CA LYS A 17 5.47 20.59 31.15
C LYS A 17 6.04 19.22 31.44
N GLU A 18 5.11 18.31 31.79
CA GLU A 18 5.61 16.90 31.98
C GLU A 18 6.13 16.29 30.74
N LEU A 19 5.45 16.43 29.57
CA LEU A 19 5.86 15.64 28.41
C LEU A 19 7.19 16.17 27.81
N LYS A 20 7.41 17.46 27.97
CA LYS A 20 8.62 18.08 27.33
C LYS A 20 9.90 17.60 28.01
N VAL A 21 9.84 17.30 29.29
CA VAL A 21 10.81 16.49 30.04
C VAL A 21 11.29 15.34 29.15
N HIS A 22 10.37 14.47 28.78
CA HIS A 22 10.70 13.10 28.34
C HIS A 22 10.75 12.97 26.83
N HIS A 23 10.37 14.04 26.15
CA HIS A 23 10.28 13.95 24.66
C HIS A 23 10.93 15.16 23.99
N ALA A 24 12.19 15.37 24.30
CA ALA A 24 12.92 16.50 23.65
C ALA A 24 13.20 16.08 22.22
N ASN A 25 13.13 17.05 21.33
CA ASN A 25 13.54 16.91 19.93
C ASN A 25 12.63 15.87 19.26
N GLU A 26 11.38 15.85 19.72
CA GLU A 26 10.38 15.01 19.06
C GLU A 26 9.06 15.76 18.88
N ASN A 27 8.27 15.28 17.92
CA ASN A 27 6.87 15.72 17.81
C ASN A 27 6.13 15.39 19.12
N ILE A 28 5.26 16.29 19.56
CA ILE A 28 4.33 15.99 20.67
C ILE A 28 2.95 16.29 20.10
N PHE A 29 1.98 15.46 20.40
CA PHE A 29 0.59 15.69 20.01
C PHE A 29 -0.36 14.89 20.90
N TYR A 30 -1.28 15.61 21.49
CA TYR A 30 -2.31 14.94 22.35
C TYR A 30 -3.56 15.78 22.39
N CYS A 31 -4.64 15.20 22.92
CA CYS A 31 -5.94 15.86 22.96
C CYS A 31 -6.36 16.00 24.42
N PRO A 32 -6.18 17.18 24.99
CA PRO A 32 -6.51 17.36 26.39
C PRO A 32 -7.94 17.02 26.75
N ILE A 33 -8.92 17.40 25.94
CA ILE A 33 -10.34 17.14 26.17
C ILE A 33 -10.66 15.65 26.32
N ALA A 34 -10.10 14.89 25.42
CA ALA A 34 -10.29 13.40 25.48
C ALA A 34 -9.72 12.87 26.80
N ILE A 35 -8.49 13.21 27.20
CA ILE A 35 -7.93 12.89 28.50
C ILE A 35 -8.81 13.28 29.69
N MET A 36 -9.30 14.51 29.65
CA MET A 36 -10.24 14.94 30.71
C MET A 36 -11.44 14.00 30.80
N SER A 37 -11.98 13.59 29.65
CA SER A 37 -13.21 12.78 29.69
C SER A 37 -12.89 11.35 30.14
N ALA A 38 -11.75 10.79 29.82
CA ALA A 38 -11.31 9.50 30.36
C ALA A 38 -11.26 9.55 31.88
N LEU A 39 -10.75 10.65 32.38
CA LEU A 39 -10.52 10.79 33.83
C LEU A 39 -11.85 11.09 34.51
N ALA A 40 -12.73 11.80 33.85
CA ALA A 40 -14.07 12.10 34.45
C ALA A 40 -14.80 10.80 34.79
N MET A 41 -14.71 9.86 33.90
CA MET A 41 -15.26 8.52 33.99
C MET A 41 -14.77 7.77 35.25
N VAL A 42 -13.49 7.80 35.47
CA VAL A 42 -12.83 7.22 36.67
C VAL A 42 -13.33 7.94 37.90
N TYR A 43 -13.35 9.27 37.78
CA TYR A 43 -13.57 10.18 38.90
C TYR A 43 -14.91 9.82 39.60
N LEU A 44 -15.85 9.50 38.73
CA LEU A 44 -17.22 9.21 39.02
C LEU A 44 -17.43 8.22 40.17
N GLY A 45 -16.68 7.13 40.16
CA GLY A 45 -16.69 6.12 41.14
C GLY A 45 -15.55 6.22 42.14
N ALA A 46 -14.82 7.33 42.14
CA ALA A 46 -13.61 7.38 43.00
C ALA A 46 -13.99 8.10 44.31
N LYS A 47 -13.24 7.70 45.34
CA LYS A 47 -13.48 8.24 46.69
C LYS A 47 -12.19 8.62 47.40
N ASP A 48 -12.38 9.49 48.40
CA ASP A 48 -11.30 9.69 49.40
C ASP A 48 -10.13 10.32 48.64
N SER A 49 -8.94 9.80 48.89
CA SER A 49 -7.74 10.48 48.38
C SER A 49 -7.63 10.28 46.89
N THR A 50 -8.23 9.17 46.46
CA THR A 50 -8.14 8.80 45.01
C THR A 50 -8.84 9.90 44.21
N ARG A 51 -9.97 10.30 44.71
CA ARG A 51 -10.83 11.34 44.15
C ARG A 51 -10.26 12.74 44.27
N THR A 52 -9.64 13.06 45.41
CA THR A 52 -9.10 14.39 45.61
C THR A 52 -7.87 14.73 44.76
N GLN A 53 -6.97 13.79 44.59
CA GLN A 53 -5.88 13.82 43.64
C GLN A 53 -6.29 14.16 42.20
N ILE A 54 -7.28 13.43 41.72
CA ILE A 54 -7.86 13.71 40.40
C ILE A 54 -8.36 15.14 40.31
N ASN A 55 -9.12 15.51 41.31
CA ASN A 55 -9.86 16.80 41.28
C ASN A 55 -8.78 17.89 41.19
N LYS A 56 -7.80 17.84 42.07
CA LYS A 56 -6.78 18.89 42.08
C LYS A 56 -6.00 18.96 40.75
N VAL A 57 -5.50 17.83 40.31
CA VAL A 57 -4.76 17.77 39.05
C VAL A 57 -5.60 18.15 37.86
N VAL A 58 -6.85 17.64 37.77
CA VAL A 58 -7.54 17.68 36.45
C VAL A 58 -8.49 18.86 36.45
N ARG A 59 -8.57 19.58 37.58
CA ARG A 59 -9.20 20.92 37.52
C ARG A 59 -10.73 20.74 37.56
N PHE A 60 -11.23 19.69 38.25
CA PHE A 60 -12.65 19.34 38.11
C PHE A 60 -13.50 20.21 39.05
N ASP A 61 -12.73 20.89 39.89
CA ASP A 61 -13.23 21.51 41.09
C ASP A 61 -14.59 22.16 40.88
N LYS A 62 -14.51 23.35 40.28
CA LYS A 62 -15.76 24.13 40.22
C LYS A 62 -16.36 24.15 38.83
N LEU A 63 -16.00 23.16 38.00
CA LEU A 63 -16.68 23.07 36.68
C LEU A 63 -18.16 22.79 36.92
N PRO A 64 -19.03 23.49 36.22
CA PRO A 64 -20.44 23.09 36.10
C PRO A 64 -20.61 21.60 35.87
N GLY A 65 -21.28 20.92 36.78
CA GLY A 65 -21.73 19.53 36.59
C GLY A 65 -20.86 18.50 37.30
N PHE A 66 -19.85 18.96 38.01
CA PHE A 66 -18.92 18.07 38.69
C PHE A 66 -19.05 17.92 40.20
N GLY A 67 -19.63 18.81 40.96
CA GLY A 67 -19.97 18.53 42.39
C GLY A 67 -20.48 17.16 42.76
N ASP A 68 -20.12 16.69 43.98
CA ASP A 68 -20.72 15.45 44.49
C ASP A 68 -22.24 15.57 44.57
N SEP A 69 -22.82 16.74 44.87
CA SEP A 69 -24.32 16.69 44.97
CB SEP A 69 -24.98 17.96 45.46
OG SEP A 69 -24.77 18.13 46.88
C SEP A 69 -24.86 16.23 43.61
O SEP A 69 -25.63 15.27 43.51
P SEP A 69 -25.50 17.72 48.16
O1P SEP A 69 -26.87 18.23 47.88
O2P SEP A 69 -24.96 18.43 49.35
O3P SEP A 69 -25.63 16.28 48.47
N ILE A 70 -24.40 16.96 42.58
CA ILE A 70 -24.96 16.75 41.23
C ILE A 70 -24.60 15.33 40.85
N GLU A 71 -23.35 14.95 41.20
CA GLU A 71 -22.91 13.63 40.66
C GLU A 71 -23.79 12.50 41.14
N ALA A 72 -24.25 12.70 42.37
CA ALA A 72 -25.08 11.71 43.04
C ALA A 72 -26.30 11.43 42.18
N GLN A 73 -26.57 12.37 41.26
CA GLN A 73 -27.86 12.18 40.52
C GLN A 73 -27.57 11.49 39.19
N CYS A 74 -26.34 11.01 39.08
CA CYS A 74 -25.84 10.53 37.81
C CYS A 74 -26.90 9.94 36.89
N GLY A 75 -27.60 8.90 37.35
CA GLY A 75 -28.50 8.16 36.47
C GLY A 75 -29.63 8.94 35.80
N THR A 76 -29.99 10.14 36.21
CA THR A 76 -31.39 10.60 36.22
C THR A 76 -31.43 12.10 36.01
N SER A 77 -30.24 12.62 35.68
CA SER A 77 -30.08 14.08 35.51
C SER A 77 -29.15 14.42 34.34
N VAL A 78 -29.65 15.29 33.49
CA VAL A 78 -28.86 15.69 32.29
C VAL A 78 -27.80 16.71 32.64
N ASN A 79 -27.89 17.24 33.85
CA ASN A 79 -26.90 18.23 34.30
C ASN A 79 -25.54 17.61 34.60
N VAL A 80 -25.43 16.30 34.78
CA VAL A 80 -24.19 15.78 35.43
C VAL A 80 -23.03 15.95 34.43
N HIS A 81 -21.95 16.54 34.88
CA HIS A 81 -20.77 16.79 34.03
C HIS A 81 -21.02 17.58 32.76
N SER A 82 -22.04 18.41 32.69
CA SER A 82 -22.48 19.16 31.51
C SER A 82 -21.32 19.84 30.79
N SER A 83 -20.37 20.30 31.61
CA SER A 83 -19.50 21.37 31.02
C SER A 83 -18.60 20.70 29.98
N LEU A 84 -18.17 19.51 30.36
CA LEU A 84 -17.33 18.64 29.55
C LEU A 84 -18.15 17.91 28.50
N ARG A 85 -19.32 17.38 28.85
CA ARG A 85 -20.16 16.57 27.98
C ARG A 85 -20.73 17.37 26.83
N ASP A 86 -21.03 18.60 27.06
CA ASP A 86 -21.49 19.50 25.98
C ASP A 86 -20.47 19.60 24.87
N ILE A 87 -19.19 19.84 25.15
CA ILE A 87 -18.18 19.89 24.10
C ILE A 87 -18.01 18.55 23.41
N LEU A 88 -17.97 17.47 24.20
CA LEU A 88 -17.80 16.14 23.57
C LEU A 88 -18.94 15.81 22.60
N ASN A 89 -20.11 16.28 23.01
CA ASN A 89 -21.33 15.94 22.25
C ASN A 89 -21.34 16.74 20.97
N GLN A 90 -20.91 18.01 21.11
CA GLN A 90 -20.90 18.90 19.94
C GLN A 90 -19.87 18.31 18.98
N ILE A 91 -18.67 17.94 19.40
CA ILE A 91 -17.60 17.55 18.48
C ILE A 91 -17.74 16.14 17.93
N THR A 92 -18.51 15.28 18.62
CA THR A 92 -18.60 13.88 18.17
C THR A 92 -19.86 13.70 17.30
N LYS A 93 -20.75 14.66 17.24
CA LYS A 93 -21.92 14.59 16.34
C LYS A 93 -21.49 14.54 14.87
N PRO A 94 -22.23 13.77 14.08
CA PRO A 94 -22.01 13.74 12.60
C PRO A 94 -22.17 15.15 12.03
N ASN A 95 -21.23 15.56 11.20
CA ASN A 95 -21.42 16.81 10.43
C ASN A 95 -20.61 16.82 9.14
N ASP A 96 -20.83 17.96 8.46
CA ASP A 96 -20.47 18.02 7.01
C ASP A 96 -19.05 18.58 6.84
N VAL A 97 -18.48 19.16 7.89
CA VAL A 97 -17.16 19.82 7.71
C VAL A 97 -16.05 19.25 8.54
N TYR A 98 -16.26 18.47 9.58
CA TYR A 98 -15.15 17.75 10.24
C TYR A 98 -15.62 16.36 10.77
N SER A 99 -14.67 15.52 11.10
CA SER A 99 -14.95 14.21 11.74
C SER A 99 -14.04 14.01 12.93
N PHE A 100 -14.61 13.80 14.13
CA PHE A 100 -13.92 13.21 15.28
C PHE A 100 -14.41 11.77 15.56
N SER A 101 -13.47 10.91 15.84
CA SER A 101 -13.81 9.53 16.31
C SER A 101 -13.18 9.39 17.71
N LEU A 102 -13.96 9.20 18.75
CA LEU A 102 -13.42 8.95 20.11
C LEU A 102 -13.71 7.48 20.52
N ALA A 103 -12.67 6.76 20.81
CA ALA A 103 -12.74 5.39 21.38
C ALA A 103 -12.17 5.48 22.79
N SER A 104 -13.11 5.65 23.71
CA SER A 104 -12.63 5.74 25.15
C SER A 104 -13.43 4.84 26.10
N ARG A 105 -12.69 3.95 26.76
CA ARG A 105 -13.35 2.85 27.51
C ARG A 105 -12.48 2.44 28.69
N LEU A 106 -13.14 2.05 29.78
CA LEU A 106 -12.50 1.16 30.81
C LEU A 106 -12.91 -0.33 30.60
N TYR A 107 -11.96 -1.18 30.40
CA TYR A 107 -11.92 -2.61 30.50
C TYR A 107 -11.51 -3.09 31.90
N ALA A 108 -12.45 -3.77 32.54
CA ALA A 108 -12.28 -4.24 33.94
C ALA A 108 -12.27 -5.77 33.95
N GLU A 109 -11.39 -6.39 34.70
CA GLU A 109 -11.35 -7.84 34.85
C GLU A 109 -12.77 -8.34 35.21
N GLU A 110 -13.19 -9.39 34.49
CA GLU A 110 -14.65 -9.74 34.65
C GLU A 110 -14.88 -10.25 36.08
N ARG A 111 -13.90 -10.90 36.70
CA ARG A 111 -14.14 -11.39 38.09
C ARG A 111 -14.53 -10.25 38.99
N TYR A 112 -14.11 -8.98 38.77
CA TYR A 112 -14.53 -7.94 39.75
C TYR A 112 -15.99 -7.54 39.51
N PRO A 113 -16.75 -7.49 40.57
CA PRO A 113 -18.21 -7.20 40.44
C PRO A 113 -18.40 -5.70 40.32
N ILE A 114 -19.23 -5.23 39.40
CA ILE A 114 -19.42 -3.79 39.16
C ILE A 114 -20.77 -3.38 39.75
N LEU A 115 -20.78 -2.30 40.47
CA LEU A 115 -21.98 -1.61 40.93
C LEU A 115 -22.89 -1.36 39.75
N PRO A 116 -24.04 -2.01 39.86
CA PRO A 116 -25.12 -1.82 38.90
C PRO A 116 -25.37 -0.34 38.67
N GLU A 117 -25.29 0.46 39.75
CA GLU A 117 -25.65 1.88 39.52
C GLU A 117 -24.49 2.74 39.03
N TYR A 118 -23.26 2.23 39.06
CA TYR A 118 -22.21 2.91 38.23
C TYR A 118 -22.29 2.47 36.79
N LEU A 119 -22.54 1.22 36.45
CA LEU A 119 -22.58 0.80 35.01
C LEU A 119 -23.57 1.70 34.28
N GLN A 120 -24.57 2.14 35.05
CA GLN A 120 -25.75 2.75 34.40
C GLN A 120 -25.39 4.23 34.15
N CYS A 121 -24.71 4.67 35.19
CA CYS A 121 -24.32 6.07 35.27
C CYS A 121 -23.41 6.43 34.06
N VAL A 122 -22.37 5.64 33.93
CA VAL A 122 -21.28 5.79 32.98
C VAL A 122 -21.75 5.50 31.56
N LYS A 123 -22.76 4.66 31.43
CA LYS A 123 -23.44 4.39 30.15
C LYS A 123 -24.28 5.60 29.73
N GLU A 124 -25.07 6.16 30.63
CA GLU A 124 -25.78 7.39 30.31
C GLU A 124 -24.85 8.48 29.76
N LEU A 125 -23.71 8.70 30.40
CA LEU A 125 -23.02 10.01 30.27
C LEU A 125 -21.94 9.81 29.20
N TYR A 126 -21.41 8.58 29.27
CA TYR A 126 -20.21 8.32 28.46
C TYR A 126 -20.62 7.30 27.42
N ARG A 127 -19.97 7.38 26.28
CA ARG A 127 -19.94 6.26 25.30
C ARG A 127 -18.57 5.59 25.55
N GLY A 128 -18.59 4.30 25.31
CA GLY A 128 -17.40 3.44 25.58
C GLY A 128 -17.75 2.79 26.96
N GLY A 129 -18.04 3.68 27.91
CA GLY A 129 -18.11 3.37 29.30
C GLY A 129 -17.12 2.35 29.83
N LEU A 130 -17.70 1.35 30.51
CA LEU A 130 -17.02 0.25 31.13
C LEU A 130 -17.50 -1.07 30.48
N GLU A 131 -16.52 -1.90 30.19
CA GLU A 131 -16.66 -3.21 29.62
C GLU A 131 -15.91 -4.28 30.34
N PRO A 132 -16.64 -5.34 30.76
CA PRO A 132 -15.99 -6.43 31.47
C PRO A 132 -15.23 -7.30 30.52
N ILE A 133 -14.15 -7.93 30.99
CA ILE A 133 -13.30 -8.75 30.13
C ILE A 133 -12.47 -9.73 30.94
N ASN A 134 -12.07 -10.86 30.35
CA ASN A 134 -11.19 -11.84 31.00
C ASN A 134 -9.74 -11.55 30.70
N PHE A 135 -9.17 -10.85 31.72
CA PHE A 135 -7.67 -10.80 31.76
C PHE A 135 -7.12 -12.08 32.43
N GLN A 136 -7.86 -12.57 33.40
CA GLN A 136 -7.29 -13.57 34.40
C GLN A 136 -6.89 -14.79 33.63
N THR A 137 -7.83 -15.33 32.82
CA THR A 137 -7.41 -16.54 32.06
C THR A 137 -7.00 -16.34 30.64
N ALA A 138 -7.15 -15.18 30.01
CA ALA A 138 -6.82 -15.04 28.57
C ALA A 138 -6.45 -13.62 28.16
N ALA A 139 -5.40 -13.11 28.74
CA ALA A 139 -4.83 -11.79 28.55
C ALA A 139 -4.54 -11.42 27.11
N ASP A 140 -3.87 -12.32 26.39
CA ASP A 140 -3.42 -11.97 25.04
C ASP A 140 -4.66 -11.96 24.14
N GLN A 141 -5.67 -12.71 24.58
CA GLN A 141 -6.96 -12.65 23.89
C GLN A 141 -7.58 -11.29 24.25
N ALA A 142 -7.50 -10.97 25.54
CA ALA A 142 -8.20 -9.73 26.00
C ALA A 142 -7.52 -8.54 25.22
N ARG A 143 -6.24 -8.71 25.02
CA ARG A 143 -5.48 -7.57 24.44
C ARG A 143 -5.94 -7.46 22.99
N GLU A 144 -6.32 -8.59 22.40
CA GLU A 144 -6.67 -8.58 20.96
C GLU A 144 -8.04 -7.92 20.82
N LEU A 145 -8.87 -8.18 21.80
CA LEU A 145 -10.26 -7.66 21.80
C LEU A 145 -10.20 -6.13 21.83
N ILE A 146 -9.42 -5.70 22.82
CA ILE A 146 -9.24 -4.26 23.08
C ILE A 146 -8.71 -3.56 21.80
N ASN A 147 -7.59 -4.08 21.30
CA ASN A 147 -6.92 -3.49 20.12
C ASN A 147 -7.90 -3.38 18.95
N SER A 148 -8.75 -4.39 18.86
CA SER A 148 -9.59 -4.51 17.62
C SER A 148 -10.81 -3.64 17.83
N TRP A 149 -11.22 -3.38 19.07
CA TRP A 149 -12.32 -2.42 19.28
C TRP A 149 -11.85 -1.00 18.84
N VAL A 150 -10.73 -0.56 19.35
CA VAL A 150 -10.09 0.74 19.00
C VAL A 150 -9.94 0.88 17.50
N GLU A 151 -9.35 -0.13 16.87
CA GLU A 151 -9.12 -0.05 15.41
C GLU A 151 -10.39 0.07 14.65
N SER A 152 -11.42 -0.74 14.97
CA SER A 152 -12.76 -0.57 14.48
C SER A 152 -13.42 0.80 14.72
N GLN A 153 -13.25 1.34 15.91
CA GLN A 153 -13.97 2.62 16.14
C GLN A 153 -13.22 3.82 15.52
N THR A 154 -11.99 3.57 15.07
CA THR A 154 -11.16 4.65 14.55
C THR A 154 -10.83 4.56 13.07
N ASN A 155 -11.68 3.80 12.41
CA ASN A 155 -11.60 3.53 10.98
C ASN A 155 -10.34 2.87 10.50
N GLY A 156 -9.83 2.04 11.40
CA GLY A 156 -8.62 1.27 11.09
C GLY A 156 -7.41 2.15 11.35
N ILE A 157 -7.59 3.35 11.91
CA ILE A 157 -6.38 4.24 11.94
C ILE A 157 -5.46 3.93 13.11
N ILE A 158 -6.07 3.74 14.27
CA ILE A 158 -5.24 3.53 15.47
C ILE A 158 -5.22 1.99 15.67
N ARG A 159 -4.12 1.38 15.43
CA ARG A 159 -3.75 -0.03 15.56
C ARG A 159 -2.77 -0.28 16.71
N ASN A 160 -2.91 -1.47 17.28
CA ASN A 160 -2.07 -1.93 18.37
C ASN A 160 -1.83 -0.87 19.43
N VAL A 161 -2.97 -0.36 19.90
CA VAL A 161 -2.90 0.54 21.06
C VAL A 161 -2.26 -0.10 22.26
N LEU A 162 -2.66 -1.31 22.69
CA LEU A 162 -1.93 -2.03 23.76
C LEU A 162 -0.87 -2.94 23.13
N GLN A 163 0.37 -2.75 23.52
CA GLN A 163 1.49 -3.55 23.06
C GLN A 163 1.47 -4.88 23.83
N PRO A 164 2.12 -5.88 23.27
CA PRO A 164 2.20 -7.18 23.92
C PRO A 164 2.96 -7.09 25.25
N SER A 165 2.45 -7.92 26.11
CA SER A 165 2.62 -8.06 27.55
C SER A 165 2.54 -6.73 28.28
N SER A 166 1.49 -6.00 27.88
CA SER A 166 1.06 -4.85 28.69
C SER A 166 -0.23 -5.23 29.43
N VAL A 167 -0.78 -6.38 29.11
CA VAL A 167 -1.80 -7.06 29.96
C VAL A 167 -1.32 -8.51 30.25
N ASP A 168 -1.79 -8.97 31.38
CA ASP A 168 -1.43 -10.32 31.89
C ASP A 168 -2.48 -10.70 32.93
N SER A 169 -2.29 -11.87 33.53
CA SER A 169 -3.34 -12.44 34.41
C SER A 169 -3.64 -11.47 35.53
N GLN A 170 -2.65 -10.60 35.74
CA GLN A 170 -2.77 -9.76 36.97
C GLN A 170 -3.51 -8.49 36.67
N THR A 171 -3.60 -8.14 35.38
CA THR A 171 -4.26 -6.81 35.05
C THR A 171 -5.61 -6.72 35.69
N ALA A 172 -5.87 -5.62 36.35
CA ALA A 172 -7.18 -5.33 36.92
C ALA A 172 -8.08 -4.58 35.95
N MET A 173 -7.61 -3.39 35.55
CA MET A 173 -8.44 -2.46 34.71
C MET A 173 -7.56 -1.67 33.77
N VAL A 174 -7.93 -1.58 32.51
CA VAL A 174 -7.16 -0.84 31.47
C VAL A 174 -7.99 0.35 31.00
N LEU A 175 -7.34 1.54 31.04
CA LEU A 175 -7.98 2.73 30.44
C LEU A 175 -7.49 2.95 29.01
N VAL A 176 -8.43 2.98 28.03
CA VAL A 176 -8.00 3.25 26.64
C VAL A 176 -8.70 4.53 26.16
N ASN A 177 -7.85 5.38 25.51
CA ASN A 177 -8.44 6.70 25.13
C ASN A 177 -7.75 7.18 23.79
N ALA A 178 -8.50 6.98 22.73
CA ALA A 178 -7.93 7.13 21.37
C ALA A 178 -8.84 8.06 20.59
N ILE A 179 -8.16 8.96 19.80
CA ILE A 179 -8.91 9.96 19.05
C ILE A 179 -8.26 10.25 17.69
N VAL A 180 -9.11 10.29 16.67
CA VAL A 180 -8.82 10.73 15.32
C VAL A 180 -9.60 12.03 15.01
N PHE A 181 -8.90 12.94 14.32
CA PHE A 181 -9.58 14.19 13.86
C PHE A 181 -9.20 14.45 12.39
N LYS A 182 -10.19 14.93 11.65
CA LYS A 182 -9.95 15.46 10.29
C LYS A 182 -10.95 16.59 10.11
N GLY A 183 -10.48 17.78 9.65
CA GLY A 183 -11.46 18.85 9.46
C GLY A 183 -11.11 19.52 8.10
N LEU A 184 -12.07 20.25 7.57
CA LEU A 184 -11.78 21.10 6.39
C LEU A 184 -11.44 22.53 6.91
N TRP A 185 -10.42 23.13 6.29
CA TRP A 185 -10.23 24.56 6.36
C TRP A 185 -11.43 25.30 5.82
N GLU A 186 -11.56 26.51 6.33
CA GLU A 186 -12.44 27.54 5.69
C GLU A 186 -11.95 27.88 4.26
N LYS A 187 -10.68 28.21 4.17
CA LYS A 187 -9.95 28.50 2.93
C LYS A 187 -8.96 27.38 2.59
N ALA A 188 -9.30 26.68 1.53
CA ALA A 188 -8.47 25.53 1.11
C ALA A 188 -7.15 26.04 0.56
N PHE A 189 -6.11 25.29 0.74
CA PHE A 189 -4.89 25.41 -0.11
C PHE A 189 -5.15 24.66 -1.41
N LYS A 190 -4.61 25.11 -2.54
CA LYS A 190 -4.78 24.31 -3.78
C LYS A 190 -3.70 23.25 -3.90
N ASP A 191 -4.10 22.05 -4.36
CA ASP A 191 -3.00 21.02 -4.39
C ASP A 191 -1.86 21.52 -5.28
N GLU A 192 -2.26 22.31 -6.29
CA GLU A 192 -1.19 22.57 -7.33
C GLU A 192 -0.11 23.41 -6.70
N ASP A 193 -0.43 24.09 -5.60
CA ASP A 193 0.49 25.04 -4.93
C ASP A 193 1.37 24.45 -3.91
N THR A 194 1.22 23.16 -3.64
CA THR A 194 2.01 22.44 -2.64
C THR A 194 3.33 22.00 -3.30
N GLN A 195 4.46 22.21 -2.64
CA GLN A 195 5.78 21.99 -3.31
C GLN A 195 6.70 21.41 -2.27
N ALA A 196 7.67 20.63 -2.70
CA ALA A 196 8.74 20.16 -1.79
C ALA A 196 9.58 21.36 -1.36
N MET A 197 9.82 21.62 -0.11
CA MET A 197 10.72 22.68 0.42
C MET A 197 11.37 22.11 1.65
N PRO A 198 12.54 22.64 1.97
CA PRO A 198 13.27 22.17 3.14
C PRO A 198 12.57 22.63 4.41
N PHE A 199 12.57 21.69 5.36
CA PHE A 199 12.10 22.01 6.72
C PHE A 199 13.38 21.97 7.54
N ARG A 200 13.64 23.07 8.21
CA ARG A 200 14.87 23.24 9.01
C ARG A 200 14.65 22.81 10.44
N VAL A 201 14.99 21.55 10.69
CA VAL A 201 14.80 20.90 11.97
C VAL A 201 15.74 21.63 12.96
N THR A 202 16.97 21.72 12.52
CA THR A 202 18.00 22.55 13.15
C THR A 202 18.65 23.49 12.15
N GLU A 203 19.49 24.36 12.70
CA GLU A 203 20.46 25.16 11.98
C GLU A 203 21.30 24.38 10.99
N GLN A 204 21.60 23.14 11.36
CA GLN A 204 22.52 22.28 10.59
C GLN A 204 21.83 21.06 9.98
N GLU A 205 20.55 21.17 9.68
CA GLU A 205 19.80 19.97 9.27
C GLU A 205 18.41 20.34 8.75
N SER A 206 18.11 19.76 7.62
CA SER A 206 16.95 20.01 6.78
C SER A 206 16.48 18.66 6.19
N LYS A 207 15.19 18.67 5.95
CA LYS A 207 14.49 17.44 5.44
C LYS A 207 13.42 18.04 4.49
N PRO A 208 13.24 17.47 3.34
CA PRO A 208 12.30 18.00 2.34
C PRO A 208 10.89 17.60 2.79
N VAL A 209 9.95 18.53 2.73
CA VAL A 209 8.56 18.28 3.11
C VAL A 209 7.64 18.86 2.05
N GLN A 210 6.44 18.35 2.04
CA GLN A 210 5.41 18.95 1.12
C GLN A 210 4.86 20.17 1.80
N MET A 211 5.11 21.30 1.24
CA MET A 211 4.82 22.60 1.94
C MET A 211 3.58 23.14 1.24
N MET A 212 2.49 23.36 1.98
CA MET A 212 1.33 23.91 1.38
C MET A 212 1.49 25.45 1.31
N TYR A 213 0.74 26.06 0.42
CA TYR A 213 0.88 27.57 0.23
C TYR A 213 -0.43 28.18 -0.16
N GLN A 214 -0.76 29.32 0.43
CA GLN A 214 -1.84 30.17 -0.10
C GLN A 214 -1.59 31.61 0.35
N ILE A 215 -2.22 32.53 -0.33
CA ILE A 215 -2.34 33.93 0.12
C ILE A 215 -3.78 34.19 0.52
N GLY A 216 -3.98 34.80 1.69
CA GLY A 216 -5.35 34.97 2.15
C GLY A 216 -5.28 35.97 3.30
N LEU A 217 -6.46 36.40 3.68
CA LEU A 217 -6.81 37.22 4.80
C LEU A 217 -6.91 36.38 6.06
N PHE A 218 -5.96 36.57 6.97
CA PHE A 218 -5.93 35.68 8.18
C PHE A 218 -5.64 36.58 9.38
N ARG A 219 -6.09 36.17 10.55
CA ARG A 219 -5.63 36.86 11.76
C ARG A 219 -4.23 36.41 12.17
N VAL A 220 -3.39 37.42 12.40
CA VAL A 220 -1.98 37.31 12.70
C VAL A 220 -1.65 38.32 13.83
N ALA A 221 -0.75 37.92 14.69
CA ALA A 221 -0.14 38.83 15.67
C ALA A 221 1.37 38.70 15.55
N SER A 222 2.03 39.85 15.69
CA SER A 222 3.53 39.79 15.70
C SER A 222 3.95 40.22 17.09
N MET A 223 4.71 39.40 17.75
CA MET A 223 5.03 39.66 19.17
C MET A 223 6.56 39.94 19.08
N ALA A 224 6.93 41.18 18.74
CA ALA A 224 8.37 41.48 18.48
C ALA A 224 9.22 41.22 19.73
N SER A 225 8.63 41.48 20.89
CA SER A 225 9.26 41.20 22.17
C SER A 225 9.56 39.74 22.38
N GLU A 226 8.78 38.86 21.77
CA GLU A 226 9.03 37.42 22.11
C GLU A 226 9.66 36.83 20.87
N LYS A 227 9.86 37.70 19.87
CA LYS A 227 10.47 37.24 18.64
C LYS A 227 9.63 36.07 18.04
N MET A 228 8.36 36.33 17.76
CA MET A 228 7.55 35.20 17.23
C MET A 228 6.36 35.83 16.56
N LYS A 229 5.68 34.99 15.79
CA LYS A 229 4.40 35.37 15.18
C LYS A 229 3.37 34.22 15.42
N ILE A 230 2.14 34.60 15.53
CA ILE A 230 1.05 33.61 15.69
C ILE A 230 0.09 33.82 14.51
N LEU A 231 -0.25 32.74 13.86
CA LEU A 231 -1.29 32.68 12.83
C LEU A 231 -2.52 31.90 13.31
N GLU A 232 -3.69 32.40 12.94
CA GLU A 232 -4.93 31.66 13.16
C GLU A 232 -5.51 31.24 11.81
N LEU A 233 -5.70 29.93 11.64
CA LEU A 233 -6.43 29.37 10.49
C LEU A 233 -7.73 28.73 10.96
N PRO A 234 -8.81 29.32 10.57
CA PRO A 234 -10.17 28.80 10.89
C PRO A 234 -10.53 27.54 10.12
N PHE A 235 -11.25 26.65 10.85
CA PHE A 235 -11.82 25.42 10.22
C PHE A 235 -13.15 25.82 9.65
N ALA A 236 -13.63 25.11 8.62
CA ALA A 236 -14.97 25.44 8.07
C ALA A 236 -16.03 25.23 9.15
N SER A 237 -17.04 26.01 9.05
CA SER A 237 -18.16 26.26 9.93
C SER A 237 -17.98 26.91 11.24
N GLY A 238 -16.82 27.52 11.45
CA GLY A 238 -16.60 28.61 12.36
C GLY A 238 -16.69 28.14 13.79
N THR A 239 -16.44 26.88 14.08
CA THR A 239 -16.40 26.50 15.53
C THR A 239 -15.09 26.13 16.14
N MET A 240 -14.08 25.85 15.35
CA MET A 240 -12.70 25.62 15.70
C MET A 240 -11.67 26.39 14.87
N SER A 241 -10.47 26.55 15.42
CA SER A 241 -9.38 27.21 14.63
C SER A 241 -8.10 26.56 15.03
N MET A 242 -7.11 26.70 14.17
CA MET A 242 -5.75 26.27 14.50
C MET A 242 -4.87 27.50 14.73
N LEU A 243 -4.24 27.56 15.88
CA LEU A 243 -3.19 28.60 16.08
C LEU A 243 -1.83 28.01 15.88
N VAL A 244 -0.96 28.73 15.17
CA VAL A 244 0.41 28.19 14.95
C VAL A 244 1.38 29.24 15.60
N LEU A 245 2.18 28.83 16.53
CA LEU A 245 3.16 29.72 17.18
C LEU A 245 4.55 29.46 16.64
N LEU A 246 5.06 30.40 15.83
CA LEU A 246 6.29 30.24 15.05
C LEU A 246 7.37 31.20 15.56
N PRO A 247 8.38 30.66 16.21
CA PRO A 247 9.53 31.45 16.70
C PRO A 247 10.23 32.07 15.49
N ASP A 248 10.81 33.24 15.61
CA ASP A 248 11.58 33.84 14.47
C ASP A 248 12.77 32.91 14.15
N GLU A 249 13.42 32.39 15.19
CA GLU A 249 14.64 31.58 14.91
C GLU A 249 14.39 30.09 15.02
N VAL A 250 15.12 29.36 14.20
CA VAL A 250 14.96 27.95 13.88
C VAL A 250 15.08 27.16 15.18
N SER A 251 15.35 27.89 16.25
CA SER A 251 15.66 27.22 17.53
C SER A 251 15.23 28.16 18.65
N GLY A 252 14.21 28.93 18.30
CA GLY A 252 13.60 29.81 19.32
C GLY A 252 12.54 29.04 20.11
N LEU A 253 12.41 27.76 19.79
CA LEU A 253 11.30 26.99 20.41
C LEU A 253 11.47 26.81 21.89
N GLU A 254 12.73 26.52 22.25
CA GLU A 254 13.08 26.26 23.67
C GLU A 254 12.56 27.40 24.52
N GLN A 255 12.90 28.64 24.05
CA GLN A 255 12.38 29.75 24.90
C GLN A 255 10.88 29.78 25.05
N LEU A 256 10.18 29.60 23.93
CA LEU A 256 8.72 29.82 23.89
C LEU A 256 8.05 28.80 24.80
N GLU A 257 8.64 27.59 24.63
CA GLU A 257 8.14 26.47 25.50
C GLU A 257 8.29 26.69 26.98
N SER A 258 9.33 27.38 27.40
CA SER A 258 9.53 27.77 28.83
C SER A 258 8.47 28.73 29.33
N ILE A 259 8.01 29.63 28.46
CA ILE A 259 7.19 30.77 28.94
C ILE A 259 5.70 30.50 28.77
N ILE A 260 5.34 29.78 27.70
CA ILE A 260 3.92 29.61 27.33
C ILE A 260 3.08 29.14 28.49
N ASN A 261 1.89 29.79 28.65
CA ASN A 261 0.95 29.24 29.67
C ASN A 261 -0.43 29.74 29.32
N PHE A 262 -1.44 29.35 30.09
CA PHE A 262 -2.83 29.85 29.79
C PHE A 262 -2.88 31.36 29.72
N GLU A 263 -2.27 32.06 30.67
CA GLU A 263 -2.38 33.54 30.71
C GLU A 263 -1.69 34.14 29.45
N LYS A 264 -0.48 33.62 29.19
CA LYS A 264 0.27 34.09 28.00
C LYS A 264 -0.49 33.81 26.73
N LEU A 265 -1.01 32.59 26.56
CA LEU A 265 -1.73 32.27 25.31
C LEU A 265 -2.87 33.23 25.10
N THR A 266 -3.58 33.49 26.17
CA THR A 266 -4.75 34.38 26.15
C THR A 266 -4.32 35.81 25.77
N GLU A 267 -3.19 36.23 26.37
CA GLU A 267 -2.68 37.59 26.08
C GLU A 267 -2.32 37.72 24.61
N TRP A 268 -1.55 36.76 24.14
CA TRP A 268 -1.07 36.74 22.76
C TRP A 268 -2.13 36.63 21.71
N THR A 269 -3.31 36.14 22.07
CA THR A 269 -4.30 35.82 21.02
C THR A 269 -5.51 36.70 21.17
N SER A 270 -5.30 37.69 22.02
CA SER A 270 -6.39 38.67 22.27
C SER A 270 -6.70 39.46 20.99
N SER A 271 -7.97 39.69 20.82
CA SER A 271 -8.67 40.66 20.04
C SER A 271 -7.80 41.89 19.84
N ASN A 272 -7.25 42.39 20.92
CA ASN A 272 -6.36 43.53 21.03
C ASN A 272 -5.27 43.47 19.94
N VAL A 273 -4.54 42.39 20.03
CA VAL A 273 -3.22 42.07 19.52
C VAL A 273 -3.31 41.51 18.11
N MET A 274 -4.40 40.77 17.85
CA MET A 274 -4.41 40.03 16.54
C MET A 274 -5.14 40.88 15.51
N GLU A 275 -4.64 40.81 14.28
CA GLU A 275 -5.34 41.59 13.24
C GLU A 275 -5.33 40.84 11.93
N GLU A 276 -6.41 41.07 11.21
CA GLU A 276 -6.67 40.45 9.92
C GLU A 276 -5.78 41.14 8.88
N ARG A 277 -4.86 40.43 8.29
CA ARG A 277 -4.04 40.91 7.17
C ARG A 277 -3.99 39.88 6.05
N LYS A 278 -3.81 40.36 4.82
CA LYS A 278 -3.42 39.52 3.69
C LYS A 278 -1.99 39.04 3.81
N ILE A 279 -1.79 37.74 3.88
CA ILE A 279 -0.41 37.17 4.13
C ILE A 279 -0.17 35.96 3.28
N LYS A 280 1.08 35.71 2.96
CA LYS A 280 1.41 34.45 2.27
C LYS A 280 1.62 33.41 3.36
N VAL A 281 0.87 32.33 3.25
CA VAL A 281 1.05 31.23 4.26
C VAL A 281 1.78 30.02 3.72
N TYR A 282 2.86 29.59 4.41
CA TYR A 282 3.48 28.30 4.06
C TYR A 282 3.27 27.39 5.32
N LEU A 283 2.59 26.28 5.06
CA LEU A 283 2.41 25.29 6.22
C LEU A 283 2.66 23.87 5.65
N PRO A 284 3.45 23.07 6.34
CA PRO A 284 3.68 21.69 5.94
C PRO A 284 2.35 20.92 5.98
N ARG A 285 2.16 20.03 5.00
CA ARG A 285 1.20 18.89 5.22
C ARG A 285 1.75 18.09 6.43
N MET A 286 0.89 17.71 7.36
CA MET A 286 1.38 17.09 8.62
C MET A 286 0.45 15.85 8.86
N LYS A 287 1.09 14.80 9.32
CA LYS A 287 0.35 13.57 9.77
C LYS A 287 0.83 13.33 11.19
N MET A 288 0.04 13.79 12.16
CA MET A 288 0.55 13.72 13.58
C MET A 288 -0.10 12.42 14.15
N GLU A 289 0.70 11.55 14.71
CA GLU A 289 0.20 10.46 15.54
C GLU A 289 1.20 10.14 16.66
N GLU A 290 0.74 10.18 17.91
CA GLU A 290 1.55 9.89 19.08
C GLU A 290 0.69 9.05 20.06
N LYS A 291 1.34 8.27 20.84
CA LYS A 291 0.70 7.43 21.91
C LYS A 291 1.48 7.63 23.20
N TYR A 292 0.82 7.89 24.33
CA TYR A 292 1.51 8.16 25.58
C TYR A 292 0.95 7.12 26.60
N ASN A 293 1.82 6.71 27.42
CA ASN A 293 1.61 6.08 28.73
C ASN A 293 1.16 7.13 29.73
N LEU A 294 -0.13 7.17 29.89
CA LEU A 294 -0.77 8.04 30.87
C LEU A 294 -0.35 7.73 32.30
N THR A 295 0.08 6.51 32.58
CA THR A 295 0.48 6.24 33.99
C THR A 295 1.63 7.15 34.43
N SER A 296 2.70 7.12 33.65
CA SER A 296 3.91 7.86 34.03
C SER A 296 3.60 9.35 34.16
N VAL A 297 2.77 9.84 33.23
CA VAL A 297 2.51 11.27 33.15
C VAL A 297 1.74 11.75 34.36
N LEU A 298 0.53 11.15 34.53
CA LEU A 298 -0.36 11.57 35.64
C LEU A 298 0.22 11.40 37.04
N MET A 299 0.99 10.32 37.17
CA MET A 299 1.74 10.02 38.39
C MET A 299 2.83 11.10 38.66
N ALA A 300 3.57 11.58 37.64
CA ALA A 300 4.39 12.79 37.93
C ALA A 300 3.63 14.06 38.27
N MET A 301 2.41 14.19 37.81
CA MET A 301 1.52 15.30 38.11
C MET A 301 0.83 15.19 39.46
N GLY A 302 0.81 14.03 40.12
CA GLY A 302 0.21 13.97 41.43
C GLY A 302 -0.98 13.03 41.49
N ILE A 303 -1.23 12.33 40.38
CA ILE A 303 -2.33 11.30 40.54
C ILE A 303 -1.67 9.96 40.75
N THR A 304 -1.63 9.50 42.01
CA THR A 304 -0.92 8.24 42.28
C THR A 304 -1.81 7.13 42.77
N ASP A 305 -2.84 7.47 43.55
CA ASP A 305 -3.57 6.36 44.21
C ASP A 305 -4.28 5.47 43.20
N VAL A 306 -4.80 5.98 42.09
CA VAL A 306 -5.63 5.12 41.22
C VAL A 306 -4.82 3.92 40.71
N PHE A 307 -3.52 4.05 40.63
CA PHE A 307 -2.70 3.12 39.87
C PHE A 307 -2.13 2.07 40.85
N SER A 308 -2.55 2.23 42.11
CA SER A 308 -1.95 1.27 43.11
C SER A 308 -3.01 0.67 44.01
N SER A 309 -2.51 -0.25 44.84
CA SER A 309 -3.19 -0.85 45.98
C SER A 309 -4.01 0.09 46.82
N SER A 310 -3.56 1.32 46.96
CA SER A 310 -4.28 2.36 47.71
C SER A 310 -5.47 2.96 47.04
N ALA A 311 -5.70 2.59 45.78
CA ALA A 311 -6.91 3.11 45.09
C ALA A 311 -8.16 2.83 45.92
N ASN A 312 -8.97 3.84 46.10
CA ASN A 312 -10.35 3.77 46.44
C ASN A 312 -11.28 4.03 45.23
N LEU A 313 -11.58 2.98 44.53
CA LEU A 313 -12.71 2.96 43.57
C LEU A 313 -13.99 2.25 44.00
N SER A 314 -14.44 2.48 45.22
CA SER A 314 -15.64 1.92 45.86
C SER A 314 -16.90 2.19 45.05
N GLY A 315 -16.87 3.24 44.23
CA GLY A 315 -18.10 3.63 43.49
C GLY A 315 -18.26 2.75 42.25
N ILE A 316 -17.29 1.91 41.99
CA ILE A 316 -17.19 1.11 40.79
C ILE A 316 -17.44 -0.37 41.12
N SER A 317 -16.64 -0.92 41.98
CA SER A 317 -16.65 -2.28 42.50
C SER A 317 -16.50 -2.17 44.04
N SER A 318 -16.96 -3.21 44.71
CA SER A 318 -16.65 -3.35 46.17
C SER A 318 -15.36 -4.13 46.32
N ALA A 319 -14.98 -4.78 45.24
CA ALA A 319 -13.80 -5.63 45.19
C ALA A 319 -12.52 -4.82 45.43
N GLU A 320 -12.02 -5.06 46.66
CA GLU A 320 -10.90 -4.34 47.21
C GLU A 320 -9.80 -4.01 46.21
N SER A 321 -9.47 -4.84 45.23
CA SER A 321 -8.15 -4.69 44.56
C SER A 321 -8.25 -4.09 43.15
N LEU A 322 -9.32 -3.37 42.91
CA LEU A 322 -9.52 -2.78 41.58
C LEU A 322 -8.71 -1.47 41.57
N LYS A 323 -7.78 -1.41 40.64
CA LYS A 323 -7.07 -0.15 40.38
C LYS A 323 -6.91 -0.04 38.84
N ILE A 324 -6.24 1.00 38.43
CA ILE A 324 -5.92 1.18 37.00
C ILE A 324 -4.55 0.60 36.79
N SER A 325 -4.49 -0.40 35.95
CA SER A 325 -3.23 -1.06 35.65
C SER A 325 -2.48 -0.45 34.47
N GLN A 326 -3.25 -0.07 33.47
CA GLN A 326 -2.67 0.60 32.29
C GLN A 326 -3.66 1.70 31.89
N ALA A 327 -3.00 2.77 31.39
CA ALA A 327 -3.81 3.91 30.87
C ALA A 327 -3.02 4.43 29.66
N VAL A 328 -3.61 4.32 28.48
CA VAL A 328 -2.93 4.80 27.22
C VAL A 328 -3.78 5.90 26.57
N HIS A 329 -3.05 6.89 25.97
CA HIS A 329 -3.72 7.97 25.17
C HIS A 329 -3.10 7.92 23.78
N ALA A 330 -3.93 7.96 22.74
CA ALA A 330 -3.38 7.96 21.36
C ALA A 330 -4.17 8.98 20.53
N ALA A 331 -3.46 9.79 19.76
CA ALA A 331 -4.15 10.93 19.08
C ALA A 331 -3.52 10.97 17.67
N HIS A 332 -4.47 11.08 16.71
CA HIS A 332 -4.16 11.09 15.27
C HIS A 332 -4.93 12.24 14.59
N ALA A 333 -4.11 13.05 13.88
CA ALA A 333 -4.63 14.13 13.06
C ALA A 333 -3.73 14.32 11.83
N GLU A 334 -4.43 14.42 10.72
CA GLU A 334 -3.78 14.81 9.43
C GLU A 334 -4.24 16.22 9.05
N ILE A 335 -3.26 16.98 8.67
CA ILE A 335 -3.42 18.39 8.30
C ILE A 335 -2.95 18.48 6.83
N ASN A 336 -3.86 18.92 5.98
CA ASN A 336 -3.52 18.93 4.53
C ASN A 336 -4.33 20.06 3.91
N GLU A 337 -4.51 19.92 2.58
CA GLU A 337 -5.02 21.06 1.81
C GLU A 337 -6.49 21.32 1.95
N ALA A 338 -7.27 20.27 2.11
CA ALA A 338 -8.70 20.30 1.96
C ALA A 338 -9.37 21.46 2.72
N GLY A 339 -10.27 22.16 2.02
CA GLY A 339 -11.04 23.27 2.61
C GLY A 339 -12.27 23.51 1.79
N ARG A 340 -13.07 24.48 2.26
CA ARG A 340 -14.35 24.77 1.58
C ARG A 340 -14.30 25.65 0.36
N GLU A 341 -13.50 26.68 0.43
CA GLU A 341 -13.38 27.76 -0.53
C GLU A 341 -11.95 28.02 -0.97
N VAL A 342 -11.79 28.50 -2.20
CA VAL A 342 -10.38 28.84 -2.66
C VAL A 342 -10.46 30.21 -3.31
N VAL A 343 -9.42 31.01 -3.31
CA VAL A 343 -9.41 32.28 -4.09
C VAL A 343 -9.27 31.98 -5.58
N GLY A 344 -10.01 32.73 -6.39
CA GLY A 344 -9.68 32.81 -7.84
C GLY A 344 -8.21 33.07 -8.11
N SEP A 345 -7.80 32.58 -9.27
CA SEP A 345 -6.40 32.61 -9.72
CB SEP A 345 -6.28 31.87 -11.05
OG SEP A 345 -6.51 30.48 -10.84
C SEP A 345 -5.94 34.06 -9.90
O SEP A 345 -4.85 34.46 -9.52
P SEP A 345 -5.96 29.27 -11.60
O1P SEP A 345 -4.60 29.80 -11.89
O2P SEP A 345 -6.65 29.05 -12.90
O3P SEP A 345 -5.81 27.99 -10.87
N ALA A 346 -6.84 34.78 -10.57
CA ALA A 346 -6.53 36.16 -11.01
C ALA A 346 -6.20 36.95 -9.75
N GLU A 347 -7.06 36.65 -8.77
CA GLU A 347 -7.03 37.38 -7.49
C GLU A 347 -5.63 37.12 -6.91
N ALA A 348 -5.23 35.85 -6.97
CA ALA A 348 -4.00 35.42 -6.26
C ALA A 348 -2.75 35.93 -6.98
N GLY A 349 -2.90 36.03 -8.30
CA GLY A 349 -1.79 36.54 -9.13
C GLY A 349 -1.53 37.98 -8.66
N VAL A 350 -2.63 38.72 -8.47
CA VAL A 350 -2.48 40.13 -8.10
C VAL A 350 -1.90 40.25 -6.67
N ASP A 351 -2.49 39.48 -5.80
CA ASP A 351 -1.95 39.22 -4.45
C ASP A 351 -0.47 38.90 -4.45
N ALA A 352 -0.09 37.88 -5.18
CA ALA A 352 1.31 37.45 -5.27
C ALA A 352 2.28 38.65 -5.40
N ALA A 353 1.81 39.57 -6.19
CA ALA A 353 2.62 40.68 -6.70
C ALA A 353 2.77 41.65 -5.53
N SER A 354 1.64 41.85 -4.87
CA SER A 354 1.39 42.98 -3.96
C SER A 354 1.70 42.65 -2.50
N VAL A 355 1.52 41.39 -2.13
CA VAL A 355 1.64 40.96 -0.70
C VAL A 355 3.10 40.58 -0.48
N SER A 356 3.69 41.22 0.53
CA SER A 356 5.06 40.86 0.89
C SER A 356 5.17 40.11 2.21
N GLU A 357 4.23 40.36 3.07
CA GLU A 357 4.33 39.71 4.42
C GLU A 357 4.05 38.20 4.21
N GLU A 358 4.82 37.37 4.83
CA GLU A 358 4.57 35.95 4.91
C GLU A 358 4.63 35.33 6.33
N PHE A 359 4.06 34.12 6.33
CA PHE A 359 4.26 33.28 7.60
C PHE A 359 4.77 31.98 7.04
N ARG A 360 6.01 31.71 7.27
CA ARG A 360 6.68 30.58 6.57
C ARG A 360 7.05 29.55 7.65
N ALA A 361 6.12 28.57 7.84
CA ALA A 361 6.36 27.62 8.98
C ALA A 361 7.30 26.54 8.50
N ASP A 362 8.58 26.85 8.28
CA ASP A 362 9.54 25.89 7.70
C ASP A 362 10.58 25.47 8.76
N HIS A 363 10.23 25.66 10.03
CA HIS A 363 11.06 25.27 11.20
C HIS A 363 10.13 24.99 12.42
N PRO A 364 10.59 24.35 13.46
CA PRO A 364 9.69 23.86 14.49
C PRO A 364 8.84 24.97 15.05
N PHE A 365 7.59 24.53 15.34
CA PHE A 365 6.52 25.42 15.81
C PHE A 365 5.59 24.65 16.80
N LEU A 366 4.86 25.41 17.57
CA LEU A 366 3.77 24.85 18.37
C LEU A 366 2.50 25.16 17.62
N PHE A 367 1.46 24.40 17.91
CA PHE A 367 0.16 24.54 17.33
C PHE A 367 -0.87 24.11 18.40
N CYS A 368 -1.98 24.75 18.27
CA CYS A 368 -3.15 24.42 19.15
C CYS A 368 -4.44 24.46 18.35
N ILE A 369 -5.21 23.37 18.47
CA ILE A 369 -6.59 23.44 17.91
C ILE A 369 -7.56 23.76 19.01
N LYS A 370 -8.34 24.84 18.88
CA LYS A 370 -9.28 25.23 19.93
C LYS A 370 -10.73 25.34 19.43
N HIS A 371 -11.59 25.08 20.39
CA HIS A 371 -13.08 25.34 20.20
C HIS A 371 -13.28 26.82 20.40
N ILE A 372 -13.80 27.56 19.44
CA ILE A 372 -13.77 29.05 19.56
C ILE A 372 -14.52 29.57 20.78
N ALA A 373 -15.71 29.04 20.98
CA ALA A 373 -16.77 29.56 21.81
C ALA A 373 -16.30 29.57 23.28
N THR A 374 -15.71 28.44 23.63
CA THR A 374 -15.34 28.18 25.04
C THR A 374 -13.85 28.37 25.25
N ASN A 375 -13.10 28.61 24.20
CA ASN A 375 -11.63 28.61 24.21
C ASN A 375 -11.05 27.27 24.68
N ALA A 376 -11.87 26.23 24.68
CA ALA A 376 -11.31 24.89 25.04
C ALA A 376 -10.19 24.47 24.10
N VAL A 377 -9.08 23.85 24.63
CA VAL A 377 -8.07 23.22 23.79
C VAL A 377 -8.46 21.75 23.53
N LEU A 378 -8.66 21.53 22.25
CA LEU A 378 -8.95 20.24 21.62
C LEU A 378 -7.69 19.45 21.36
N PHE A 379 -6.69 20.11 20.74
CA PHE A 379 -5.39 19.44 20.42
C PHE A 379 -4.27 20.45 20.70
N PHE A 380 -3.14 19.91 21.08
CA PHE A 380 -1.93 20.78 21.36
C PHE A 380 -0.78 19.99 20.85
N GLY A 381 0.18 20.67 20.13
CA GLY A 381 1.36 19.83 19.77
C GLY A 381 2.64 20.64 19.51
N ARG A 382 3.69 19.91 19.31
CA ARG A 382 5.00 20.49 18.90
C ARG A 382 5.30 19.78 17.58
N CYS A 383 5.46 20.58 16.51
CA CYS A 383 5.84 20.01 15.23
C CYS A 383 7.32 20.19 14.96
N VAL A 384 8.15 19.17 15.03
CA VAL A 384 9.52 19.12 14.67
C VAL A 384 9.84 18.37 13.36
N SER A 385 8.96 17.51 12.97
CA SER A 385 9.15 16.63 11.81
C SER A 385 7.81 16.40 11.15
N PRO A 386 7.29 17.19 10.24
CA PRO A 386 5.88 17.06 9.83
C PRO A 386 5.60 15.64 9.29
C ACE B 1 -45.18 -0.91 1.87
O ACE B 1 -45.54 -1.83 2.64
CH3 ACE B 1 -44.39 -1.16 0.63
N GLY B 2 -45.45 0.38 2.09
CA GLY B 2 -46.10 0.85 3.28
C GLY B 2 -45.18 1.15 4.43
N SER B 3 -44.00 0.56 4.42
CA SER B 3 -42.95 0.79 5.41
C SER B 3 -41.57 0.94 4.73
N ILE B 4 -40.64 1.54 5.47
CA ILE B 4 -39.25 1.71 5.02
C ILE B 4 -38.57 0.38 4.75
N GLY B 5 -38.87 -0.65 5.50
CA GLY B 5 -38.39 -2.02 5.25
C GLY B 5 -38.74 -2.47 3.84
N ALA B 6 -40.08 -2.42 3.61
CA ALA B 6 -40.54 -2.99 2.34
C ALA B 6 -40.03 -2.07 1.23
N ALA B 7 -40.05 -0.74 1.48
CA ALA B 7 -39.63 0.14 0.32
C ALA B 7 -38.14 -0.06 0.03
N SER B 8 -37.36 -0.25 1.11
CA SER B 8 -35.90 -0.33 0.91
C SER B 8 -35.52 -1.61 0.19
N MET B 9 -36.27 -2.64 0.51
CA MET B 9 -36.03 -3.98 -0.07
C MET B 9 -36.38 -4.01 -1.52
N GLU B 10 -37.58 -3.40 -1.78
CA GLU B 10 -37.99 -3.41 -3.20
C GLU B 10 -37.09 -2.55 -4.05
N PHE B 11 -36.84 -1.36 -3.51
CA PHE B 11 -35.76 -0.52 -4.18
C PHE B 11 -34.47 -1.32 -4.40
N CYS B 12 -33.99 -1.98 -3.33
CA CYS B 12 -32.73 -2.70 -3.40
C CYS B 12 -32.72 -3.66 -4.54
N PHE B 13 -33.85 -4.40 -4.70
CA PHE B 13 -33.75 -5.53 -5.68
C PHE B 13 -33.98 -4.98 -7.07
N ASP B 14 -34.72 -3.86 -7.14
CA ASP B 14 -34.82 -3.24 -8.54
C ASP B 14 -33.48 -2.72 -9.00
N VAL B 15 -32.73 -2.06 -8.09
CA VAL B 15 -31.31 -1.72 -8.47
C VAL B 15 -30.52 -2.95 -8.86
N PHE B 16 -30.65 -4.02 -8.06
CA PHE B 16 -29.83 -5.24 -8.26
C PHE B 16 -30.08 -5.82 -9.63
N LYS B 17 -31.37 -5.75 -10.06
CA LYS B 17 -31.71 -6.31 -11.41
C LYS B 17 -30.96 -5.61 -12.55
N GLU B 18 -30.71 -4.32 -12.31
CA GLU B 18 -29.99 -3.50 -13.31
C GLU B 18 -28.50 -3.64 -13.27
N LEU B 19 -27.86 -3.48 -12.10
CA LEU B 19 -26.43 -3.76 -11.92
C LEU B 19 -25.97 -5.14 -12.33
N LYS B 20 -26.81 -6.16 -12.11
CA LYS B 20 -26.33 -7.51 -12.44
C LYS B 20 -26.08 -7.68 -13.92
N VAL B 21 -26.73 -7.05 -14.85
CA VAL B 21 -26.47 -7.05 -16.30
C VAL B 21 -25.08 -6.47 -16.63
N HIS B 22 -24.84 -5.24 -16.23
CA HIS B 22 -23.66 -4.46 -16.52
C HIS B 22 -22.42 -4.83 -15.73
N HIS B 23 -22.55 -5.75 -14.80
CA HIS B 23 -21.44 -6.05 -13.86
C HIS B 23 -21.36 -7.56 -13.68
N ALA B 24 -21.47 -8.30 -14.77
CA ALA B 24 -21.32 -9.74 -14.77
C ALA B 24 -19.94 -10.16 -14.25
N ASN B 25 -19.93 -11.20 -13.43
CA ASN B 25 -18.72 -11.81 -12.91
C ASN B 25 -17.95 -10.88 -11.99
N GLU B 26 -18.56 -9.79 -11.53
CA GLU B 26 -17.83 -8.87 -10.63
C GLU B 26 -18.42 -8.94 -9.21
N ASN B 27 -17.69 -8.37 -8.23
CA ASN B 27 -18.31 -7.99 -6.92
C ASN B 27 -19.31 -6.88 -7.13
N ILE B 28 -20.38 -6.93 -6.37
CA ILE B 28 -21.37 -5.86 -6.32
C ILE B 28 -21.56 -5.43 -4.91
N PHE B 29 -21.63 -4.11 -4.67
CA PHE B 29 -21.83 -3.71 -3.24
C PHE B 29 -22.33 -2.29 -3.21
N TYR B 30 -23.46 -2.07 -2.53
CA TYR B 30 -24.04 -0.71 -2.54
C TYR B 30 -24.92 -0.62 -1.31
N CYS B 31 -25.29 0.59 -0.95
CA CYS B 31 -26.10 0.92 0.22
C CYS B 31 -27.40 1.55 -0.22
N PRO B 32 -28.48 0.76 -0.20
CA PRO B 32 -29.76 1.28 -0.75
C PRO B 32 -30.30 2.41 0.09
N ILE B 33 -30.07 2.37 1.41
CA ILE B 33 -30.65 3.43 2.26
C ILE B 33 -30.02 4.78 1.88
N ALA B 34 -28.74 4.75 1.57
CA ALA B 34 -28.02 6.08 1.37
C ALA B 34 -28.47 6.61 0.02
N ILE B 35 -28.69 5.74 -0.98
CA ILE B 35 -29.14 6.19 -2.30
C ILE B 35 -30.51 6.82 -2.09
N MET B 36 -31.31 6.17 -1.23
CA MET B 36 -32.73 6.66 -1.13
C MET B 36 -32.74 8.05 -0.54
N SER B 37 -31.88 8.30 0.45
CA SER B 37 -31.83 9.60 1.11
C SER B 37 -31.29 10.70 0.16
N ALA B 38 -30.36 10.38 -0.69
CA ALA B 38 -29.91 11.38 -1.73
C ALA B 38 -31.04 11.77 -2.67
N LEU B 39 -31.80 10.77 -3.13
CA LEU B 39 -32.96 10.95 -3.98
C LEU B 39 -34.08 11.73 -3.32
N ALA B 40 -34.25 11.57 -2.03
CA ALA B 40 -35.14 12.33 -1.19
C ALA B 40 -34.71 13.80 -1.17
N MET B 41 -33.41 14.08 -1.12
CA MET B 41 -32.97 15.50 -1.15
C MET B 41 -33.44 16.15 -2.47
N VAL B 42 -33.24 15.48 -3.59
CA VAL B 42 -33.75 15.89 -4.89
C VAL B 42 -35.25 16.06 -5.02
N TYR B 43 -35.97 14.99 -4.76
CA TYR B 43 -37.41 14.91 -4.69
C TYR B 43 -38.21 16.08 -4.14
N LEU B 44 -37.85 16.57 -2.97
CA LEU B 44 -38.16 17.79 -2.31
C LEU B 44 -38.26 19.05 -3.21
N GLY B 45 -37.36 19.20 -4.14
CA GLY B 45 -37.49 20.40 -5.05
C GLY B 45 -37.96 20.04 -6.42
N ALA B 46 -38.34 18.76 -6.62
CA ALA B 46 -38.69 18.38 -8.01
C ALA B 46 -40.20 18.59 -8.20
N LYS B 47 -40.54 18.88 -9.43
CA LYS B 47 -41.99 19.13 -9.70
C LYS B 47 -42.41 18.21 -10.81
N ASP B 48 -43.74 18.07 -10.95
CA ASP B 48 -44.21 17.64 -12.29
C ASP B 48 -43.74 16.19 -12.49
N SER B 49 -43.41 15.91 -13.74
CA SER B 49 -42.93 14.67 -14.25
C SER B 49 -41.63 14.22 -13.56
N THR B 50 -40.76 15.21 -13.30
CA THR B 50 -39.45 14.90 -12.73
C THR B 50 -39.67 14.15 -11.39
N ARG B 51 -40.57 14.77 -10.66
CA ARG B 51 -40.96 14.32 -9.33
C ARG B 51 -41.67 12.95 -9.39
N THR B 52 -42.57 12.84 -10.35
CA THR B 52 -43.41 11.63 -10.49
C THR B 52 -42.52 10.44 -10.83
N GLN B 53 -41.55 10.68 -11.70
CA GLN B 53 -40.63 9.63 -12.13
C GLN B 53 -39.88 9.02 -10.95
N ILE B 54 -39.39 9.94 -10.12
CA ILE B 54 -38.68 9.48 -8.88
C ILE B 54 -39.65 8.69 -7.99
N ASN B 55 -40.85 9.23 -7.85
CA ASN B 55 -41.78 8.67 -6.82
C ASN B 55 -42.14 7.24 -7.25
N LYS B 56 -42.21 7.03 -8.54
CA LYS B 56 -42.70 5.72 -9.10
C LYS B 56 -41.63 4.70 -8.70
N VAL B 57 -40.46 4.92 -9.28
CA VAL B 57 -39.27 4.15 -9.06
C VAL B 57 -38.91 3.94 -7.60
N VAL B 58 -39.04 4.98 -6.80
CA VAL B 58 -38.45 4.90 -5.43
C VAL B 58 -39.55 4.49 -4.46
N ARG B 59 -40.76 4.86 -4.83
CA ARG B 59 -41.94 4.44 -4.05
C ARG B 59 -42.05 5.25 -2.77
N PHE B 60 -42.01 6.57 -2.94
CA PHE B 60 -41.93 7.51 -1.81
C PHE B 60 -43.34 7.73 -1.24
N ASP B 61 -44.30 8.06 -2.05
CA ASP B 61 -45.62 8.61 -1.70
C ASP B 61 -46.27 7.75 -0.60
N LYS B 62 -46.12 6.47 -0.79
CA LYS B 62 -46.25 5.41 0.17
C LYS B 62 -45.91 5.73 1.61
N LEU B 63 -44.80 6.38 1.85
CA LEU B 63 -44.05 6.30 3.13
C LEU B 63 -44.52 7.39 4.12
N PRO B 64 -44.50 7.01 5.38
CA PRO B 64 -44.68 7.97 6.49
C PRO B 64 -43.63 9.07 6.44
N GLY B 65 -44.16 10.28 6.38
CA GLY B 65 -43.54 11.55 6.37
C GLY B 65 -43.26 12.14 5.00
N PHE B 66 -43.82 11.55 3.95
CA PHE B 66 -43.49 11.93 2.57
C PHE B 66 -44.57 12.64 1.77
N VAL B 80 -41.08 15.41 8.81
CA VAL B 80 -40.76 15.39 7.35
C VAL B 80 -39.85 14.17 7.17
N HIS B 81 -40.27 13.27 6.30
CA HIS B 81 -39.35 12.18 5.89
C HIS B 81 -38.94 11.35 7.09
N SER B 82 -39.75 11.44 8.13
CA SER B 82 -39.58 10.66 9.38
C SER B 82 -39.12 9.24 9.12
N SER B 83 -39.81 8.57 8.18
CA SER B 83 -39.54 7.11 8.05
C SER B 83 -38.06 6.94 7.72
N LEU B 84 -37.59 7.82 6.84
CA LEU B 84 -36.24 7.62 6.31
C LEU B 84 -35.27 8.27 7.30
N ARG B 85 -35.59 9.50 7.67
CA ARG B 85 -34.73 10.26 8.59
C ARG B 85 -34.50 9.52 9.89
N ASP B 86 -35.50 8.81 10.34
CA ASP B 86 -35.30 8.14 11.69
C ASP B 86 -34.10 7.22 11.61
N ILE B 87 -34.12 6.44 10.54
CA ILE B 87 -33.05 5.42 10.50
C ILE B 87 -31.73 6.11 10.24
N LEU B 88 -31.74 7.23 9.46
CA LEU B 88 -30.42 7.76 9.06
C LEU B 88 -29.71 8.29 10.30
N ASN B 89 -30.54 8.96 11.08
CA ASN B 89 -30.13 9.53 12.38
C ASN B 89 -29.63 8.48 13.34
N GLN B 90 -30.38 7.41 13.49
CA GLN B 90 -29.93 6.30 14.37
C GLN B 90 -28.59 5.78 13.87
N ILE B 91 -28.41 5.58 12.57
CA ILE B 91 -27.20 4.83 12.15
C ILE B 91 -26.02 5.75 12.10
N THR B 92 -26.27 7.06 12.09
CA THR B 92 -25.09 7.96 11.97
C THR B 92 -24.59 8.46 13.32
N LYS B 93 -25.39 8.39 14.34
CA LYS B 93 -24.98 8.74 15.74
C LYS B 93 -23.79 7.95 16.21
N PRO B 94 -22.91 8.59 16.98
CA PRO B 94 -21.71 7.84 17.45
C PRO B 94 -22.26 6.77 18.41
N ASN B 95 -21.58 5.65 18.38
CA ASN B 95 -21.91 4.53 19.27
C ASN B 95 -20.67 3.70 19.46
N ASP B 96 -20.85 2.73 20.38
CA ASP B 96 -19.58 2.00 20.67
C ASP B 96 -19.47 0.69 19.92
N VAL B 97 -20.28 0.36 18.94
CA VAL B 97 -20.26 -0.97 18.32
C VAL B 97 -20.07 -0.85 16.80
N TYR B 98 -20.51 0.25 16.24
CA TYR B 98 -20.34 0.40 14.78
C TYR B 98 -20.01 1.87 14.44
N SER B 99 -19.54 1.99 13.22
CA SER B 99 -19.27 3.33 12.61
C SER B 99 -19.87 3.37 11.20
N PHE B 100 -20.73 4.30 10.96
CA PHE B 100 -21.14 4.72 9.60
C PHE B 100 -20.84 6.16 9.22
N SER B 101 -19.96 6.34 8.23
CA SER B 101 -19.65 7.72 7.75
C SER B 101 -20.45 7.92 6.42
N LEU B 102 -21.40 8.82 6.38
CA LEU B 102 -22.11 9.26 5.18
C LEU B 102 -21.61 10.67 4.72
N ALA B 103 -21.09 10.71 3.55
CA ALA B 103 -20.83 11.99 2.79
C ALA B 103 -21.83 12.05 1.64
N SER B 104 -22.90 12.76 1.89
CA SER B 104 -23.95 12.91 0.86
C SER B 104 -24.28 14.37 0.67
N ARG B 105 -24.22 14.80 -0.61
CA ARG B 105 -24.25 16.27 -0.91
C ARG B 105 -24.63 16.54 -2.36
N LEU B 106 -25.39 17.60 -2.56
CA LEU B 106 -25.56 18.11 -3.96
C LEU B 106 -24.64 19.32 -4.11
N TYR B 107 -23.81 19.34 -5.15
CA TYR B 107 -22.99 20.56 -5.47
C TYR B 107 -23.71 21.25 -6.62
N ALA B 108 -24.11 22.51 -6.47
CA ALA B 108 -24.86 23.17 -7.58
C ALA B 108 -24.01 24.40 -7.98
N GLU B 109 -23.86 24.58 -9.28
CA GLU B 109 -23.17 25.79 -9.83
C GLU B 109 -23.65 27.06 -9.14
N GLU B 110 -22.69 27.85 -8.69
CA GLU B 110 -22.88 28.91 -7.72
C GLU B 110 -23.70 30.07 -8.26
N ARG B 111 -23.75 30.16 -9.56
CA ARG B 111 -24.63 31.17 -10.21
C ARG B 111 -26.08 30.93 -10.12
N TYR B 112 -26.53 29.72 -9.79
CA TYR B 112 -27.98 29.43 -9.64
C TYR B 112 -28.47 29.79 -8.24
N PRO B 113 -29.50 30.62 -8.27
CA PRO B 113 -29.99 31.18 -6.97
C PRO B 113 -30.74 30.00 -6.37
N ILE B 114 -30.47 29.70 -5.13
CA ILE B 114 -31.17 28.62 -4.41
C ILE B 114 -32.32 29.22 -3.61
N LEU B 115 -33.49 28.62 -3.76
CA LEU B 115 -34.69 29.00 -3.01
C LEU B 115 -34.43 28.78 -1.51
N PRO B 116 -34.59 29.90 -0.83
CA PRO B 116 -34.54 29.97 0.62
C PRO B 116 -35.33 28.88 1.31
N GLU B 117 -36.57 28.66 0.89
CA GLU B 117 -37.39 27.54 1.43
C GLU B 117 -36.59 26.25 1.48
N TYR B 118 -36.02 25.86 0.35
CA TYR B 118 -35.27 24.65 0.12
C TYR B 118 -34.06 24.50 1.05
N LEU B 119 -33.17 25.46 0.99
CA LEU B 119 -31.91 25.47 1.75
C LEU B 119 -32.20 25.27 3.24
N GLN B 120 -33.21 26.02 3.68
CA GLN B 120 -33.52 26.03 5.15
C GLN B 120 -33.83 24.56 5.49
N CYS B 121 -34.71 24.04 4.65
CA CYS B 121 -35.29 22.73 4.86
C CYS B 121 -34.35 21.55 4.64
N VAL B 122 -33.50 21.60 3.64
CA VAL B 122 -32.46 20.56 3.48
C VAL B 122 -31.53 20.57 4.70
N LYS B 123 -31.03 21.76 5.04
CA LYS B 123 -30.22 21.94 6.28
C LYS B 123 -30.79 21.14 7.44
N GLU B 124 -32.05 21.35 7.72
CA GLU B 124 -32.77 20.79 8.84
C GLU B 124 -33.11 19.33 8.70
N LEU B 125 -32.94 18.71 7.54
CA LEU B 125 -33.36 17.28 7.43
C LEU B 125 -32.20 16.39 6.99
N TYR B 126 -31.23 17.01 6.34
CA TYR B 126 -30.17 16.30 5.60
C TYR B 126 -28.83 16.98 5.86
N ARG B 127 -28.00 16.25 6.57
CA ARG B 127 -26.54 16.49 6.64
C ARG B 127 -25.91 16.53 5.24
N GLY B 128 -25.16 17.60 4.99
CA GLY B 128 -24.42 17.68 3.68
C GLY B 128 -25.24 18.66 2.82
N GLY B 129 -26.44 18.23 2.48
CA GLY B 129 -27.37 19.03 1.75
C GLY B 129 -26.70 19.59 0.46
N LEU B 130 -26.74 20.91 0.41
CA LEU B 130 -26.49 21.56 -0.91
C LEU B 130 -25.38 22.56 -0.72
N GLU B 131 -24.41 22.56 -1.62
CA GLU B 131 -23.21 23.35 -1.57
C GLU B 131 -22.94 23.99 -2.94
N PRO B 132 -22.95 25.31 -2.95
CA PRO B 132 -22.61 26.08 -4.18
C PRO B 132 -21.13 25.97 -4.44
N ILE B 133 -20.83 25.98 -5.72
CA ILE B 133 -19.48 25.84 -6.25
C ILE B 133 -19.42 26.41 -7.66
N ASN B 134 -18.21 26.78 -8.03
CA ASN B 134 -17.88 27.33 -9.32
C ASN B 134 -17.45 26.24 -10.28
N PHE B 135 -18.37 25.86 -11.16
CA PHE B 135 -18.08 24.97 -12.29
C PHE B 135 -17.79 25.80 -13.56
N GLN B 136 -18.55 26.89 -13.64
CA GLN B 136 -18.52 27.64 -14.94
C GLN B 136 -17.14 28.08 -15.36
N THR B 137 -16.35 28.62 -14.42
CA THR B 137 -14.99 29.04 -14.90
C THR B 137 -13.89 28.29 -14.26
N ALA B 138 -14.23 27.40 -13.31
CA ALA B 138 -13.09 26.67 -12.65
C ALA B 138 -13.44 25.20 -12.42
N ALA B 139 -13.90 24.47 -13.39
CA ALA B 139 -14.40 23.09 -13.18
C ALA B 139 -13.31 22.19 -12.68
N ASP B 140 -12.04 22.39 -13.04
CA ASP B 140 -10.96 21.49 -12.56
C ASP B 140 -10.73 21.68 -11.06
N GLN B 141 -10.83 22.92 -10.66
CA GLN B 141 -10.68 23.26 -9.24
C GLN B 141 -11.86 22.67 -8.44
N ALA B 142 -13.03 22.80 -8.97
CA ALA B 142 -14.30 22.34 -8.35
C ALA B 142 -14.17 20.82 -8.15
N ARG B 143 -13.60 20.15 -9.13
CA ARG B 143 -13.42 18.69 -9.05
C ARG B 143 -12.53 18.31 -7.88
N GLU B 144 -11.39 18.99 -7.78
CA GLU B 144 -10.53 18.85 -6.59
C GLU B 144 -11.25 19.08 -5.31
N LEU B 145 -11.99 20.18 -5.16
CA LEU B 145 -12.69 20.42 -3.91
C LEU B 145 -13.73 19.33 -3.55
N ILE B 146 -14.56 18.89 -4.43
CA ILE B 146 -15.44 17.73 -4.30
C ILE B 146 -14.69 16.45 -3.92
N ASN B 147 -13.64 16.08 -4.59
CA ASN B 147 -12.94 14.81 -4.24
C ASN B 147 -12.31 14.99 -2.86
N SER B 148 -11.80 16.18 -2.57
CA SER B 148 -11.19 16.45 -1.25
C SER B 148 -12.23 16.41 -0.15
N TRP B 149 -13.45 16.81 -0.38
CA TRP B 149 -14.49 16.78 0.66
C TRP B 149 -14.83 15.31 1.02
N VAL B 150 -15.13 14.47 0.07
CA VAL B 150 -15.38 13.04 0.29
C VAL B 150 -14.20 12.40 1.00
N GLU B 151 -13.02 12.67 0.49
CA GLU B 151 -11.81 12.03 1.06
C GLU B 151 -11.67 12.48 2.50
N SER B 152 -11.91 13.74 2.79
CA SER B 152 -11.72 14.30 4.13
C SER B 152 -12.71 13.65 5.08
N GLN B 153 -13.94 13.52 4.63
CA GLN B 153 -15.09 13.13 5.41
C GLN B 153 -15.07 11.60 5.59
N THR B 154 -14.34 10.86 4.79
CA THR B 154 -14.33 9.38 4.91
C THR B 154 -13.02 8.93 5.53
N ASN B 155 -12.35 9.82 6.25
CA ASN B 155 -11.03 9.56 6.84
C ASN B 155 -10.11 8.96 5.82
N GLY B 156 -10.24 9.44 4.60
CA GLY B 156 -9.22 9.11 3.59
C GLY B 156 -9.57 7.84 2.89
N ILE B 157 -10.79 7.35 3.12
CA ILE B 157 -11.01 5.95 2.60
C ILE B 157 -11.52 5.99 1.20
N ILE B 158 -12.46 6.86 0.93
CA ILE B 158 -12.93 6.98 -0.51
C ILE B 158 -12.26 8.18 -1.16
N ARG B 159 -11.48 7.89 -2.17
CA ARG B 159 -10.61 8.88 -2.85
C ARG B 159 -11.11 9.01 -4.27
N ASN B 160 -10.93 10.18 -4.86
CA ASN B 160 -11.10 10.30 -6.32
C ASN B 160 -12.49 9.98 -6.85
N VAL B 161 -13.52 10.47 -6.18
CA VAL B 161 -14.91 10.16 -6.57
C VAL B 161 -15.19 10.62 -7.99
N LEU B 162 -14.65 11.74 -8.47
CA LEU B 162 -14.89 12.20 -9.84
C LEU B 162 -13.56 12.18 -10.60
N GLN B 163 -13.63 11.62 -11.79
CA GLN B 163 -12.38 11.49 -12.61
C GLN B 163 -12.31 12.70 -13.53
N PRO B 164 -11.10 12.91 -14.02
CA PRO B 164 -10.85 14.00 -14.97
C PRO B 164 -11.88 13.92 -16.11
N SER B 165 -12.42 15.04 -16.41
CA SER B 165 -13.36 15.46 -17.40
C SER B 165 -14.80 15.10 -17.12
N SER B 166 -15.10 14.79 -15.87
CA SER B 166 -16.48 14.42 -15.49
C SER B 166 -17.28 15.68 -15.20
N VAL B 167 -16.52 16.77 -15.07
CA VAL B 167 -17.10 18.09 -14.73
C VAL B 167 -16.51 19.13 -15.70
N ASP B 168 -17.28 20.09 -16.10
CA ASP B 168 -16.89 21.12 -17.03
C ASP B 168 -17.74 22.35 -16.81
N SER B 169 -17.51 23.28 -17.74
CA SER B 169 -18.12 24.62 -17.52
C SER B 169 -19.60 24.52 -17.72
N GLN B 170 -20.02 23.43 -18.36
CA GLN B 170 -21.46 23.12 -18.47
C GLN B 170 -22.09 22.31 -17.35
N THR B 171 -21.35 21.89 -16.33
CA THR B 171 -21.98 21.13 -15.19
C THR B 171 -22.93 22.02 -14.44
N ALA B 172 -24.10 21.46 -14.14
CA ALA B 172 -25.09 22.18 -13.32
C ALA B 172 -25.07 21.80 -11.85
N MET B 173 -25.36 20.54 -11.61
CA MET B 173 -25.45 19.92 -10.25
C MET B 173 -24.76 18.54 -10.29
N VAL B 174 -23.98 18.25 -9.27
CA VAL B 174 -23.36 16.91 -9.07
C VAL B 174 -23.90 16.38 -7.70
N LEU B 175 -24.34 15.13 -7.82
CA LEU B 175 -24.76 14.35 -6.63
C LEU B 175 -23.68 13.37 -6.26
N VAL B 176 -23.36 13.40 -4.95
CA VAL B 176 -22.17 12.65 -4.48
C VAL B 176 -22.70 11.91 -3.24
N ASN B 177 -22.51 10.62 -3.20
CA ASN B 177 -23.26 9.83 -2.11
C ASN B 177 -22.27 8.72 -1.76
N ALA B 178 -21.49 8.97 -0.71
CA ALA B 178 -20.42 8.03 -0.30
C ALA B 178 -20.65 7.53 1.13
N ILE B 179 -20.30 6.25 1.32
CA ILE B 179 -20.58 5.72 2.72
C ILE B 179 -19.51 4.74 3.08
N VAL B 180 -19.11 4.73 4.35
CA VAL B 180 -18.13 3.81 4.91
C VAL B 180 -18.84 3.15 6.15
N PHE B 181 -18.64 1.86 6.21
CA PHE B 181 -19.22 1.09 7.37
C PHE B 181 -18.14 0.19 7.91
N LYS B 182 -18.15 0.13 9.24
CA LYS B 182 -17.35 -0.85 10.01
C LYS B 182 -18.15 -1.19 11.29
N GLY B 183 -18.25 -2.47 11.54
CA GLY B 183 -19.11 -2.86 12.77
C GLY B 183 -18.39 -4.04 13.38
N LEU B 184 -18.60 -4.19 14.68
CA LEU B 184 -18.16 -5.37 15.45
C LEU B 184 -19.27 -6.45 15.43
N TRP B 185 -18.80 -7.67 15.28
CA TRP B 185 -19.68 -8.85 15.48
C TRP B 185 -20.06 -8.93 16.94
N GLU B 186 -21.23 -9.52 17.19
CA GLU B 186 -21.51 -9.98 18.56
C GLU B 186 -20.47 -10.99 18.98
N LYS B 187 -20.27 -11.99 18.10
CA LYS B 187 -19.29 -13.04 18.38
C LYS B 187 -18.06 -12.93 17.50
N ALA B 188 -16.93 -12.63 18.17
CA ALA B 188 -15.68 -12.36 17.41
C ALA B 188 -15.17 -13.67 16.84
N PHE B 189 -14.58 -13.63 15.66
CA PHE B 189 -13.65 -14.66 15.20
C PHE B 189 -12.27 -14.40 15.83
N LYS B 190 -11.54 -15.47 16.08
CA LYS B 190 -10.17 -15.33 16.59
C LYS B 190 -9.20 -15.17 15.40
N ASP B 191 -8.28 -14.20 15.58
CA ASP B 191 -7.21 -13.98 14.59
C ASP B 191 -6.48 -15.26 14.29
N GLU B 192 -6.18 -16.01 15.40
CA GLU B 192 -5.34 -17.19 15.19
C GLU B 192 -6.04 -18.23 14.35
N ASP B 193 -7.36 -18.23 14.34
CA ASP B 193 -8.09 -19.16 13.45
C ASP B 193 -8.21 -18.80 11.99
N THR B 194 -7.82 -17.61 11.60
CA THR B 194 -7.91 -17.25 10.16
C THR B 194 -6.67 -17.79 9.44
N GLN B 195 -6.88 -18.44 8.34
CA GLN B 195 -5.80 -18.93 7.47
C GLN B 195 -6.29 -18.99 6.02
N ALA B 196 -5.30 -19.12 5.15
CA ALA B 196 -5.58 -19.13 3.68
C ALA B 196 -6.44 -20.36 3.41
N MET B 197 -7.49 -20.26 2.68
CA MET B 197 -8.22 -21.40 2.10
C MET B 197 -8.57 -21.01 0.66
N PRO B 198 -8.77 -22.03 -0.14
CA PRO B 198 -9.14 -21.79 -1.56
C PRO B 198 -10.58 -21.29 -1.60
N PHE B 199 -10.78 -20.20 -2.32
CA PHE B 199 -12.13 -19.69 -2.64
C PHE B 199 -12.35 -20.06 -4.12
N ARG B 200 -13.34 -20.91 -4.38
CA ARG B 200 -13.68 -21.32 -5.74
C ARG B 200 -14.48 -20.24 -6.48
N VAL B 201 -13.74 -19.48 -7.26
CA VAL B 201 -14.30 -18.29 -8.00
C VAL B 201 -15.21 -18.96 -9.04
N THR B 202 -14.58 -19.84 -9.80
CA THR B 202 -15.22 -20.91 -10.56
C THR B 202 -14.63 -22.26 -10.14
N GLU B 203 -15.17 -23.31 -10.77
CA GLU B 203 -14.78 -24.68 -10.40
C GLU B 203 -13.46 -25.08 -11.06
N GLN B 204 -12.92 -24.20 -11.89
CA GLN B 204 -11.57 -24.33 -12.46
C GLN B 204 -10.58 -23.33 -11.85
N GLU B 205 -11.06 -22.22 -11.34
CA GLU B 205 -10.23 -21.16 -10.81
C GLU B 205 -10.43 -21.03 -9.29
N SER B 206 -9.31 -21.17 -8.60
CA SER B 206 -9.31 -21.02 -7.11
C SER B 206 -8.67 -19.68 -6.83
N LYS B 207 -8.92 -19.21 -5.65
CA LYS B 207 -8.12 -18.08 -5.13
C LYS B 207 -7.96 -18.17 -3.61
N PRO B 208 -6.71 -18.25 -3.16
CA PRO B 208 -6.29 -17.93 -1.80
C PRO B 208 -6.97 -16.71 -1.23
N VAL B 209 -7.78 -16.96 -0.20
CA VAL B 209 -8.33 -15.90 0.64
C VAL B 209 -8.08 -16.29 2.13
N GLN B 210 -8.06 -15.26 2.90
CA GLN B 210 -8.03 -15.30 4.38
C GLN B 210 -9.45 -15.63 4.84
N MET B 211 -9.57 -16.90 5.18
CA MET B 211 -10.86 -17.49 5.63
C MET B 211 -10.97 -17.46 7.15
N MET B 212 -12.03 -16.82 7.65
CA MET B 212 -12.22 -16.69 9.09
C MET B 212 -13.03 -17.95 9.50
N TYR B 213 -12.88 -18.33 10.75
CA TYR B 213 -13.46 -19.59 11.26
C TYR B 213 -13.96 -19.37 12.69
N GLN B 214 -15.11 -19.87 12.98
CA GLN B 214 -15.55 -19.98 14.39
C GLN B 214 -16.66 -21.03 14.42
N ILE B 215 -16.86 -21.60 15.60
CA ILE B 215 -18.06 -22.35 15.97
C ILE B 215 -18.90 -21.49 16.90
N GLY B 216 -20.17 -21.37 16.57
CA GLY B 216 -21.07 -20.71 17.53
C GLY B 216 -22.51 -21.10 17.16
N LEU B 217 -23.41 -20.51 17.93
CA LEU B 217 -24.85 -20.63 17.86
C LEU B 217 -25.40 -19.51 16.98
N PHE B 218 -25.97 -19.90 15.85
CA PHE B 218 -26.44 -18.84 14.90
C PHE B 218 -27.74 -19.33 14.30
N ARG B 219 -28.58 -18.38 13.92
CA ARG B 219 -29.73 -18.67 13.10
C ARG B 219 -29.31 -19.06 11.71
N VAL B 220 -29.84 -20.23 11.31
CA VAL B 220 -29.48 -20.79 9.99
C VAL B 220 -30.73 -21.40 9.38
N ALA B 221 -30.78 -21.28 8.07
CA ALA B 221 -31.88 -21.89 7.30
C ALA B 221 -31.29 -22.67 6.13
N SER B 222 -31.72 -23.92 6.06
CA SER B 222 -31.26 -24.73 4.90
C SER B 222 -32.47 -24.97 4.01
N MET B 223 -32.36 -24.48 2.79
CA MET B 223 -33.47 -24.50 1.82
C MET B 223 -33.25 -25.46 0.64
N ALA B 224 -33.61 -26.71 0.89
CA ALA B 224 -33.34 -27.83 -0.02
C ALA B 224 -33.96 -27.56 -1.38
N SER B 225 -35.21 -27.14 -1.29
CA SER B 225 -36.00 -26.70 -2.46
C SER B 225 -35.10 -25.81 -3.29
N GLU B 226 -34.58 -24.79 -2.59
CA GLU B 226 -33.82 -23.74 -3.29
C GLU B 226 -32.39 -24.10 -3.55
N LYS B 227 -31.93 -25.18 -2.93
CA LYS B 227 -30.53 -25.54 -3.03
C LYS B 227 -29.63 -24.39 -2.57
N MET B 228 -29.98 -23.83 -1.43
CA MET B 228 -29.15 -22.86 -0.70
C MET B 228 -29.29 -22.98 0.82
N LYS B 229 -28.36 -22.45 1.59
CA LYS B 229 -28.46 -22.12 3.01
C LYS B 229 -28.30 -20.60 3.31
N ILE B 230 -28.98 -20.18 4.35
CA ILE B 230 -28.93 -18.79 4.85
C ILE B 230 -28.37 -18.85 6.28
N LEU B 231 -27.37 -18.00 6.45
CA LEU B 231 -26.79 -17.79 7.80
C LEU B 231 -27.05 -16.33 8.20
N GLU B 232 -27.42 -16.15 9.44
CA GLU B 232 -27.50 -14.82 10.03
C GLU B 232 -26.41 -14.60 11.06
N LEU B 233 -25.63 -13.54 10.88
CA LEU B 233 -24.56 -13.14 11.84
C LEU B 233 -24.92 -11.79 12.45
N PRO B 234 -25.40 -11.74 13.66
CA PRO B 234 -25.65 -10.49 14.34
C PRO B 234 -24.33 -9.72 14.58
N PHE B 235 -24.46 -8.42 14.48
CA PHE B 235 -23.48 -7.43 14.97
C PHE B 235 -23.78 -7.16 16.43
N ALA B 236 -22.81 -6.59 17.10
CA ALA B 236 -22.91 -6.43 18.58
C ALA B 236 -24.07 -5.49 18.87
N SER B 237 -24.79 -5.81 19.91
CA SER B 237 -25.90 -5.03 20.44
C SER B 237 -27.21 -5.08 19.66
N GLY B 238 -27.37 -6.13 18.92
CA GLY B 238 -28.33 -6.53 17.94
C GLY B 238 -29.25 -5.45 17.41
N THR B 239 -28.68 -4.46 16.73
CA THR B 239 -29.52 -3.61 15.86
C THR B 239 -29.37 -3.99 14.41
N MET B 240 -28.32 -4.78 14.08
CA MET B 240 -28.12 -5.09 12.61
C MET B 240 -27.59 -6.51 12.52
N SER B 241 -27.85 -7.21 11.44
CA SER B 241 -27.26 -8.56 11.20
C SER B 241 -26.82 -8.58 9.74
N MET B 242 -25.89 -9.46 9.42
CA MET B 242 -25.63 -9.78 7.97
C MET B 242 -26.29 -11.15 7.69
N LEU B 243 -27.03 -11.25 6.64
CA LEU B 243 -27.54 -12.49 6.03
C LEU B 243 -26.57 -12.97 4.99
N VAL B 244 -26.10 -14.22 5.07
CA VAL B 244 -25.28 -14.79 3.96
C VAL B 244 -26.17 -15.81 3.24
N LEU B 245 -26.26 -15.63 1.94
CA LEU B 245 -27.10 -16.52 1.11
C LEU B 245 -26.17 -17.31 0.20
N LEU B 246 -25.97 -18.57 0.55
CA LEU B 246 -24.92 -19.38 -0.08
C LEU B 246 -25.58 -20.52 -0.87
N PRO B 247 -25.49 -20.47 -2.16
CA PRO B 247 -25.98 -21.57 -3.03
C PRO B 247 -25.23 -22.85 -2.66
N ASP B 248 -25.91 -23.98 -2.64
CA ASP B 248 -25.25 -25.31 -2.64
C ASP B 248 -24.11 -25.47 -3.63
N GLU B 249 -24.37 -25.17 -4.89
CA GLU B 249 -23.45 -25.59 -5.99
C GLU B 249 -22.58 -24.41 -6.32
N VAL B 250 -21.33 -24.65 -6.64
CA VAL B 250 -20.37 -23.56 -6.92
C VAL B 250 -20.92 -22.53 -7.87
N SER B 251 -21.82 -22.98 -8.74
CA SER B 251 -22.32 -22.22 -9.87
C SER B 251 -23.81 -21.97 -9.77
N GLY B 252 -24.30 -22.03 -8.54
CA GLY B 252 -25.78 -21.97 -8.40
C GLY B 252 -26.21 -20.52 -8.18
N LEU B 253 -25.24 -19.64 -8.28
CA LEU B 253 -25.54 -18.20 -7.96
C LEU B 253 -26.48 -17.63 -9.01
N GLU B 254 -26.36 -18.09 -10.26
CA GLU B 254 -27.16 -17.51 -11.34
C GLU B 254 -28.65 -17.68 -11.08
N GLN B 255 -29.03 -18.88 -10.69
CA GLN B 255 -30.49 -19.17 -10.49
C GLN B 255 -31.03 -18.36 -9.35
N LEU B 256 -30.16 -18.25 -8.31
CA LEU B 256 -30.60 -17.51 -7.10
C LEU B 256 -30.84 -16.04 -7.38
N GLU B 257 -29.88 -15.43 -8.10
CA GLU B 257 -30.02 -14.00 -8.43
C GLU B 257 -31.18 -13.70 -9.36
N SER B 258 -31.51 -14.69 -10.20
CA SER B 258 -32.76 -14.71 -10.97
C SER B 258 -34.04 -14.67 -10.16
N ILE B 259 -34.08 -15.35 -9.03
CA ILE B 259 -35.31 -15.54 -8.25
C ILE B 259 -35.50 -14.53 -7.12
N ILE B 260 -34.39 -13.99 -6.59
CA ILE B 260 -34.47 -13.31 -5.29
C ILE B 260 -35.25 -12.01 -5.46
N ASN B 261 -36.01 -11.66 -4.44
CA ASN B 261 -36.75 -10.36 -4.43
C ASN B 261 -37.27 -10.26 -3.00
N PHE B 262 -37.95 -9.16 -2.77
CA PHE B 262 -38.44 -8.88 -1.41
C PHE B 262 -39.21 -10.07 -0.80
N GLU B 263 -40.19 -10.51 -1.56
CA GLU B 263 -41.13 -11.55 -1.15
C GLU B 263 -40.34 -12.78 -0.70
N LYS B 264 -39.46 -13.20 -1.62
CA LYS B 264 -38.60 -14.35 -1.35
C LYS B 264 -37.75 -14.18 -0.10
N LEU B 265 -37.14 -12.99 0.03
CA LEU B 265 -36.17 -12.86 1.13
C LEU B 265 -36.91 -13.00 2.46
N THR B 266 -38.10 -12.43 2.49
CA THR B 266 -38.91 -12.41 3.71
C THR B 266 -39.30 -13.82 4.17
N GLU B 267 -39.73 -14.59 3.20
CA GLU B 267 -39.99 -16.02 3.32
C GLU B 267 -38.73 -16.69 3.87
N TRP B 268 -37.65 -16.65 3.09
CA TRP B 268 -36.43 -17.42 3.49
C TRP B 268 -35.86 -17.13 4.87
N THR B 269 -36.27 -16.06 5.50
CA THR B 269 -35.72 -15.58 6.74
C THR B 269 -36.75 -15.39 7.83
N SER B 270 -37.93 -15.97 7.59
CA SER B 270 -38.96 -16.05 8.66
C SER B 270 -38.42 -16.94 9.79
N SER B 271 -39.03 -16.77 10.93
CA SER B 271 -38.68 -17.44 12.18
C SER B 271 -39.26 -18.84 12.29
N ASN B 272 -40.27 -19.13 11.51
CA ASN B 272 -40.65 -20.53 11.20
C ASN B 272 -39.37 -21.27 10.81
N VAL B 273 -38.89 -20.88 9.68
CA VAL B 273 -37.84 -21.33 8.80
C VAL B 273 -36.41 -21.29 9.33
N MET B 274 -36.02 -20.26 10.05
CA MET B 274 -34.64 -20.15 10.56
C MET B 274 -34.59 -20.79 11.95
N GLU B 275 -33.48 -21.46 12.20
CA GLU B 275 -33.35 -22.10 13.53
C GLU B 275 -31.94 -21.91 14.04
N GLU B 276 -31.79 -21.68 15.32
CA GLU B 276 -30.49 -21.53 15.96
C GLU B 276 -29.83 -22.89 16.16
N ARG B 277 -28.71 -23.09 15.55
CA ARG B 277 -27.97 -24.39 15.71
C ARG B 277 -26.56 -24.00 16.06
N LYS B 278 -25.81 -24.91 16.68
CA LYS B 278 -24.33 -24.70 16.72
C LYS B 278 -23.72 -25.11 15.41
N ILE B 279 -22.87 -24.28 14.83
CA ILE B 279 -22.42 -24.58 13.41
C ILE B 279 -20.99 -24.09 13.27
N LYS B 280 -20.18 -24.74 12.48
CA LYS B 280 -18.85 -24.24 12.12
C LYS B 280 -19.04 -23.17 10.98
N VAL B 281 -18.52 -22.00 11.14
CA VAL B 281 -18.74 -20.90 10.10
C VAL B 281 -17.36 -20.67 9.50
N TYR B 282 -17.30 -20.76 8.18
CA TYR B 282 -16.08 -20.24 7.49
C TYR B 282 -16.55 -19.01 6.66
N LEU B 283 -15.97 -17.85 6.86
CA LEU B 283 -16.37 -16.63 6.06
C LEU B 283 -15.08 -15.85 5.76
N PRO B 284 -15.02 -15.42 4.50
CA PRO B 284 -13.79 -14.75 4.04
C PRO B 284 -13.69 -13.41 4.74
N ARG B 285 -12.48 -13.01 5.11
CA ARG B 285 -12.29 -11.54 5.37
C ARG B 285 -12.61 -10.79 4.04
N MET B 286 -13.38 -9.74 4.11
CA MET B 286 -13.85 -9.03 2.88
C MET B 286 -13.52 -7.52 3.03
N LYS B 287 -12.99 -6.95 1.98
CA LYS B 287 -12.88 -5.51 1.81
C LYS B 287 -13.72 -5.17 0.56
N MET B 288 -14.89 -4.63 0.84
CA MET B 288 -15.83 -4.38 -0.31
C MET B 288 -15.72 -2.88 -0.61
N GLU B 289 -15.49 -2.53 -1.85
CA GLU B 289 -15.60 -1.12 -2.27
C GLU B 289 -15.88 -1.08 -3.77
N GLU B 290 -16.96 -0.38 -3.99
CA GLU B 290 -17.41 -0.23 -5.39
C GLU B 290 -17.86 1.19 -5.59
N LYS B 291 -17.74 1.66 -6.84
CA LYS B 291 -18.35 2.97 -7.17
C LYS B 291 -19.25 2.74 -8.39
N TYR B 292 -20.35 3.49 -8.45
CA TYR B 292 -21.27 3.35 -9.56
C TYR B 292 -21.61 4.76 -10.09
N ASN B 293 -21.73 4.78 -11.38
CA ASN B 293 -22.54 5.81 -12.08
C ASN B 293 -24.01 5.63 -11.92
N LEU B 294 -24.55 6.45 -11.03
CA LEU B 294 -25.94 6.40 -10.65
C LEU B 294 -26.76 6.82 -11.89
N THR B 295 -26.13 7.61 -12.76
CA THR B 295 -27.00 8.13 -13.87
C THR B 295 -27.49 6.97 -14.72
N SER B 296 -26.56 6.07 -15.08
CA SER B 296 -26.97 5.00 -16.00
C SER B 296 -27.97 4.04 -15.36
N VAL B 297 -27.76 3.85 -14.08
CA VAL B 297 -28.63 2.98 -13.27
C VAL B 297 -30.05 3.51 -13.26
N LEU B 298 -30.19 4.75 -12.83
CA LEU B 298 -31.43 5.38 -12.56
C LEU B 298 -32.25 5.54 -13.86
N MET B 299 -31.53 5.93 -14.87
CA MET B 299 -32.14 6.10 -16.17
C MET B 299 -32.78 4.79 -16.65
N ALA B 300 -32.07 3.70 -16.56
CA ALA B 300 -32.64 2.37 -16.94
C ALA B 300 -33.85 1.96 -16.12
N MET B 301 -33.91 2.35 -14.86
CA MET B 301 -35.04 2.12 -13.98
C MET B 301 -36.22 3.03 -14.24
N GLY B 302 -36.06 4.07 -15.03
CA GLY B 302 -37.09 5.02 -15.39
C GLY B 302 -37.01 6.45 -14.94
N ILE B 303 -35.93 6.87 -14.32
CA ILE B 303 -35.69 8.26 -13.90
C ILE B 303 -34.81 8.92 -14.95
N THR B 304 -35.47 9.70 -15.82
CA THR B 304 -34.78 10.32 -16.95
C THR B 304 -34.82 11.83 -16.90
N ASP B 305 -35.93 12.36 -16.39
CA ASP B 305 -36.17 13.81 -16.49
C ASP B 305 -35.08 14.61 -15.81
N VAL B 306 -34.72 14.23 -14.61
CA VAL B 306 -33.79 14.95 -13.71
C VAL B 306 -32.39 15.12 -14.29
N PHE B 307 -32.02 14.34 -15.29
CA PHE B 307 -30.70 14.26 -15.89
C PHE B 307 -30.68 15.03 -17.20
N SER B 308 -31.84 15.64 -17.44
CA SER B 308 -32.07 16.12 -18.81
C SER B 308 -32.50 17.58 -18.77
N SER B 309 -32.43 18.12 -19.98
CA SER B 309 -32.99 19.39 -20.43
C SER B 309 -34.38 19.62 -19.85
N SER B 310 -35.13 18.51 -19.77
CA SER B 310 -36.53 18.62 -19.35
C SER B 310 -36.66 18.64 -17.84
N ALA B 311 -35.51 18.63 -17.15
CA ALA B 311 -35.65 18.48 -15.67
C ALA B 311 -36.55 19.58 -15.12
N ASN B 312 -37.41 19.31 -14.16
CA ASN B 312 -38.12 20.36 -13.42
C ASN B 312 -37.74 20.36 -11.94
N LEU B 313 -36.77 21.20 -11.59
CA LEU B 313 -36.30 21.24 -10.17
C LEU B 313 -36.61 22.61 -9.59
N SER B 314 -37.82 23.05 -9.92
CA SER B 314 -38.11 24.48 -9.67
C SER B 314 -38.30 24.72 -8.18
N GLY B 315 -38.38 23.67 -7.38
CA GLY B 315 -38.43 23.79 -5.90
C GLY B 315 -37.06 24.13 -5.29
N ILE B 316 -36.01 23.89 -6.05
CA ILE B 316 -34.63 24.19 -5.65
C ILE B 316 -34.22 25.59 -6.13
N SER B 317 -34.51 25.86 -7.38
CA SER B 317 -33.99 27.09 -8.04
C SER B 317 -34.97 27.50 -9.12
N SER B 318 -34.95 28.79 -9.40
CA SER B 318 -35.71 29.38 -10.51
C SER B 318 -35.01 29.22 -11.86
N ALA B 319 -33.69 29.20 -11.82
CA ALA B 319 -32.90 28.99 -13.05
C ALA B 319 -33.44 27.78 -13.79
N GLU B 320 -33.58 27.93 -15.11
CA GLU B 320 -34.18 26.83 -15.89
C GLU B 320 -33.17 25.83 -16.39
N SER B 321 -31.88 26.09 -16.29
CA SER B 321 -30.96 24.99 -16.75
C SER B 321 -30.60 24.00 -15.65
N LEU B 322 -31.23 24.00 -14.51
CA LEU B 322 -30.82 23.13 -13.36
C LEU B 322 -31.17 21.69 -13.68
N LYS B 323 -30.15 20.85 -13.75
CA LYS B 323 -30.31 19.40 -13.92
C LYS B 323 -29.21 18.66 -13.14
N ILE B 324 -29.38 17.36 -12.94
CA ILE B 324 -28.22 16.64 -12.33
C ILE B 324 -27.33 16.23 -13.48
N SER B 325 -26.11 16.74 -13.48
CA SER B 325 -25.12 16.33 -14.52
C SER B 325 -24.31 15.07 -14.27
N GLN B 326 -24.10 14.67 -13.03
CA GLN B 326 -23.28 13.54 -12.61
C GLN B 326 -23.87 13.10 -11.24
N ALA B 327 -23.93 11.78 -11.07
CA ALA B 327 -24.48 11.21 -9.79
C ALA B 327 -23.66 9.97 -9.47
N VAL B 328 -22.88 10.01 -8.36
CA VAL B 328 -21.97 8.84 -8.14
C VAL B 328 -22.31 8.30 -6.73
N HIS B 329 -22.35 6.96 -6.66
CA HIS B 329 -22.54 6.29 -5.30
C HIS B 329 -21.27 5.51 -5.08
N ALA B 330 -20.78 5.62 -3.79
CA ALA B 330 -19.58 4.83 -3.48
C ALA B 330 -19.80 4.29 -2.11
N ALA B 331 -19.41 2.98 -2.02
CA ALA B 331 -19.67 2.30 -0.70
C ALA B 331 -18.43 1.52 -0.32
N HIS B 332 -18.08 1.58 0.99
CA HIS B 332 -16.85 0.85 1.40
C HIS B 332 -17.25 0.16 2.74
N ALA B 333 -16.94 -1.13 2.76
CA ALA B 333 -17.12 -1.90 4.05
C ALA B 333 -16.01 -2.94 4.18
N GLU B 334 -15.44 -2.98 5.41
CA GLU B 334 -14.46 -4.02 5.72
C GLU B 334 -15.10 -5.03 6.69
N ILE B 335 -15.09 -6.27 6.30
CA ILE B 335 -15.66 -7.40 7.12
C ILE B 335 -14.51 -8.25 7.61
N ASN B 336 -14.26 -8.23 8.89
CA ASN B 336 -13.13 -9.01 9.45
C ASN B 336 -13.58 -9.59 10.81
N GLU B 337 -12.57 -10.03 11.55
CA GLU B 337 -12.84 -10.88 12.71
C GLU B 337 -13.37 -10.10 13.92
N ALA B 338 -13.28 -8.77 13.92
CA ALA B 338 -13.45 -8.00 15.17
C ALA B 338 -14.85 -8.23 15.76
N GLY B 339 -14.82 -8.58 17.07
CA GLY B 339 -16.20 -8.65 17.68
C GLY B 339 -15.99 -8.40 19.19
N ARG B 340 -17.14 -8.41 19.87
CA ARG B 340 -17.26 -8.06 21.28
C ARG B 340 -16.86 -9.19 22.19
N GLU B 341 -17.31 -10.41 21.86
CA GLU B 341 -17.17 -11.56 22.78
C GLU B 341 -16.57 -12.70 21.96
N VAL B 342 -15.73 -13.45 22.63
CA VAL B 342 -15.11 -14.67 22.11
C VAL B 342 -15.47 -15.86 22.99
N VAL B 343 -15.56 -17.03 22.39
CA VAL B 343 -15.69 -18.28 23.19
C VAL B 343 -14.50 -18.55 24.09
N GLY B 344 -14.84 -18.96 25.30
CA GLY B 344 -13.99 -19.56 26.32
C GLY B 344 -13.42 -20.89 25.80
N SEP B 345 -12.25 -21.21 26.37
CA SEP B 345 -11.53 -22.44 26.00
CB SEP B 345 -10.13 -22.49 26.65
OG SEP B 345 -10.34 -22.41 28.12
C SEP B 345 -12.37 -23.69 26.35
O SEP B 345 -12.49 -24.63 25.56
P SEP B 345 -9.31 -22.06 29.22
O1P SEP B 345 -8.41 -23.23 29.02
O2P SEP B 345 -9.77 -22.07 30.60
O3P SEP B 345 -8.54 -20.79 29.03
N ALA B 346 -12.92 -23.64 27.57
CA ALA B 346 -13.77 -24.83 27.95
C ALA B 346 -14.85 -25.06 26.89
N GLU B 347 -15.60 -24.01 26.54
CA GLU B 347 -16.76 -24.16 25.66
C GLU B 347 -16.25 -24.62 24.29
N ALA B 348 -15.09 -24.09 23.95
CA ALA B 348 -14.51 -24.32 22.63
C ALA B 348 -14.23 -25.83 22.50
N GLY B 349 -13.83 -26.34 23.64
CA GLY B 349 -13.50 -27.78 23.77
C GLY B 349 -14.72 -28.63 23.48
N VAL B 350 -15.79 -28.33 24.23
CA VAL B 350 -17.09 -29.00 23.91
C VAL B 350 -17.52 -28.89 22.45
N ASP B 351 -17.57 -27.67 21.93
CA ASP B 351 -18.05 -27.43 20.55
C ASP B 351 -17.28 -28.30 19.59
N ALA B 352 -15.96 -28.31 19.81
CA ALA B 352 -15.13 -29.04 18.82
C ALA B 352 -15.46 -30.54 18.86
N ALA B 353 -15.92 -31.01 20.02
CA ALA B 353 -16.17 -32.46 20.18
C ALA B 353 -17.54 -32.80 19.61
N SER B 354 -18.44 -31.82 19.61
CA SER B 354 -19.85 -32.09 19.35
C SER B 354 -20.29 -31.61 17.96
N VAL B 355 -19.67 -30.53 17.50
CA VAL B 355 -20.34 -29.78 16.36
C VAL B 355 -19.85 -30.41 15.08
N SER B 356 -20.76 -30.81 14.23
CA SER B 356 -20.32 -31.43 12.97
C SER B 356 -20.74 -30.62 11.75
N GLU B 357 -21.83 -29.92 11.90
CA GLU B 357 -22.46 -29.25 10.69
C GLU B 357 -21.76 -27.93 10.40
N GLU B 358 -21.62 -27.49 9.16
CA GLU B 358 -20.86 -26.31 8.79
C GLU B 358 -21.57 -25.40 7.77
N PHE B 359 -21.14 -24.14 7.80
CA PHE B 359 -21.55 -23.18 6.72
C PHE B 359 -20.20 -22.62 6.24
N ARG B 360 -19.80 -23.09 5.09
CA ARG B 360 -18.48 -22.87 4.50
C ARG B 360 -18.60 -21.94 3.26
N ALA B 361 -18.38 -20.64 3.48
CA ALA B 361 -18.70 -19.62 2.46
C ALA B 361 -17.47 -19.52 1.54
N ASP B 362 -17.20 -20.61 0.80
CA ASP B 362 -15.96 -20.77 0.03
C ASP B 362 -16.23 -20.77 -1.49
N HIS B 363 -17.37 -20.27 -1.87
CA HIS B 363 -17.70 -19.97 -3.26
C HIS B 363 -18.71 -18.83 -3.24
N PRO B 364 -18.93 -18.19 -4.40
CA PRO B 364 -19.65 -16.91 -4.49
C PRO B 364 -21.01 -16.91 -3.85
N PHE B 365 -21.33 -15.84 -3.15
CA PHE B 365 -22.59 -15.76 -2.34
C PHE B 365 -23.11 -14.32 -2.40
N LEU B 366 -24.37 -14.15 -2.12
CA LEU B 366 -25.00 -12.85 -1.86
C LEU B 366 -25.01 -12.55 -0.37
N PHE B 367 -25.08 -11.26 -0.05
CA PHE B 367 -25.16 -10.95 1.40
C PHE B 367 -25.94 -9.66 1.52
N CYS B 368 -26.45 -9.52 2.74
CA CYS B 368 -27.34 -8.35 2.98
C CYS B 368 -27.01 -7.90 4.37
N ILE B 369 -26.95 -6.61 4.62
CA ILE B 369 -26.93 -6.17 6.06
C ILE B 369 -28.20 -5.45 6.34
N LYS B 370 -28.92 -5.93 7.36
CA LYS B 370 -30.26 -5.23 7.53
C LYS B 370 -30.29 -4.64 8.92
N HIS B 371 -31.22 -3.71 9.02
CA HIS B 371 -31.49 -3.03 10.31
C HIS B 371 -32.62 -3.81 11.00
N ILE B 372 -32.36 -4.23 12.21
CA ILE B 372 -33.25 -5.34 12.72
C ILE B 372 -34.67 -4.82 12.96
N ALA B 373 -34.82 -3.67 13.58
CA ALA B 373 -36.17 -3.20 13.94
C ALA B 373 -37.05 -2.80 12.80
N THR B 374 -36.54 -2.28 11.68
CA THR B 374 -37.49 -1.75 10.64
C THR B 374 -37.47 -2.73 9.49
N ASN B 375 -36.55 -3.70 9.61
CA ASN B 375 -36.24 -4.60 8.51
C ASN B 375 -35.69 -3.97 7.23
N ALA B 376 -35.11 -2.81 7.37
CA ALA B 376 -34.57 -2.03 6.21
C ALA B 376 -33.24 -2.61 5.77
N VAL B 377 -32.99 -2.65 4.46
CA VAL B 377 -31.66 -3.03 3.96
C VAL B 377 -30.70 -1.83 3.94
N LEU B 378 -29.62 -2.08 4.69
CA LEU B 378 -28.49 -1.12 4.78
C LEU B 378 -27.54 -1.35 3.63
N PHE B 379 -27.04 -2.54 3.46
CA PHE B 379 -26.15 -2.90 2.34
C PHE B 379 -26.59 -4.23 1.69
N PHE B 380 -26.25 -4.31 0.44
CA PHE B 380 -26.54 -5.51 -0.39
C PHE B 380 -25.32 -5.76 -1.24
N GLY B 381 -24.95 -7.01 -1.38
CA GLY B 381 -23.70 -7.35 -2.11
C GLY B 381 -23.76 -8.76 -2.74
N ARG B 382 -22.96 -8.93 -3.74
CA ARG B 382 -22.56 -10.19 -4.35
C ARG B 382 -21.06 -10.32 -4.12
N CYS B 383 -20.60 -11.40 -3.54
CA CYS B 383 -19.13 -11.64 -3.41
C CYS B 383 -18.71 -12.76 -4.33
N VAL B 384 -17.91 -12.43 -5.37
CA VAL B 384 -17.33 -13.47 -6.26
C VAL B 384 -15.82 -13.59 -6.04
N SER B 385 -15.25 -12.51 -5.51
CA SER B 385 -13.84 -12.35 -5.36
C SER B 385 -13.47 -11.68 -4.05
N PRO B 386 -13.22 -12.37 -2.94
CA PRO B 386 -13.07 -11.59 -1.68
C PRO B 386 -11.76 -10.78 -1.71
C ACE C 1 21.98 12.36 14.14
O ACE C 1 21.14 13.18 14.56
CH3 ACE C 1 23.17 12.79 13.32
N GLY C 2 21.89 11.05 14.41
CA GLY C 2 20.63 10.47 14.83
C GLY C 2 19.69 10.21 13.68
N SER C 3 20.24 10.03 12.48
CA SER C 3 19.43 9.90 11.26
C SER C 3 20.08 8.84 10.39
N ILE C 4 19.29 8.27 9.49
CA ILE C 4 19.90 7.26 8.58
C ILE C 4 20.94 7.92 7.66
N GLY C 5 20.73 9.20 7.35
CA GLY C 5 21.76 9.84 6.47
C GLY C 5 23.11 9.80 7.19
N ALA C 6 23.17 10.30 8.39
CA ALA C 6 24.46 10.42 9.10
C ALA C 6 25.03 9.05 9.41
N ALA C 7 24.11 8.15 9.80
CA ALA C 7 24.59 6.80 10.22
C ALA C 7 25.19 6.05 9.05
N SER C 8 24.50 6.10 7.88
CA SER C 8 25.03 5.40 6.70
C SER C 8 26.31 6.01 6.18
N MET C 9 26.53 7.31 6.34
CA MET C 9 27.80 7.96 5.92
C MET C 9 28.98 7.64 6.77
N GLU C 10 28.78 7.65 8.11
CA GLU C 10 29.89 7.29 9.03
C GLU C 10 30.29 5.85 8.91
N PHE C 11 29.24 5.01 8.86
CA PHE C 11 29.44 3.58 8.54
C PHE C 11 30.18 3.40 7.26
N CYS C 12 29.64 4.14 6.22
CA CYS C 12 30.31 4.15 4.91
C CYS C 12 31.80 4.51 5.01
N PHE C 13 32.15 5.59 5.76
CA PHE C 13 33.62 5.94 5.79
C PHE C 13 34.44 5.00 6.64
N ASP C 14 33.77 4.46 7.70
CA ASP C 14 34.58 3.43 8.46
C ASP C 14 34.91 2.27 7.59
N VAL C 15 33.90 1.79 6.80
CA VAL C 15 34.29 0.67 5.90
C VAL C 15 35.39 1.12 4.92
N PHE C 16 35.29 2.29 4.29
CA PHE C 16 36.29 2.71 3.28
C PHE C 16 37.72 2.74 3.78
N LYS C 17 37.87 3.28 5.01
CA LYS C 17 39.18 3.20 5.70
C LYS C 17 39.80 1.84 5.72
N GLU C 18 38.93 0.82 6.08
CA GLU C 18 39.49 -0.53 5.97
C GLU C 18 39.84 -1.01 4.61
N LEU C 19 38.90 -0.90 3.69
CA LEU C 19 39.09 -1.34 2.29
C LEU C 19 40.34 -0.71 1.69
N LYS C 20 40.54 0.57 2.01
CA LYS C 20 41.70 1.22 1.29
C LYS C 20 42.96 0.45 1.63
N VAL C 21 43.05 -0.22 2.78
CA VAL C 21 44.33 -0.78 3.28
C VAL C 21 44.71 -1.97 2.39
N HIS C 22 43.68 -2.73 2.14
CA HIS C 22 43.80 -4.03 1.50
C HIS C 22 43.60 -3.99 0.00
N HIS C 23 43.26 -2.85 -0.55
CA HIS C 23 42.82 -2.82 -1.99
C HIS C 23 43.48 -1.61 -2.61
N ALA C 24 44.79 -1.53 -2.39
CA ALA C 24 45.54 -0.44 -3.05
C ALA C 24 45.45 -0.58 -4.58
N ASN C 25 45.14 0.52 -5.22
CA ASN C 25 45.29 0.69 -6.67
C ASN C 25 44.19 -0.08 -7.40
N GLU C 26 43.20 -0.49 -6.63
CA GLU C 26 42.05 -1.20 -7.15
C GLU C 26 40.77 -0.40 -7.16
N ASN C 27 39.86 -0.76 -8.06
CA ASN C 27 38.46 -0.25 -7.89
C ASN C 27 37.90 -0.72 -6.54
N ILE C 28 37.05 0.12 -5.99
CA ILE C 28 36.25 -0.23 -4.80
C ILE C 28 34.83 0.12 -5.12
N PHE C 29 33.94 -0.75 -4.68
CA PHE C 29 32.50 -0.53 -4.85
C PHE C 29 31.63 -1.33 -3.88
N TYR C 30 30.81 -0.69 -3.08
CA TYR C 30 30.02 -1.45 -2.08
C TYR C 30 28.78 -0.65 -1.78
N CYS C 31 27.80 -1.38 -1.21
CA CYS C 31 26.51 -0.74 -0.83
C CYS C 31 26.32 -0.73 0.67
N PRO C 32 26.49 0.43 1.27
CA PRO C 32 26.49 0.54 2.73
C PRO C 32 25.16 0.12 3.33
N ILE C 33 24.11 0.58 2.64
CA ILE C 33 22.76 0.43 3.20
C ILE C 33 22.35 -1.07 3.23
N ALA C 34 22.80 -1.79 2.23
CA ALA C 34 22.55 -3.24 2.11
C ALA C 34 23.34 -3.93 3.21
N ILE C 35 24.63 -3.58 3.39
CA ILE C 35 25.36 -4.15 4.55
C ILE C 35 24.68 -3.87 5.87
N MET C 36 24.22 -2.66 6.09
CA MET C 36 23.52 -2.30 7.35
C MET C 36 22.29 -3.24 7.54
N SER C 37 21.54 -3.51 6.51
CA SER C 37 20.32 -4.30 6.58
C SER C 37 20.71 -5.73 6.94
N ALA C 38 21.80 -6.26 6.35
CA ALA C 38 22.18 -7.68 6.69
C ALA C 38 22.47 -7.75 8.15
N LEU C 39 23.20 -6.75 8.68
CA LEU C 39 23.59 -6.73 10.10
C LEU C 39 22.39 -6.43 10.98
N ALA C 40 21.34 -5.82 10.49
CA ALA C 40 20.16 -5.47 11.32
C ALA C 40 19.43 -6.84 11.57
N MET C 41 19.57 -7.72 10.59
CA MET C 41 18.93 -9.05 10.80
C MET C 41 19.63 -9.87 11.88
N VAL C 42 20.93 -9.97 11.82
CA VAL C 42 21.74 -10.59 12.84
C VAL C 42 21.51 -9.96 14.20
N TYR C 43 21.55 -8.67 14.28
CA TYR C 43 21.32 -7.85 15.46
C TYR C 43 20.05 -8.24 16.24
N LEU C 44 19.00 -8.56 15.49
CA LEU C 44 17.72 -8.81 16.14
C LEU C 44 17.87 -9.99 17.13
N GLY C 45 18.74 -10.92 16.75
CA GLY C 45 18.84 -12.09 17.65
C GLY C 45 20.08 -12.10 18.52
N ALA C 46 20.83 -11.02 18.55
CA ALA C 46 22.14 -11.00 19.27
C ALA C 46 21.90 -10.49 20.70
N LYS C 47 22.76 -10.92 21.64
CA LYS C 47 22.61 -10.35 23.00
C LYS C 47 23.98 -9.93 23.51
N ASP C 48 23.96 -9.23 24.62
CA ASP C 48 25.22 -9.02 25.42
C ASP C 48 26.25 -8.31 24.53
N SER C 49 27.50 -8.61 24.71
CA SER C 49 28.63 -8.04 24.01
C SER C 49 28.48 -8.25 22.52
N THR C 50 27.85 -9.34 22.07
CA THR C 50 27.70 -9.60 20.62
C THR C 50 26.88 -8.47 19.99
N ARG C 51 25.78 -8.18 20.67
CA ARG C 51 24.89 -7.09 20.28
C ARG C 51 25.52 -5.69 20.42
N THR C 52 26.18 -5.43 21.51
CA THR C 52 26.82 -4.11 21.74
C THR C 52 27.81 -3.78 20.65
N GLN C 53 28.67 -4.75 20.25
CA GLN C 53 29.64 -4.46 19.18
C GLN C 53 28.97 -4.07 17.88
N ILE C 54 27.92 -4.80 17.49
CA ILE C 54 27.21 -4.46 16.25
C ILE C 54 26.57 -3.06 16.35
N ASN C 55 25.91 -2.81 17.47
CA ASN C 55 25.21 -1.54 17.76
C ASN C 55 26.19 -0.36 17.56
N LYS C 56 27.32 -0.52 18.19
CA LYS C 56 28.30 0.56 18.20
C LYS C 56 28.85 0.78 16.78
N VAL C 57 29.30 -0.27 16.13
CA VAL C 57 30.03 -0.21 14.89
C VAL C 57 29.11 0.25 13.76
N VAL C 58 27.88 -0.20 13.75
CA VAL C 58 27.02 0.00 12.58
C VAL C 58 26.12 1.21 12.82
N ARG C 59 26.25 1.79 14.02
CA ARG C 59 25.63 3.11 14.26
C ARG C 59 24.13 2.89 14.43
N PHE C 60 23.70 1.76 14.98
CA PHE C 60 22.23 1.56 15.12
C PHE C 60 21.79 2.41 16.33
N ASP C 61 22.78 2.71 17.10
CA ASP C 61 22.72 3.19 18.48
C ASP C 61 21.53 4.15 18.63
N LYS C 62 21.54 5.13 17.73
CA LYS C 62 20.54 6.21 17.78
C LYS C 62 19.51 6.24 16.67
N LEU C 63 19.42 5.20 15.85
CA LEU C 63 18.43 5.26 14.74
C LEU C 63 17.00 5.18 15.24
N PRO C 64 16.19 6.08 14.72
CA PRO C 64 14.73 5.87 14.64
C PRO C 64 14.37 4.45 14.25
N GLY C 65 13.87 3.70 15.24
CA GLY C 65 13.20 2.42 15.04
C GLY C 65 14.00 1.26 15.63
N PHE C 66 15.10 1.53 16.30
CA PHE C 66 16.11 0.52 16.68
C PHE C 66 16.14 0.20 18.17
N GLY C 67 15.42 0.94 18.98
CA GLY C 67 15.10 0.55 20.37
C GLY C 67 14.89 -0.92 20.65
N ASP C 68 15.59 -1.43 21.65
CA ASP C 68 15.40 -2.79 22.22
C ASP C 68 13.92 -2.94 22.60
N SER C 69 13.40 -1.87 23.20
CA SER C 69 11.96 -1.86 23.49
C SER C 69 11.14 -1.84 22.23
N ILE C 70 11.56 -1.02 21.23
CA ILE C 70 10.68 -1.04 20.02
C ILE C 70 10.76 -2.46 19.46
N GLU C 71 11.98 -2.98 19.54
CA GLU C 71 12.27 -4.26 18.86
C GLU C 71 11.47 -5.42 19.44
N ALA C 72 10.99 -5.19 20.63
CA ALA C 72 10.10 -6.10 21.39
C ALA C 72 8.68 -6.06 20.82
N GLN C 73 8.40 -4.99 20.09
CA GLN C 73 7.10 -4.75 19.45
C GLN C 73 7.04 -5.37 18.06
N CYS C 74 7.97 -6.26 17.79
CA CYS C 74 8.31 -6.56 16.39
C CYS C 74 7.09 -6.98 15.58
N GLY C 75 6.53 -8.14 15.93
CA GLY C 75 5.40 -8.61 15.04
C GLY C 75 4.31 -7.53 15.02
N THR C 76 4.28 -6.80 16.13
CA THR C 76 3.21 -5.80 16.38
C THR C 76 3.49 -4.61 15.47
N SER C 77 4.30 -3.71 15.93
CA SER C 77 4.60 -2.38 15.43
C SER C 77 5.24 -2.41 14.04
N VAL C 78 5.10 -1.26 13.41
CA VAL C 78 5.57 -1.08 12.02
C VAL C 78 6.71 -0.06 12.03
N ASN C 79 6.95 0.47 13.22
CA ASN C 79 8.10 1.37 13.39
C ASN C 79 9.38 0.54 13.37
N VAL C 80 9.30 -0.77 13.64
CA VAL C 80 10.56 -1.49 13.92
C VAL C 80 11.51 -1.29 12.71
N HIS C 81 12.67 -0.77 13.06
CA HIS C 81 13.72 -0.50 12.04
C HIS C 81 13.28 0.38 10.89
N SER C 82 12.26 1.21 11.05
CA SER C 82 11.72 2.11 10.02
C SER C 82 12.74 2.94 9.26
N SER C 83 13.64 3.63 9.96
CA SER C 83 14.59 4.54 9.26
C SER C 83 15.25 3.79 8.11
N LEU C 84 15.41 2.48 8.28
CA LEU C 84 16.28 1.70 7.41
C LEU C 84 15.38 1.00 6.40
N ARG C 85 14.34 0.40 6.98
CA ARG C 85 13.43 -0.31 6.09
C ARG C 85 12.63 0.62 5.21
N ASP C 86 12.37 1.81 5.64
CA ASP C 86 11.70 2.82 4.72
C ASP C 86 12.48 2.98 3.42
N ILE C 87 13.81 3.04 3.51
CA ILE C 87 14.61 3.19 2.26
C ILE C 87 14.65 1.90 1.48
N LEU C 88 14.98 0.74 2.06
CA LEU C 88 15.00 -0.52 1.34
C LEU C 88 13.68 -0.78 0.58
N ASN C 89 12.59 -0.51 1.28
CA ASN C 89 11.24 -0.90 0.78
C ASN C 89 11.03 -0.10 -0.51
N GLN C 90 11.39 1.16 -0.37
CA GLN C 90 11.31 2.14 -1.47
C GLN C 90 12.09 1.70 -2.68
N ILE C 91 13.37 1.35 -2.46
CA ILE C 91 14.22 1.18 -3.68
C ILE C 91 14.07 -0.16 -4.30
N THR C 92 13.47 -1.12 -3.57
CA THR C 92 13.26 -2.44 -4.22
C THR C 92 11.90 -2.64 -4.86
N LYS C 93 11.02 -1.71 -4.69
CA LYS C 93 9.72 -1.63 -5.42
C LYS C 93 9.99 -1.51 -6.93
N PRO C 94 9.35 -2.37 -7.73
CA PRO C 94 9.34 -2.26 -9.20
C PRO C 94 8.99 -0.82 -9.62
N ASN C 95 9.79 -0.26 -10.51
CA ASN C 95 9.35 1.07 -11.06
C ASN C 95 9.96 1.23 -12.46
N ASP C 96 9.65 2.41 -13.01
CA ASP C 96 9.92 2.57 -14.46
C ASP C 96 11.24 3.24 -14.75
N VAL C 97 11.98 3.64 -13.74
CA VAL C 97 13.27 4.31 -14.02
C VAL C 97 14.50 3.66 -13.51
N TYR C 98 14.35 2.76 -12.55
CA TYR C 98 15.59 2.07 -12.10
C TYR C 98 15.20 0.66 -11.65
N SER C 99 16.18 -0.14 -11.37
CA SER C 99 16.10 -1.53 -10.95
C SER C 99 17.17 -1.76 -9.85
N PHE C 100 16.67 -2.18 -8.69
CA PHE C 100 17.54 -2.72 -7.63
C PHE C 100 17.19 -4.20 -7.42
N SER C 101 18.23 -5.01 -7.33
CA SER C 101 17.98 -6.44 -6.98
C SER C 101 18.79 -6.67 -5.69
N LEU C 102 18.12 -7.06 -4.63
CA LEU C 102 18.88 -7.37 -3.41
C LEU C 102 18.68 -8.89 -3.12
N ALA C 103 19.72 -9.63 -2.94
CA ALA C 103 19.67 -11.00 -2.40
C ALA C 103 20.47 -11.04 -1.07
N SER C 104 19.72 -11.02 0.00
CA SER C 104 20.31 -10.85 1.31
C SER C 104 19.64 -11.92 2.23
N ARG C 105 20.45 -12.77 2.85
CA ARG C 105 19.89 -13.94 3.56
C ARG C 105 20.94 -14.47 4.52
N LEU C 106 20.42 -14.97 5.65
CA LEU C 106 21.15 -15.87 6.56
C LEU C 106 20.79 -17.35 6.29
N TYR C 107 21.80 -18.11 5.95
CA TYR C 107 21.58 -19.59 5.86
C TYR C 107 22.12 -20.21 7.10
N ALA C 108 21.34 -20.95 7.82
CA ALA C 108 21.80 -21.53 9.10
C ALA C 108 21.66 -23.08 9.00
N GLU C 109 22.57 -23.77 9.64
CA GLU C 109 22.54 -25.25 9.74
C GLU C 109 21.19 -25.70 10.25
N GLU C 110 20.50 -26.55 9.39
CA GLU C 110 19.14 -27.00 9.68
C GLU C 110 18.98 -27.76 10.97
N ARG C 111 20.04 -28.40 11.50
CA ARG C 111 19.96 -29.09 12.81
C ARG C 111 19.76 -28.11 13.95
N TYR C 112 20.11 -26.84 13.76
CA TYR C 112 19.82 -25.80 14.81
C TYR C 112 18.33 -25.41 14.85
N PRO C 113 17.78 -25.50 16.05
CA PRO C 113 16.38 -25.11 16.27
C PRO C 113 16.32 -23.59 16.42
N ILE C 114 15.55 -22.97 15.57
CA ILE C 114 15.38 -21.51 15.59
C ILE C 114 14.15 -21.14 16.40
N LEU C 115 14.31 -20.15 17.27
CA LEU C 115 13.19 -19.56 17.97
C LEU C 115 12.15 -18.98 17.05
N PRO C 116 10.91 -19.29 17.39
CA PRO C 116 9.74 -18.81 16.65
C PRO C 116 9.67 -17.31 16.59
N GLU C 117 10.05 -16.67 17.70
CA GLU C 117 9.79 -15.19 17.77
C GLU C 117 10.87 -14.45 16.94
N TYR C 118 12.04 -15.10 16.87
CA TYR C 118 13.02 -14.55 15.86
C TYR C 118 12.48 -14.63 14.46
N LEU C 119 12.05 -15.83 14.07
CA LEU C 119 11.53 -16.13 12.73
C LEU C 119 10.38 -15.17 12.38
N GLN C 120 9.46 -14.92 13.32
CA GLN C 120 8.29 -14.05 12.98
C GLN C 120 8.75 -12.68 12.54
N CYS C 121 9.60 -12.17 13.42
CA CYS C 121 10.23 -10.86 13.29
C CYS C 121 10.95 -10.70 11.96
N VAL C 122 11.94 -11.58 11.71
CA VAL C 122 12.77 -11.35 10.53
C VAL C 122 11.87 -11.39 9.30
N LYS C 123 10.82 -12.19 9.35
CA LYS C 123 10.05 -12.48 8.12
C LYS C 123 9.14 -11.27 7.88
N GLU C 124 8.72 -10.72 9.02
CA GLU C 124 8.04 -9.47 8.96
C GLU C 124 8.86 -8.29 8.46
N LEU C 125 10.16 -8.20 8.63
CA LEU C 125 10.90 -6.91 8.47
C LEU C 125 11.80 -7.00 7.25
N TYR C 126 12.30 -8.19 6.97
CA TYR C 126 13.38 -8.30 5.94
C TYR C 126 12.89 -9.34 4.94
N ARG C 127 13.32 -9.12 3.71
CA ARG C 127 13.35 -10.15 2.66
C ARG C 127 14.67 -10.92 2.71
N GLY C 128 14.55 -12.14 2.21
CA GLY C 128 15.64 -13.13 2.34
C GLY C 128 15.39 -13.91 3.66
N GLY C 129 15.51 -13.22 4.77
CA GLY C 129 15.21 -13.82 6.08
C GLY C 129 16.28 -14.84 6.42
N LEU C 130 15.88 -15.79 7.27
CA LEU C 130 16.74 -16.97 7.61
C LEU C 130 16.21 -18.19 6.84
N GLU C 131 17.09 -18.94 6.23
CA GLU C 131 16.78 -20.18 5.49
C GLU C 131 17.66 -21.35 5.98
N PRO C 132 17.05 -22.44 6.46
CA PRO C 132 17.81 -23.63 6.90
C PRO C 132 18.36 -24.37 5.71
N ILE C 133 19.47 -25.03 5.95
CA ILE C 133 20.22 -25.68 4.87
C ILE C 133 21.04 -26.79 5.56
N ASN C 134 21.41 -27.78 4.83
CA ASN C 134 22.27 -28.84 5.45
C ASN C 134 23.68 -28.53 5.11
N PHE C 135 24.42 -28.05 6.14
CA PHE C 135 25.87 -27.87 5.90
C PHE C 135 26.59 -29.20 6.31
N GLN C 136 26.06 -29.78 7.38
CA GLN C 136 26.79 -30.91 8.07
C GLN C 136 27.14 -32.04 7.12
N THR C 137 26.14 -32.51 6.32
CA THR C 137 26.52 -33.70 5.46
C THR C 137 26.41 -33.41 4.01
N ALA C 138 26.20 -32.10 3.70
CA ALA C 138 26.21 -31.76 2.25
C ALA C 138 26.83 -30.41 1.97
N ALA C 139 27.96 -30.07 2.57
CA ALA C 139 28.60 -28.76 2.42
C ALA C 139 28.65 -28.23 1.01
N ASP C 140 29.28 -28.99 0.11
CA ASP C 140 29.56 -28.47 -1.25
C ASP C 140 28.24 -28.28 -2.01
N GLN C 141 27.35 -29.19 -1.66
CA GLN C 141 25.98 -29.02 -2.23
C GLN C 141 25.30 -27.80 -1.61
N ALA C 142 25.49 -27.58 -0.32
CA ALA C 142 24.90 -26.36 0.31
C ALA C 142 25.42 -25.09 -0.41
N ARG C 143 26.72 -25.09 -0.63
CA ARG C 143 27.43 -24.01 -1.30
C ARG C 143 26.76 -23.71 -2.65
N GLU C 144 26.53 -24.78 -3.39
CA GLU C 144 25.89 -24.64 -4.70
C GLU C 144 24.47 -24.17 -4.65
N LEU C 145 23.59 -24.55 -3.80
CA LEU C 145 22.27 -24.00 -3.59
C LEU C 145 22.38 -22.48 -3.32
N ILE C 146 23.28 -22.11 -2.43
CA ILE C 146 23.43 -20.69 -2.03
C ILE C 146 23.77 -19.85 -3.26
N ASN C 147 24.83 -20.31 -3.94
CA ASN C 147 25.34 -19.63 -5.12
C ASN C 147 24.22 -19.44 -6.14
N SER C 148 23.38 -20.46 -6.29
CA SER C 148 22.30 -20.53 -7.27
C SER C 148 21.16 -19.61 -6.88
N TRP C 149 20.85 -19.51 -5.62
CA TRP C 149 19.73 -18.59 -5.23
C TRP C 149 20.23 -17.13 -5.52
N VAL C 150 21.44 -16.79 -5.16
CA VAL C 150 22.01 -15.46 -5.35
C VAL C 150 22.02 -15.17 -6.87
N GLU C 151 22.50 -16.09 -7.65
CA GLU C 151 22.60 -15.83 -9.13
C GLU C 151 21.21 -15.68 -9.68
N SER C 152 20.30 -16.55 -9.20
CA SER C 152 18.90 -16.50 -9.54
C SER C 152 18.32 -15.15 -9.21
N GLN C 153 18.62 -14.62 -8.04
CA GLN C 153 17.82 -13.47 -7.57
C GLN C 153 18.44 -12.18 -8.21
N THR C 154 19.55 -12.37 -8.87
CA THR C 154 20.27 -11.13 -9.35
C THR C 154 20.28 -11.13 -10.90
N ASN C 155 19.38 -11.94 -11.44
CA ASN C 155 19.25 -12.13 -12.88
C ASN C 155 20.50 -12.66 -13.55
N GLY C 156 21.29 -13.44 -12.88
CA GLY C 156 22.41 -14.16 -13.61
C GLY C 156 23.66 -13.35 -13.44
N ILE C 157 23.47 -12.18 -12.80
CA ILE C 157 24.66 -11.27 -12.79
C ILE C 157 25.72 -11.70 -11.82
N ILE C 158 25.35 -11.90 -10.57
CA ILE C 158 26.27 -12.29 -9.50
C ILE C 158 26.30 -13.83 -9.40
N ARG C 159 27.42 -14.37 -9.81
CA ARG C 159 27.67 -15.83 -9.93
C ARG C 159 28.79 -16.24 -8.98
N ASN C 160 28.65 -17.40 -8.36
CA ASN C 160 29.77 -18.00 -7.63
C ASN C 160 30.08 -17.10 -6.43
N VAL C 161 29.01 -16.64 -5.76
CA VAL C 161 29.33 -15.74 -4.58
C VAL C 161 30.23 -16.40 -3.57
N LEU C 162 30.08 -17.64 -3.17
CA LEU C 162 31.02 -18.39 -2.28
C LEU C 162 31.98 -19.23 -3.11
N GLN C 163 33.24 -19.19 -2.74
CA GLN C 163 34.26 -19.92 -3.52
C GLN C 163 34.37 -21.32 -2.92
N PRO C 164 34.91 -22.21 -3.74
CA PRO C 164 35.28 -23.56 -3.28
C PRO C 164 35.98 -23.52 -1.94
N SER C 165 35.48 -24.34 -1.02
CA SER C 165 36.16 -24.67 0.24
C SER C 165 35.83 -23.62 1.30
N SER C 166 34.95 -22.69 0.92
CA SER C 166 34.42 -21.73 1.90
C SER C 166 33.42 -22.36 2.82
N VAL C 167 32.80 -23.48 2.43
CA VAL C 167 31.72 -24.10 3.26
C VAL C 167 32.22 -25.53 3.61
N ASP C 168 32.02 -25.96 4.82
CA ASP C 168 32.34 -27.38 5.21
C ASP C 168 31.36 -27.87 6.23
N SER C 169 31.62 -29.07 6.79
CA SER C 169 30.62 -29.66 7.73
C SER C 169 30.51 -28.91 9.05
N GLN C 170 31.54 -28.06 9.27
CA GLN C 170 31.62 -27.21 10.46
C GLN C 170 30.91 -25.87 10.26
N THR C 171 30.45 -25.56 9.05
CA THR C 171 29.78 -24.24 8.87
C THR C 171 28.53 -24.12 9.68
N ALA C 172 28.33 -23.00 10.39
CA ALA C 172 27.14 -22.82 11.24
C ALA C 172 26.10 -21.97 10.51
N MET C 173 26.62 -20.82 10.04
CA MET C 173 25.69 -19.80 9.45
C MET C 173 26.46 -18.99 8.40
N VAL C 174 25.79 -18.74 7.29
CA VAL C 174 26.45 -17.95 6.18
C VAL C 174 25.52 -16.72 5.91
N LEU C 175 26.22 -15.59 5.87
CA LEU C 175 25.55 -14.30 5.56
C LEU C 175 25.90 -13.96 4.10
N VAL C 176 24.87 -13.95 3.22
CA VAL C 176 25.14 -13.47 1.82
C VAL C 176 24.37 -12.17 1.61
N ASN C 177 25.07 -11.23 0.92
CA ASN C 177 24.39 -9.90 0.76
C ASN C 177 24.97 -9.39 -0.60
N ALA C 178 24.09 -9.47 -1.59
CA ALA C 178 24.44 -9.17 -3.00
C ALA C 178 23.38 -8.21 -3.52
N ILE C 179 23.89 -7.24 -4.37
CA ILE C 179 22.94 -6.20 -4.87
C ILE C 179 23.36 -5.75 -6.29
N VAL C 180 22.38 -5.61 -7.16
CA VAL C 180 22.63 -5.20 -8.56
C VAL C 180 21.84 -3.91 -8.69
N PHE C 181 22.47 -2.90 -9.32
CA PHE C 181 21.71 -1.61 -9.50
C PHE C 181 21.85 -1.24 -10.99
N LYS C 182 20.76 -0.78 -11.61
CA LYS C 182 20.82 -0.13 -12.92
C LYS C 182 19.79 1.01 -12.84
N GLY C 183 20.19 2.18 -13.23
CA GLY C 183 19.34 3.40 -13.19
C GLY C 183 19.51 4.19 -14.52
N LEU C 184 18.44 4.93 -14.81
CA LEU C 184 18.44 5.86 -15.97
C LEU C 184 18.84 7.25 -15.37
N TRP C 185 19.73 7.90 -16.09
CA TRP C 185 19.97 9.35 -15.83
C TRP C 185 18.76 10.17 -16.14
N GLU C 186 18.56 11.27 -15.42
CA GLU C 186 17.61 12.24 -15.94
C GLU C 186 18.01 12.73 -17.34
N LYS C 187 19.27 13.12 -17.49
CA LYS C 187 19.78 13.58 -18.83
C LYS C 187 20.68 12.58 -19.45
N ALA C 188 20.16 11.90 -20.49
CA ALA C 188 20.98 10.87 -21.15
C ALA C 188 22.19 11.45 -21.87
N PHE C 189 23.17 10.61 -22.01
CA PHE C 189 24.35 10.82 -22.87
C PHE C 189 23.96 10.26 -24.22
N LYS C 190 24.40 10.84 -25.34
CA LYS C 190 24.05 10.24 -26.65
C LYS C 190 25.05 9.18 -27.01
N ASP C 191 24.60 8.00 -27.53
CA ASP C 191 25.62 7.01 -27.87
C ASP C 191 26.62 7.64 -28.87
N GLU C 192 26.15 8.53 -29.74
CA GLU C 192 27.05 9.02 -30.82
C GLU C 192 28.17 9.88 -30.21
N ASP C 193 27.89 10.57 -29.13
CA ASP C 193 28.93 11.33 -28.39
C ASP C 193 30.00 10.56 -27.69
N THR C 194 29.90 9.23 -27.60
CA THR C 194 30.83 8.46 -26.78
C THR C 194 32.01 8.19 -27.71
N GLN C 195 33.23 8.31 -27.23
CA GLN C 195 34.44 8.07 -28.01
C GLN C 195 35.44 7.30 -27.17
N ALA C 196 36.29 6.49 -27.83
CA ALA C 196 37.50 6.04 -27.16
C ALA C 196 38.42 7.21 -26.75
N MET C 197 38.81 7.22 -25.50
CA MET C 197 39.64 8.29 -24.90
C MET C 197 40.51 7.67 -23.84
N PRO C 198 41.61 8.33 -23.51
CA PRO C 198 42.53 7.78 -22.49
C PRO C 198 41.96 7.98 -21.10
N PHE C 199 41.99 6.92 -20.28
CA PHE C 199 41.80 7.16 -18.84
C PHE C 199 43.23 7.02 -18.31
N ARG C 200 43.69 8.06 -17.66
CA ARG C 200 45.08 8.14 -17.13
C ARG C 200 45.07 7.52 -15.74
N VAL C 201 45.55 6.28 -15.71
CA VAL C 201 45.60 5.53 -14.42
C VAL C 201 46.76 6.06 -13.59
N THR C 202 47.90 6.32 -14.20
CA THR C 202 48.98 7.11 -13.63
C THR C 202 49.42 8.18 -14.64
N GLU C 203 50.46 8.92 -14.24
CA GLU C 203 51.04 9.91 -15.17
C GLU C 203 51.61 9.23 -16.40
N GLN C 204 51.87 7.95 -16.28
CA GLN C 204 52.61 7.17 -17.29
C GLN C 204 51.71 6.16 -17.98
N GLU C 205 50.58 5.84 -17.38
CA GLU C 205 49.81 4.69 -18.03
C GLU C 205 48.42 5.17 -18.21
N SER C 206 47.92 5.00 -19.39
CA SER C 206 46.67 5.32 -19.99
C SER C 206 45.97 3.97 -20.27
N LYS C 207 44.67 4.04 -20.29
CA LYS C 207 43.92 2.86 -20.86
C LYS C 207 42.84 3.46 -21.71
N PRO C 208 42.63 2.90 -22.87
CA PRO C 208 41.49 3.33 -23.72
C PRO C 208 40.19 2.96 -23.05
N VAL C 209 39.30 3.92 -22.88
CA VAL C 209 37.96 3.68 -22.36
C VAL C 209 36.94 4.34 -23.25
N GLN C 210 35.71 3.91 -23.13
CA GLN C 210 34.55 4.55 -23.76
C GLN C 210 34.13 5.72 -22.90
N MET C 211 34.44 6.89 -23.41
CA MET C 211 34.19 8.11 -22.62
C MET C 211 32.90 8.76 -23.06
N MET C 212 31.94 8.87 -22.12
CA MET C 212 30.70 9.55 -22.48
C MET C 212 30.92 11.06 -22.43
N TYR C 213 30.14 11.80 -23.17
CA TYR C 213 30.18 13.27 -23.26
C TYR C 213 28.81 13.87 -23.33
N GLN C 214 28.60 14.99 -22.66
CA GLN C 214 27.43 15.82 -22.86
C GLN C 214 27.71 17.22 -22.29
N ILE C 215 26.93 18.19 -22.75
CA ILE C 215 26.89 19.53 -22.17
C ILE C 215 25.53 19.76 -21.56
N GLY C 216 25.45 20.26 -20.34
CA GLY C 216 24.17 20.75 -19.87
C GLY C 216 24.32 21.47 -18.54
N LEU C 217 23.15 21.75 -17.93
CA LEU C 217 23.20 22.37 -16.59
C LEU C 217 23.30 21.34 -15.45
N PHE C 218 24.34 21.44 -14.63
CA PHE C 218 24.55 20.42 -13.57
C PHE C 218 24.99 21.20 -12.35
N ARG C 219 24.70 20.72 -11.18
CA ARG C 219 25.31 21.30 -9.96
C ARG C 219 26.75 20.85 -9.86
N VAL C 220 27.58 21.83 -9.50
CA VAL C 220 29.07 21.57 -9.45
C VAL C 220 29.66 22.50 -8.40
N ALA C 221 30.71 22.06 -7.80
CA ALA C 221 31.56 22.89 -6.93
C ALA C 221 33.02 22.68 -7.35
N SER C 222 33.76 23.78 -7.44
CA SER C 222 35.23 23.77 -7.57
C SER C 222 35.88 24.19 -6.26
N MET C 223 36.71 23.33 -5.71
CA MET C 223 37.44 23.65 -4.48
C MET C 223 38.92 23.87 -4.76
N ALA C 224 39.16 25.16 -5.01
CA ALA C 224 40.52 25.67 -5.25
C ALA C 224 41.48 25.06 -4.21
N SER C 225 41.03 25.05 -2.99
CA SER C 225 41.91 24.83 -1.83
C SER C 225 42.18 23.33 -1.73
N GLU C 226 41.12 22.53 -1.95
CA GLU C 226 41.33 21.08 -1.87
C GLU C 226 41.89 20.55 -3.18
N LYS C 227 41.91 21.38 -4.21
CA LYS C 227 42.29 21.01 -5.58
C LYS C 227 41.43 19.85 -6.15
N MET C 228 40.14 20.09 -6.06
CA MET C 228 39.13 19.16 -6.60
C MET C 228 37.89 19.91 -7.08
N LYS C 229 37.11 19.06 -7.76
CA LYS C 229 35.73 19.50 -8.09
C LYS C 229 34.76 18.30 -7.80
N ILE C 230 33.55 18.66 -7.66
CA ILE C 230 32.47 17.68 -7.35
C ILE C 230 31.36 17.99 -8.34
N LEU C 231 30.82 16.97 -8.94
CA LEU C 231 29.70 17.12 -9.90
C LEU C 231 28.55 16.26 -9.36
N GLU C 232 27.35 16.76 -9.48
CA GLU C 232 26.12 16.03 -9.20
C GLU C 232 25.32 15.71 -10.44
N LEU C 233 25.11 14.39 -10.71
CA LEU C 233 24.28 13.98 -11.87
C LEU C 233 23.02 13.29 -11.24
N PRO C 234 21.88 13.87 -11.42
CA PRO C 234 20.57 13.26 -11.02
C PRO C 234 20.16 12.08 -11.88
N PHE C 235 19.73 11.00 -11.18
CA PHE C 235 18.97 9.88 -11.77
C PHE C 235 17.54 10.29 -12.00
N ALA C 236 16.95 9.67 -13.06
CA ALA C 236 15.52 9.84 -13.37
C ALA C 236 14.64 9.37 -12.17
N SER C 237 13.55 10.01 -12.10
CA SER C 237 12.63 10.11 -11.00
C SER C 237 13.08 10.68 -9.70
N GLY C 238 14.26 11.28 -9.68
CA GLY C 238 14.46 12.43 -8.78
C GLY C 238 14.72 11.99 -7.34
N THR C 239 15.09 10.74 -7.10
CA THR C 239 15.19 10.30 -5.71
C THR C 239 16.64 9.98 -5.37
N MET C 240 17.43 9.84 -6.43
CA MET C 240 18.84 9.53 -6.15
C MET C 240 19.71 10.47 -7.01
N SER C 241 20.97 10.59 -6.61
CA SER C 241 21.96 11.19 -7.55
C SER C 241 23.34 10.63 -7.32
N MET C 242 24.18 10.71 -8.35
CA MET C 242 25.57 10.39 -8.26
C MET C 242 26.39 11.67 -8.01
N LEU C 243 27.24 11.71 -7.04
CA LEU C 243 28.30 12.71 -6.90
C LEU C 243 29.62 12.15 -7.36
N VAL C 244 30.30 12.92 -8.23
CA VAL C 244 31.69 12.53 -8.60
C VAL C 244 32.69 13.53 -7.99
N LEU C 245 33.66 13.01 -7.27
CA LEU C 245 34.67 13.79 -6.58
C LEU C 245 35.95 13.60 -7.39
N LEU C 246 36.32 14.65 -8.13
CA LEU C 246 37.51 14.50 -8.99
C LEU C 246 38.61 15.51 -8.55
N PRO C 247 39.79 14.98 -8.29
CA PRO C 247 40.99 15.71 -7.91
C PRO C 247 41.48 16.45 -9.14
N ASP C 248 42.16 17.54 -8.97
CA ASP C 248 42.64 18.31 -10.18
C ASP C 248 43.70 17.51 -10.89
N GLU C 249 44.54 16.84 -10.12
CA GLU C 249 45.74 16.20 -10.70
C GLU C 249 45.50 14.72 -10.92
N VAL C 250 46.15 14.18 -11.94
CA VAL C 250 46.07 12.80 -12.37
C VAL C 250 46.26 11.88 -11.16
N SER C 251 47.09 12.33 -10.24
CA SER C 251 47.32 11.48 -9.04
C SER C 251 46.88 12.13 -7.75
N GLY C 252 45.92 13.06 -7.74
CA GLY C 252 45.38 13.60 -6.50
C GLY C 252 44.58 12.68 -5.61
N LEU C 253 44.37 11.42 -5.94
CA LEU C 253 43.27 10.65 -5.22
C LEU C 253 43.75 10.27 -3.83
N GLU C 254 45.05 9.93 -3.79
CA GLU C 254 45.65 9.75 -2.48
C GLU C 254 45.49 10.83 -1.49
N GLN C 255 45.72 12.10 -1.75
CA GLN C 255 45.39 13.16 -0.76
C GLN C 255 43.92 13.26 -0.40
N LEU C 256 43.06 13.12 -1.41
CA LEU C 256 41.61 13.25 -1.16
C LEU C 256 41.10 12.16 -0.22
N GLU C 257 41.63 10.95 -0.48
CA GLU C 257 41.24 9.84 0.40
C GLU C 257 41.68 10.05 1.84
N SER C 258 42.78 10.70 2.07
CA SER C 258 43.30 11.18 3.36
C SER C 258 42.35 12.05 4.20
N ILE C 259 41.69 13.01 3.57
CA ILE C 259 40.93 14.02 4.31
C ILE C 259 39.46 13.67 4.32
N ILE C 260 39.01 12.84 3.37
CA ILE C 260 37.53 12.82 3.17
C ILE C 260 36.86 12.20 4.38
N ASN C 261 35.74 12.78 4.82
CA ASN C 261 34.92 12.17 5.86
C ASN C 261 33.49 12.72 5.73
N PHE C 262 32.68 12.29 6.71
CA PHE C 262 31.31 12.74 6.84
C PHE C 262 31.16 14.25 6.86
N GLU C 263 31.93 14.89 7.73
CA GLU C 263 31.92 16.34 7.89
C GLU C 263 32.28 17.01 6.53
N LYS C 264 33.40 16.55 6.01
CA LYS C 264 33.97 17.08 4.78
C LYS C 264 32.97 16.94 3.65
N LEU C 265 32.42 15.73 3.48
CA LEU C 265 31.49 15.52 2.37
C LEU C 265 30.27 16.44 2.49
N THR C 266 29.78 16.54 3.72
CA THR C 266 28.55 17.35 3.96
C THR C 266 28.82 18.77 3.51
N GLU C 267 29.96 19.29 3.93
CA GLU C 267 30.42 20.66 3.62
C GLU C 267 30.51 20.86 2.09
N TRP C 268 31.13 19.88 1.47
CA TRP C 268 31.45 19.96 0.02
C TRP C 268 30.19 19.91 -0.81
N THR C 269 29.16 19.21 -0.31
CA THR C 269 28.01 18.93 -1.23
C THR C 269 26.79 19.72 -0.80
N SER C 270 26.98 20.65 0.09
CA SER C 270 26.04 21.66 0.55
C SER C 270 25.52 22.59 -0.57
N SER C 271 24.21 22.75 -0.58
CA SER C 271 23.52 23.66 -1.49
C SER C 271 24.19 25.04 -1.47
N ASN C 272 24.83 25.33 -0.36
CA ASN C 272 25.57 26.61 -0.22
C ASN C 272 26.82 26.69 -1.08
N VAL C 273 27.32 25.58 -1.59
CA VAL C 273 28.66 25.51 -2.21
C VAL C 273 28.54 25.06 -3.67
N MET C 274 27.48 24.33 -3.94
CA MET C 274 27.27 23.71 -5.25
C MET C 274 26.29 24.67 -5.97
N GLU C 275 26.67 24.94 -7.18
CA GLU C 275 25.88 25.89 -8.01
C GLU C 275 25.63 25.28 -9.36
N GLU C 276 24.46 25.62 -9.94
CA GLU C 276 24.14 25.01 -11.24
C GLU C 276 24.87 25.81 -12.33
N ARG C 277 25.57 25.18 -13.23
CA ARG C 277 26.41 25.86 -14.26
C ARG C 277 26.28 25.06 -15.54
N LYS C 278 26.33 25.71 -16.69
CA LYS C 278 26.38 24.96 -17.96
C LYS C 278 27.79 24.41 -18.11
N ILE C 279 27.99 23.11 -18.37
CA ILE C 279 29.39 22.55 -18.30
C ILE C 279 29.50 21.40 -19.27
N LYS C 280 30.68 21.12 -19.74
CA LYS C 280 30.95 19.92 -20.54
C LYS C 280 31.35 18.77 -19.60
N VAL C 281 30.58 17.66 -19.76
CA VAL C 281 30.88 16.49 -18.83
C VAL C 281 31.51 15.39 -19.64
N TYR C 282 32.60 14.85 -19.17
CA TYR C 282 33.12 13.58 -19.81
C TYR C 282 33.06 12.53 -18.63
N LEU C 283 32.36 11.44 -18.83
CA LEU C 283 32.39 10.35 -17.73
C LEU C 283 32.54 9.03 -18.46
N PRO C 284 33.40 8.15 -17.93
CA PRO C 284 33.58 6.80 -18.45
C PRO C 284 32.28 6.01 -18.27
N ARG C 285 31.99 5.21 -19.27
CA ARG C 285 31.16 4.00 -19.07
C ARG C 285 31.83 3.17 -17.98
N MET C 286 30.97 2.75 -17.01
CA MET C 286 31.61 2.04 -15.87
C MET C 286 30.86 0.72 -15.68
N LYS C 287 31.58 -0.35 -15.50
CA LYS C 287 30.95 -1.64 -15.07
C LYS C 287 31.63 -2.04 -13.75
N MET C 288 30.95 -1.77 -12.63
CA MET C 288 31.62 -1.88 -11.30
C MET C 288 31.15 -3.24 -10.80
N GLU C 289 32.10 -4.05 -10.41
CA GLU C 289 31.70 -5.29 -9.72
C GLU C 289 32.75 -5.78 -8.76
N GLU C 290 32.37 -5.79 -7.49
CA GLU C 290 33.34 -6.20 -6.45
C GLU C 290 32.67 -7.11 -5.47
N LYS C 291 33.50 -7.89 -4.78
CA LYS C 291 32.94 -8.76 -3.69
C LYS C 291 33.94 -8.68 -2.50
N TYR C 292 33.44 -8.65 -1.32
CA TYR C 292 34.24 -8.50 -0.11
C TYR C 292 33.91 -9.65 0.88
N ASN C 293 34.95 -10.22 1.40
CA ASN C 293 34.85 -10.96 2.71
C ASN C 293 34.52 -10.02 3.82
N LEU C 294 33.27 -9.89 4.22
CA LEU C 294 32.83 -9.02 5.28
C LEU C 294 33.39 -9.45 6.65
N THR C 295 33.77 -10.71 6.81
CA THR C 295 34.33 -11.13 8.10
C THR C 295 35.62 -10.29 8.39
N SER C 296 36.57 -10.35 7.41
CA SER C 296 37.78 -9.56 7.62
C SER C 296 37.56 -8.06 7.80
N VAL C 297 36.68 -7.44 7.00
CA VAL C 297 36.48 -5.99 7.18
C VAL C 297 35.85 -5.62 8.50
N LEU C 298 34.79 -6.40 8.87
CA LEU C 298 34.08 -6.08 10.11
C LEU C 298 34.91 -6.33 11.38
N MET C 299 35.71 -7.37 11.31
CA MET C 299 36.55 -7.68 12.53
C MET C 299 37.53 -6.50 12.73
N ALA C 300 38.05 -6.04 11.57
CA ALA C 300 39.00 -4.91 11.52
C ALA C 300 38.30 -3.67 12.08
N MET C 301 37.02 -3.51 11.78
CA MET C 301 36.22 -2.48 12.41
C MET C 301 35.84 -2.70 13.86
N GLY C 302 36.06 -3.88 14.46
CA GLY C 302 35.53 -3.92 15.86
C GLY C 302 34.38 -4.88 16.08
N ILE C 303 33.92 -5.62 15.12
CA ILE C 303 32.80 -6.59 15.25
C ILE C 303 33.50 -7.95 15.15
N THR C 304 33.75 -8.51 16.32
CA THR C 304 34.49 -9.78 16.45
C THR C 304 33.69 -10.94 17.06
N ASP C 305 32.89 -10.64 18.05
CA ASP C 305 32.25 -11.72 18.86
C ASP C 305 31.32 -12.56 17.99
N VAL C 306 30.62 -12.05 17.00
CA VAL C 306 29.65 -12.78 16.21
C VAL C 306 30.36 -13.87 15.36
N PHE C 307 31.63 -13.67 15.14
CA PHE C 307 32.37 -14.53 14.23
C PHE C 307 33.10 -15.63 15.04
N SER C 308 32.87 -15.63 16.36
CA SER C 308 33.75 -16.52 17.18
C SER C 308 32.84 -17.45 18.04
N SER C 309 33.58 -18.34 18.70
CA SER C 309 33.02 -19.20 19.75
C SER C 309 32.30 -18.43 20.84
N SER C 310 32.71 -17.20 21.03
CA SER C 310 32.03 -16.44 22.14
C SER C 310 30.76 -15.80 21.62
N ALA C 311 30.41 -16.02 20.33
CA ALA C 311 29.13 -15.42 19.85
C ALA C 311 27.96 -15.67 20.78
N ASN C 312 27.18 -14.66 21.10
CA ASN C 312 25.89 -14.75 21.76
C ASN C 312 24.76 -14.42 20.78
N LEU C 313 24.32 -15.48 20.11
CA LEU C 313 23.14 -15.41 19.23
C LEU C 313 21.92 -16.13 19.79
N SER C 314 21.74 -15.97 21.08
CA SER C 314 20.70 -16.68 21.86
C SER C 314 19.32 -16.25 21.48
N GLY C 315 19.16 -15.09 20.84
CA GLY C 315 17.78 -14.70 20.42
C GLY C 315 17.46 -15.37 19.06
N ILE C 316 18.40 -16.08 18.46
CA ILE C 316 18.16 -16.88 17.24
C ILE C 316 17.96 -18.39 17.58
N SER C 317 18.84 -18.96 18.33
CA SER C 317 18.82 -20.41 18.62
C SER C 317 19.44 -20.59 20.00
N SER C 318 18.99 -21.68 20.64
CA SER C 318 19.59 -21.98 21.98
C SER C 318 20.91 -22.71 21.76
N ALA C 319 21.22 -23.09 20.53
CA ALA C 319 22.40 -23.84 20.17
C ALA C 319 23.73 -23.12 20.44
N GLU C 320 24.60 -23.85 21.11
CA GLU C 320 25.86 -23.32 21.61
C GLU C 320 26.82 -22.88 20.54
N SER C 321 26.83 -23.57 19.41
CA SER C 321 27.88 -23.39 18.42
C SER C 321 27.46 -22.33 17.36
N LEU C 322 26.34 -21.68 17.64
CA LEU C 322 25.83 -20.82 16.54
C LEU C 322 26.80 -19.60 16.45
N LYS C 323 27.30 -19.37 15.27
CA LYS C 323 28.08 -18.18 14.90
C LYS C 323 27.98 -17.95 13.41
N ILE C 324 28.46 -16.74 12.98
CA ILE C 324 28.52 -16.50 11.55
C ILE C 324 29.88 -17.04 11.14
N SER C 325 29.84 -18.01 10.26
CA SER C 325 31.00 -18.66 9.69
C SER C 325 31.59 -17.98 8.45
N GLN C 326 30.76 -17.40 7.62
CA GLN C 326 31.24 -16.71 6.41
C GLN C 326 30.23 -15.57 6.12
N ALA C 327 30.75 -14.47 5.53
CA ALA C 327 29.84 -13.27 5.38
C ALA C 327 30.40 -12.57 4.13
N VAL C 328 29.61 -12.44 3.12
CA VAL C 328 30.09 -12.03 1.76
C VAL C 328 29.20 -10.86 1.31
N HIS C 329 29.86 -9.75 0.89
CA HIS C 329 29.01 -8.70 0.26
C HIS C 329 29.37 -8.66 -1.23
N ALA C 330 28.35 -8.61 -2.09
CA ALA C 330 28.66 -8.31 -3.52
C ALA C 330 27.76 -7.22 -4.09
N ALA C 331 28.50 -6.44 -4.98
CA ALA C 331 27.81 -5.26 -5.53
C ALA C 331 28.19 -5.10 -7.02
N HIS C 332 27.15 -4.95 -7.84
CA HIS C 332 27.25 -4.73 -9.29
C HIS C 332 26.36 -3.55 -9.71
N ALA C 333 26.98 -2.66 -10.49
CA ALA C 333 26.22 -1.51 -11.11
C ALA C 333 26.97 -1.19 -12.43
N GLU C 334 26.19 -0.94 -13.46
CA GLU C 334 26.75 -0.55 -14.77
C GLU C 334 26.33 0.90 -14.97
N ILE C 335 27.25 1.77 -15.25
CA ILE C 335 26.81 3.22 -15.50
C ILE C 335 27.12 3.44 -16.99
N ASN C 336 26.10 3.79 -17.77
CA ASN C 336 26.31 3.99 -19.24
C ASN C 336 25.54 5.21 -19.67
N GLU C 337 25.20 5.31 -20.93
CA GLU C 337 24.51 6.50 -21.48
C GLU C 337 23.08 6.62 -21.13
N ALA C 338 22.44 5.50 -20.77
CA ALA C 338 20.98 5.47 -20.71
C ALA C 338 20.39 6.55 -19.85
N GLY C 339 19.41 7.26 -20.39
CA GLY C 339 18.68 8.26 -19.56
C GLY C 339 17.32 8.52 -20.14
N ARG C 340 16.59 9.47 -19.47
CA ARG C 340 15.18 9.69 -19.77
C ARG C 340 14.95 10.61 -20.96
N GLU C 341 15.84 11.52 -21.19
CA GLU C 341 15.63 12.61 -22.15
C GLU C 341 17.00 13.12 -22.58
N VAL C 342 17.05 13.49 -23.85
CA VAL C 342 18.36 14.04 -24.33
C VAL C 342 18.19 15.59 -24.27
N VAL C 355 31.06 26.96 -24.57
CA VAL C 355 31.18 26.60 -23.14
C VAL C 355 32.63 26.29 -22.80
N SER C 356 32.99 26.85 -21.65
CA SER C 356 34.38 26.78 -21.19
C SER C 356 34.52 25.66 -20.17
N GLU C 357 33.70 25.71 -19.11
CA GLU C 357 34.06 24.85 -17.93
C GLU C 357 33.84 23.40 -18.38
N GLU C 358 34.79 22.58 -17.97
CA GLU C 358 34.62 21.14 -18.24
C GLU C 358 34.75 20.41 -16.90
N PHE C 359 34.06 19.27 -16.83
CA PHE C 359 34.47 18.31 -15.73
C PHE C 359 34.86 17.08 -16.51
N ARG C 360 36.13 16.73 -16.54
CA ARG C 360 36.66 15.68 -17.37
C ARG C 360 37.17 14.53 -16.51
N ALA C 361 36.29 13.52 -16.29
CA ALA C 361 36.68 12.46 -15.35
C ALA C 361 37.51 11.44 -16.04
N ASP C 362 38.74 11.76 -16.39
CA ASP C 362 39.64 10.83 -17.14
C ASP C 362 40.85 10.46 -16.33
N HIS C 363 40.68 10.58 -15.02
CA HIS C 363 41.70 10.00 -14.07
C HIS C 363 40.94 9.60 -12.79
N PRO C 364 41.62 8.99 -11.84
CA PRO C 364 40.90 8.15 -10.79
C PRO C 364 40.08 9.03 -9.91
N PHE C 365 38.90 8.60 -9.51
CA PHE C 365 37.97 9.53 -8.81
C PHE C 365 37.22 8.65 -7.79
N LEU C 366 36.56 9.27 -6.87
CA LEU C 366 35.64 8.70 -5.93
C LEU C 366 34.24 9.06 -6.41
N PHE C 367 33.28 8.20 -6.02
CA PHE C 367 31.88 8.53 -6.39
C PHE C 367 30.93 7.96 -5.30
N CYS C 368 29.81 8.66 -5.17
CA CYS C 368 28.80 8.25 -4.11
C CYS C 368 27.46 8.18 -4.82
N ILE C 369 26.62 7.18 -4.66
CA ILE C 369 25.18 7.34 -5.03
C ILE C 369 24.35 7.53 -3.77
N LYS C 370 23.67 8.66 -3.66
CA LYS C 370 22.87 8.93 -2.46
C LYS C 370 21.40 9.05 -2.81
N HIS C 371 20.63 8.81 -1.80
CA HIS C 371 19.19 8.96 -1.71
C HIS C 371 18.97 10.43 -1.30
N ILE C 372 18.24 11.20 -2.09
CA ILE C 372 18.35 12.68 -1.94
C ILE C 372 17.60 13.11 -0.66
N ALA C 373 16.44 12.48 -0.50
CA ALA C 373 15.56 12.92 0.62
C ALA C 373 16.16 12.62 1.99
N THR C 374 17.04 11.64 2.19
CA THR C 374 17.60 11.40 3.54
C THR C 374 19.06 11.64 3.64
N ASN C 375 19.68 11.84 2.46
CA ASN C 375 21.14 11.84 2.37
C ASN C 375 21.78 10.51 2.71
N ALA C 376 21.03 9.47 2.72
CA ALA C 376 21.63 8.11 2.97
C ALA C 376 22.62 7.82 1.86
N VAL C 377 23.76 7.22 2.16
CA VAL C 377 24.55 6.62 1.05
C VAL C 377 24.09 5.24 0.65
N LEU C 378 23.79 5.16 -0.63
CA LEU C 378 23.37 3.90 -1.28
C LEU C 378 24.58 3.21 -1.84
N PHE C 379 25.52 3.88 -2.49
CA PHE C 379 26.70 3.21 -3.06
C PHE C 379 27.91 4.22 -2.88
N PHE C 380 29.07 3.64 -2.76
CA PHE C 380 30.31 4.39 -2.52
C PHE C 380 31.37 3.65 -3.31
N GLY C 381 32.25 4.40 -4.00
CA GLY C 381 33.35 3.63 -4.65
C GLY C 381 34.52 4.51 -5.14
N ARG C 382 35.51 3.83 -5.61
CA ARG C 382 36.76 4.44 -6.15
C ARG C 382 36.88 3.86 -7.56
N CYS C 383 36.91 4.77 -8.55
CA CYS C 383 37.21 4.28 -9.90
C CYS C 383 38.65 4.54 -10.33
N VAL C 384 39.46 3.52 -10.50
CA VAL C 384 40.88 3.63 -11.00
C VAL C 384 41.03 3.05 -12.40
N SER C 385 40.13 2.18 -12.78
CA SER C 385 40.12 1.40 -14.01
C SER C 385 38.68 1.19 -14.46
N PRO C 386 38.11 2.06 -15.30
CA PRO C 386 36.65 1.97 -15.53
C PRO C 386 36.19 0.66 -16.13
C ACE D 1 -13.96 -16.70 -21.00
O ACE D 1 -13.91 -17.90 -20.69
CH3 ACE D 1 -13.15 -16.09 -22.09
N GLY D 2 -14.72 -15.88 -20.27
CA GLY D 2 -15.34 -16.24 -19.01
C GLY D 2 -14.43 -15.93 -17.82
N SER D 3 -13.16 -16.28 -17.99
CA SER D 3 -12.17 -16.29 -16.92
C SER D 3 -10.79 -16.15 -17.54
N ILE D 4 -9.88 -15.67 -16.66
CA ILE D 4 -8.59 -15.26 -17.28
C ILE D 4 -7.77 -16.47 -17.69
N GLY D 5 -7.83 -17.56 -16.89
CA GLY D 5 -7.18 -18.80 -17.41
C GLY D 5 -7.63 -19.21 -18.79
N ALA D 6 -8.92 -19.39 -19.06
CA ALA D 6 -9.34 -19.87 -20.40
C ALA D 6 -8.95 -18.81 -21.45
N ALA D 7 -9.21 -17.53 -21.11
CA ALA D 7 -8.90 -16.42 -22.02
C ALA D 7 -7.45 -16.50 -22.53
N SER D 8 -6.57 -16.66 -21.52
CA SER D 8 -5.13 -16.52 -21.88
C SER D 8 -4.70 -17.78 -22.64
N MET D 9 -5.38 -18.93 -22.37
CA MET D 9 -5.06 -20.18 -23.09
C MET D 9 -5.52 -20.14 -24.52
N GLU D 10 -6.74 -19.59 -24.72
CA GLU D 10 -7.15 -19.67 -26.18
C GLU D 10 -6.29 -18.67 -26.97
N PHE D 11 -6.20 -17.49 -26.31
CA PHE D 11 -5.27 -16.48 -26.86
C PHE D 11 -3.90 -17.06 -27.14
N CYS D 12 -3.31 -17.69 -26.14
CA CYS D 12 -2.01 -18.35 -26.33
C CYS D 12 -1.97 -19.22 -27.57
N PHE D 13 -2.97 -20.09 -27.73
CA PHE D 13 -2.91 -21.14 -28.79
C PHE D 13 -3.27 -20.54 -30.12
N ASP D 14 -4.07 -19.46 -30.12
CA ASP D 14 -4.28 -18.77 -31.45
C ASP D 14 -3.00 -18.13 -31.96
N VAL D 15 -2.22 -17.50 -31.08
CA VAL D 15 -0.90 -16.96 -31.46
C VAL D 15 0.06 -18.00 -31.98
N PHE D 16 0.10 -19.10 -31.24
CA PHE D 16 0.95 -20.26 -31.62
C PHE D 16 0.71 -20.72 -33.07
N LYS D 17 -0.52 -20.88 -33.41
CA LYS D 17 -1.04 -21.28 -34.72
C LYS D 17 -0.52 -20.30 -35.77
N GLU D 18 -0.50 -19.00 -35.48
CA GLU D 18 0.26 -18.09 -36.40
C GLU D 18 1.73 -18.24 -36.45
N LEU D 19 2.39 -18.37 -35.29
CA LEU D 19 3.86 -18.35 -35.21
C LEU D 19 4.46 -19.60 -35.87
N LYS D 20 3.75 -20.72 -35.82
CA LYS D 20 4.29 -21.97 -36.41
C LYS D 20 4.51 -21.81 -37.93
N VAL D 21 3.58 -21.12 -38.57
CA VAL D 21 3.72 -20.77 -40.01
C VAL D 21 5.13 -20.24 -40.29
N HIS D 22 5.48 -19.23 -39.50
CA HIS D 22 6.66 -18.40 -39.83
C HIS D 22 7.94 -18.88 -39.24
N HIS D 23 7.91 -19.82 -38.30
CA HIS D 23 9.15 -20.17 -37.54
C HIS D 23 9.28 -21.67 -37.46
N ALA D 24 9.13 -22.33 -38.59
CA ALA D 24 9.42 -23.77 -38.70
C ALA D 24 10.85 -23.99 -38.19
N ASN D 25 11.01 -25.09 -37.49
CA ASN D 25 12.35 -25.60 -37.13
C ASN D 25 13.12 -24.68 -36.21
N GLU D 26 12.47 -23.70 -35.61
CA GLU D 26 13.14 -22.83 -34.62
C GLU D 26 12.52 -22.99 -33.25
N ASN D 27 13.24 -22.61 -32.22
CA ASN D 27 12.61 -22.33 -30.91
C ASN D 27 11.53 -21.28 -31.00
N ILE D 28 10.46 -21.44 -30.25
CA ILE D 28 9.48 -20.37 -30.11
C ILE D 28 9.39 -19.99 -28.67
N PHE D 29 9.14 -18.70 -28.35
CA PHE D 29 9.00 -18.50 -26.85
C PHE D 29 8.31 -17.16 -26.62
N TYR D 30 7.26 -17.09 -25.84
CA TYR D 30 6.60 -15.78 -25.68
C TYR D 30 5.76 -15.78 -24.42
N CYS D 31 5.30 -14.59 -24.05
CA CYS D 31 4.56 -14.46 -22.77
C CYS D 31 3.19 -13.89 -23.05
N PRO D 32 2.17 -14.79 -23.04
CA PRO D 32 0.84 -14.39 -23.47
C PRO D 32 0.27 -13.34 -22.53
N ILE D 33 0.55 -13.52 -21.24
CA ILE D 33 -0.12 -12.61 -20.29
C ILE D 33 0.45 -11.19 -20.44
N ALA D 34 1.74 -11.07 -20.77
CA ALA D 34 2.31 -9.68 -20.92
C ALA D 34 1.76 -9.11 -22.25
N ILE D 35 1.64 -9.87 -23.33
CA ILE D 35 1.01 -9.32 -24.58
C ILE D 35 -0.40 -8.88 -24.24
N MET D 36 -1.15 -9.70 -23.42
CA MET D 36 -2.52 -9.28 -23.16
C MET D 36 -2.55 -7.93 -22.43
N SER D 37 -1.64 -7.75 -21.46
CA SER D 37 -1.70 -6.47 -20.73
C SER D 37 -1.26 -5.27 -21.63
N ALA D 38 -0.36 -5.46 -22.57
CA ALA D 38 -0.02 -4.48 -23.56
C ALA D 38 -1.26 -4.09 -24.36
N LEU D 39 -1.92 -5.08 -24.94
CA LEU D 39 -3.22 -4.78 -25.60
C LEU D 39 -4.25 -4.20 -24.67
N ALA D 40 -4.37 -4.53 -23.38
CA ALA D 40 -5.40 -3.99 -22.48
C ALA D 40 -5.23 -2.46 -22.32
N MET D 41 -4.00 -1.98 -22.36
CA MET D 41 -3.70 -0.53 -22.25
C MET D 41 -4.31 0.24 -23.45
N VAL D 42 -4.10 -0.41 -24.60
CA VAL D 42 -4.67 0.09 -25.88
C VAL D 42 -6.19 0.02 -25.88
N TYR D 43 -6.73 -1.08 -25.45
CA TYR D 43 -8.16 -1.41 -25.41
C TYR D 43 -8.93 -0.32 -24.63
N LEU D 44 -8.31 0.11 -23.53
CA LEU D 44 -8.86 1.23 -22.77
C LEU D 44 -9.19 2.43 -23.64
N GLY D 45 -8.40 2.80 -24.64
CA GLY D 45 -8.81 4.02 -25.38
C GLY D 45 -9.39 3.71 -26.74
N ALA D 46 -9.77 2.46 -26.98
CA ALA D 46 -10.18 2.01 -28.33
C ALA D 46 -11.69 2.19 -28.43
N LYS D 47 -12.17 2.49 -29.63
CA LYS D 47 -13.63 2.68 -29.82
C LYS D 47 -14.03 1.93 -31.10
N ASP D 48 -15.36 1.70 -31.18
CA ASP D 48 -15.91 1.25 -32.47
C ASP D 48 -15.24 -0.03 -32.92
N SER D 49 -14.93 -0.16 -34.21
CA SER D 49 -14.53 -1.54 -34.62
C SER D 49 -13.11 -1.85 -34.15
N THR D 50 -12.30 -0.86 -33.79
CA THR D 50 -10.93 -1.02 -33.32
C THR D 50 -11.00 -1.87 -32.02
N ARG D 51 -11.86 -1.41 -31.14
CA ARG D 51 -12.12 -2.05 -29.86
C ARG D 51 -12.72 -3.44 -30.08
N THR D 52 -13.65 -3.58 -31.00
CA THR D 52 -14.41 -4.79 -31.26
C THR D 52 -13.45 -5.89 -31.67
N GLN D 53 -12.55 -5.54 -32.58
CA GLN D 53 -11.54 -6.46 -33.11
C GLN D 53 -10.59 -6.99 -32.03
N ILE D 54 -10.13 -6.08 -31.18
CA ILE D 54 -9.36 -6.45 -29.99
C ILE D 54 -10.20 -7.38 -29.10
N ASN D 55 -11.40 -6.96 -28.82
CA ASN D 55 -12.30 -7.72 -27.92
C ASN D 55 -12.50 -9.14 -28.49
N LYS D 56 -12.87 -9.28 -29.75
CA LYS D 56 -12.91 -10.60 -30.40
C LYS D 56 -11.64 -11.42 -30.17
N VAL D 57 -10.45 -10.96 -30.52
CA VAL D 57 -9.27 -11.82 -30.66
C VAL D 57 -8.64 -12.19 -29.31
N VAL D 58 -8.73 -11.27 -28.36
CA VAL D 58 -7.92 -11.31 -27.16
C VAL D 58 -8.91 -11.84 -26.09
N ARG D 59 -10.21 -11.68 -26.37
CA ARG D 59 -11.20 -12.25 -25.46
C ARG D 59 -11.36 -11.58 -24.11
N PHE D 60 -11.33 -10.25 -24.12
CA PHE D 60 -11.59 -9.42 -22.94
C PHE D 60 -13.07 -9.44 -22.52
N ASP D 61 -13.89 -9.71 -23.48
CA ASP D 61 -15.31 -9.88 -23.55
C ASP D 61 -15.83 -10.41 -22.23
N LYS D 62 -15.45 -11.64 -21.85
CA LYS D 62 -16.12 -12.14 -20.62
C LYS D 62 -15.40 -11.91 -19.32
N LEU D 63 -14.28 -11.17 -19.29
CA LEU D 63 -13.43 -11.08 -18.11
C LEU D 63 -13.93 -10.07 -17.09
N PRO D 64 -13.66 -10.43 -15.86
CA PRO D 64 -13.97 -9.56 -14.72
C PRO D 64 -13.00 -8.40 -14.78
N GLY D 65 -13.57 -7.20 -14.72
CA GLY D 65 -12.80 -5.94 -14.70
C GLY D 65 -12.89 -5.28 -16.08
N PHE D 66 -13.48 -5.95 -17.06
CA PHE D 66 -13.39 -5.48 -18.45
C PHE D 66 -14.73 -4.94 -18.98
N GLY D 67 -15.79 -5.05 -18.22
CA GLY D 67 -17.09 -4.46 -18.72
C GLY D 67 -16.94 -3.00 -19.13
N ASP D 68 -17.83 -2.46 -19.98
CA ASP D 68 -17.61 -1.10 -20.53
C ASP D 68 -17.99 -0.03 -19.47
N SER D 69 -18.82 -0.45 -18.55
CA SER D 69 -19.22 0.35 -17.37
C SER D 69 -18.07 0.60 -16.41
N ILE D 70 -17.49 -0.52 -15.93
CA ILE D 70 -16.37 -0.45 -14.99
C ILE D 70 -15.23 0.33 -15.67
N GLU D 71 -15.06 0.06 -16.98
CA GLU D 71 -13.91 0.72 -17.65
C GLU D 71 -14.11 2.23 -17.68
N ALA D 72 -15.37 2.65 -17.86
CA ALA D 72 -15.63 4.10 -17.88
C ALA D 72 -15.20 4.72 -16.56
N GLN D 73 -15.06 3.82 -15.59
CA GLN D 73 -14.84 4.30 -14.19
C GLN D 73 -13.36 4.32 -13.94
N CYS D 74 -12.61 4.15 -15.05
CA CYS D 74 -11.19 3.90 -15.00
C CYS D 74 -10.50 4.70 -13.90
N GLY D 75 -10.69 6.01 -13.98
CA GLY D 75 -9.73 6.85 -13.16
C GLY D 75 -10.23 7.01 -11.75
N THR D 76 -10.87 5.98 -11.22
CA THR D 76 -11.08 5.92 -9.74
C THR D 76 -10.85 4.52 -9.19
N SER D 77 -11.73 3.60 -9.56
CA SER D 77 -11.88 2.26 -9.04
C SER D 77 -10.69 1.33 -9.23
N VAL D 78 -10.36 0.70 -8.10
CA VAL D 78 -9.26 -0.28 -8.01
C VAL D 78 -9.68 -1.54 -8.76
N ASN D 79 -10.92 -1.45 -9.31
CA ASN D 79 -11.39 -2.79 -9.81
C ASN D 79 -11.07 -2.89 -11.31
N VAL D 80 -10.53 -1.85 -11.95
CA VAL D 80 -10.62 -1.85 -13.45
C VAL D 80 -9.65 -2.91 -13.96
N HIS D 81 -10.10 -3.80 -14.84
CA HIS D 81 -9.16 -4.86 -15.31
C HIS D 81 -8.61 -5.78 -14.26
N SER D 82 -9.37 -5.95 -13.19
CA SER D 82 -8.86 -6.66 -11.99
C SER D 82 -8.31 -8.05 -12.32
N SER D 83 -9.06 -8.81 -13.14
CA SER D 83 -8.63 -10.19 -13.47
C SER D 83 -7.25 -10.31 -14.08
N LEU D 84 -6.83 -9.36 -14.90
CA LEU D 84 -5.51 -9.37 -15.48
C LEU D 84 -4.45 -8.78 -14.54
N ARG D 85 -4.79 -7.66 -13.94
CA ARG D 85 -3.94 -6.85 -13.09
C ARG D 85 -3.59 -7.57 -11.80
N ASP D 86 -4.58 -8.36 -11.32
CA ASP D 86 -4.28 -9.14 -10.10
C ASP D 86 -3.08 -10.05 -10.37
N ILE D 87 -3.06 -10.65 -11.55
CA ILE D 87 -1.95 -11.61 -11.84
C ILE D 87 -0.69 -10.81 -11.97
N LEU D 88 -0.80 -9.69 -12.73
CA LEU D 88 0.47 -8.95 -13.02
C LEU D 88 1.03 -8.40 -11.70
N ASN D 89 0.09 -7.88 -10.91
CA ASN D 89 0.56 -7.27 -9.62
C ASN D 89 1.31 -8.34 -8.84
N GLN D 90 0.82 -9.57 -8.93
CA GLN D 90 1.36 -10.69 -8.11
C GLN D 90 2.79 -10.96 -8.57
N ILE D 91 3.01 -11.14 -9.85
CA ILE D 91 4.28 -11.70 -10.32
C ILE D 91 5.37 -10.61 -10.34
N THR D 92 5.01 -9.31 -10.32
CA THR D 92 6.00 -8.26 -10.50
C THR D 92 6.57 -7.74 -9.17
N LYS D 93 5.94 -8.03 -8.07
CA LYS D 93 6.36 -7.77 -6.68
C LYS D 93 7.65 -8.50 -6.40
N PRO D 94 8.61 -7.84 -5.78
CA PRO D 94 9.87 -8.52 -5.40
C PRO D 94 9.56 -9.75 -4.52
N ASN D 95 10.32 -10.83 -4.76
CA ASN D 95 10.12 -12.03 -3.93
C ASN D 95 11.38 -12.83 -3.89
N ASP D 96 11.34 -13.81 -2.97
CA ASP D 96 12.64 -14.46 -2.68
C ASP D 96 12.79 -15.70 -3.53
N VAL D 97 11.80 -16.00 -4.34
CA VAL D 97 11.93 -17.30 -5.10
C VAL D 97 11.91 -17.14 -6.61
N TYR D 98 11.37 -16.05 -7.11
CA TYR D 98 11.61 -15.86 -8.60
C TYR D 98 11.78 -14.38 -8.88
N SER D 99 12.14 -14.06 -10.13
CA SER D 99 12.27 -12.62 -10.49
C SER D 99 11.57 -12.49 -11.83
N PHE D 100 10.62 -11.62 -11.91
CA PHE D 100 10.07 -11.08 -13.20
C PHE D 100 10.44 -9.61 -13.41
N SER D 101 10.88 -9.30 -14.63
CA SER D 101 11.06 -7.83 -14.98
C SER D 101 10.21 -7.56 -16.22
N LEU D 102 9.23 -6.70 -16.14
CA LEU D 102 8.38 -6.33 -17.29
C LEU D 102 8.73 -4.88 -17.68
N ALA D 103 8.96 -4.67 -18.94
CA ALA D 103 9.04 -3.29 -19.53
C ALA D 103 7.97 -3.22 -20.65
N SER D 104 6.88 -2.57 -20.30
CA SER D 104 5.74 -2.52 -21.21
C SER D 104 5.27 -1.04 -21.26
N ARG D 105 5.27 -0.47 -22.46
CA ARG D 105 5.04 0.97 -22.63
C ARG D 105 4.51 1.25 -24.06
N LEU D 106 3.66 2.25 -24.10
CA LEU D 106 3.31 2.94 -25.39
C LEU D 106 4.11 4.23 -25.51
N TYR D 107 4.90 4.42 -26.53
CA TYR D 107 5.47 5.79 -26.81
C TYR D 107 4.65 6.48 -27.91
N ALA D 108 4.07 7.63 -27.64
CA ALA D 108 3.15 8.31 -28.65
C ALA D 108 3.88 9.57 -29.14
N GLU D 109 3.88 9.84 -30.44
CA GLU D 109 4.43 11.13 -30.96
C GLU D 109 3.94 12.28 -30.10
N GLU D 110 4.86 13.17 -29.69
CA GLU D 110 4.49 14.17 -28.65
C GLU D 110 3.50 15.22 -29.15
N ARG D 111 3.33 15.40 -30.47
CA ARG D 111 2.35 16.41 -30.93
C ARG D 111 0.92 16.02 -30.58
N TYR D 112 0.67 14.75 -30.25
CA TYR D 112 -0.74 14.33 -30.05
C TYR D 112 -1.18 14.69 -28.66
N PRO D 113 -2.33 15.35 -28.60
CA PRO D 113 -2.85 15.67 -27.25
C PRO D 113 -3.37 14.36 -26.68
N ILE D 114 -2.96 14.04 -25.46
CA ILE D 114 -3.56 12.85 -24.81
C ILE D 114 -4.71 13.27 -23.89
N LEU D 115 -5.86 12.63 -23.92
CA LEU D 115 -6.98 12.89 -23.00
C LEU D 115 -6.55 12.70 -21.54
N PRO D 116 -6.80 13.69 -20.69
CA PRO D 116 -6.34 13.60 -19.30
C PRO D 116 -6.95 12.39 -18.60
N GLU D 117 -8.12 11.95 -19.06
CA GLU D 117 -8.80 10.85 -18.28
C GLU D 117 -8.14 9.54 -18.65
N TYR D 118 -7.55 9.50 -19.84
CA TYR D 118 -6.76 8.34 -20.30
C TYR D 118 -5.45 8.23 -19.55
N LEU D 119 -4.76 9.35 -19.42
CA LEU D 119 -3.44 9.37 -18.78
C LEU D 119 -3.57 8.94 -17.30
N GLN D 120 -4.57 9.48 -16.68
CA GLN D 120 -4.90 9.24 -15.26
C GLN D 120 -5.11 7.73 -15.09
N CYS D 121 -5.93 7.25 -16.00
CA CYS D 121 -6.27 5.85 -16.14
C CYS D 121 -5.08 4.90 -16.17
N VAL D 122 -4.29 5.00 -17.24
CA VAL D 122 -3.23 3.99 -17.43
C VAL D 122 -2.26 4.13 -16.26
N LYS D 123 -2.08 5.37 -15.82
CA LYS D 123 -0.98 5.53 -14.83
C LYS D 123 -1.47 4.87 -13.56
N GLU D 124 -2.77 5.01 -13.28
CA GLU D 124 -3.41 4.19 -12.20
C GLU D 124 -3.15 2.70 -12.42
N LEU D 125 -3.42 2.10 -13.58
CA LEU D 125 -3.53 0.65 -13.72
C LEU D 125 -2.26 -0.07 -14.14
N TYR D 126 -1.46 0.51 -14.99
CA TYR D 126 -0.34 -0.13 -15.67
C TYR D 126 0.95 0.70 -15.58
N ARG D 127 1.96 0.14 -14.96
CA ARG D 127 3.34 0.63 -15.13
C ARG D 127 3.72 0.66 -16.62
N GLY D 128 4.70 1.54 -16.79
CA GLY D 128 5.17 1.83 -18.18
C GLY D 128 4.30 3.05 -18.60
N GLY D 129 3.03 2.76 -18.73
CA GLY D 129 2.04 3.58 -19.29
C GLY D 129 2.36 4.00 -20.72
N LEU D 130 2.15 5.30 -20.86
CA LEU D 130 2.29 6.06 -22.09
C LEU D 130 3.28 7.21 -21.84
N GLU D 131 4.19 7.36 -22.74
CA GLU D 131 5.27 8.37 -22.70
C GLU D 131 5.27 9.08 -24.06
N PRO D 132 5.20 10.41 -24.03
CA PRO D 132 5.29 11.19 -25.34
C PRO D 132 6.75 11.22 -25.71
N ILE D 133 7.10 11.26 -26.95
CA ILE D 133 8.45 11.32 -27.47
C ILE D 133 8.44 11.97 -28.86
N ASN D 134 9.58 12.38 -29.34
CA ASN D 134 9.62 13.15 -30.61
C ASN D 134 10.13 12.19 -31.68
N PHE D 135 9.19 11.76 -32.54
CA PHE D 135 9.54 10.93 -33.69
C PHE D 135 9.66 11.86 -34.95
N GLN D 136 8.90 12.94 -34.87
CA GLN D 136 8.67 13.71 -36.17
C GLN D 136 10.04 14.21 -36.58
N THR D 137 10.80 14.83 -35.67
CA THR D 137 12.14 15.30 -36.10
C THR D 137 13.35 14.63 -35.52
N ALA D 138 13.20 13.64 -34.66
CA ALA D 138 14.38 13.07 -33.95
C ALA D 138 14.16 11.57 -33.76
N ALA D 139 13.74 10.94 -34.85
CA ALA D 139 13.33 9.53 -34.77
C ALA D 139 14.50 8.60 -34.48
N ASP D 140 15.72 8.90 -34.92
CA ASP D 140 16.82 7.97 -34.54
C ASP D 140 17.09 8.05 -33.03
N GLN D 141 17.03 9.27 -32.55
CA GLN D 141 17.12 9.59 -31.13
C GLN D 141 15.98 8.95 -30.34
N ALA D 142 14.79 8.91 -30.93
CA ALA D 142 13.65 8.26 -30.20
C ALA D 142 13.97 6.78 -30.07
N ARG D 143 14.49 6.22 -31.14
CA ARG D 143 14.76 4.77 -31.17
C ARG D 143 15.72 4.37 -30.07
N GLU D 144 16.83 5.09 -29.98
CA GLU D 144 17.84 4.98 -28.95
C GLU D 144 17.31 5.15 -27.56
N LEU D 145 16.43 6.13 -27.31
CA LEU D 145 15.87 6.27 -25.98
C LEU D 145 15.03 5.01 -25.64
N ILE D 146 14.24 4.58 -26.63
CA ILE D 146 13.34 3.42 -26.35
C ILE D 146 14.18 2.16 -26.03
N ASN D 147 15.13 1.91 -26.92
CA ASN D 147 16.04 0.79 -26.77
C ASN D 147 16.75 0.85 -25.43
N SER D 148 17.12 2.02 -24.97
CA SER D 148 17.83 2.14 -23.66
C SER D 148 16.99 1.88 -22.45
N TRP D 149 15.75 2.36 -22.52
CA TRP D 149 14.80 2.17 -21.42
C TRP D 149 14.55 0.65 -21.29
N VAL D 150 14.18 -0.02 -22.37
CA VAL D 150 13.94 -1.50 -22.24
C VAL D 150 15.22 -2.12 -21.65
N GLU D 151 16.37 -1.72 -22.13
CA GLU D 151 17.64 -2.41 -21.88
C GLU D 151 18.02 -2.25 -20.42
N SER D 152 17.79 -1.05 -19.94
CA SER D 152 17.90 -0.67 -18.53
C SER D 152 16.93 -1.41 -17.64
N GLN D 153 15.66 -1.45 -18.00
CA GLN D 153 14.65 -2.10 -17.17
C GLN D 153 14.79 -3.63 -17.14
N THR D 154 15.53 -4.21 -18.04
CA THR D 154 15.72 -5.66 -18.10
C THR D 154 17.13 -6.09 -17.71
N ASN D 155 17.81 -5.20 -16.99
CA ASN D 155 19.18 -5.32 -16.50
C ASN D 155 20.13 -5.72 -17.60
N GLY D 156 19.94 -5.18 -18.75
CA GLY D 156 20.94 -5.28 -19.81
C GLY D 156 20.57 -6.46 -20.69
N ILE D 157 19.45 -7.13 -20.30
CA ILE D 157 19.25 -8.44 -20.98
C ILE D 157 18.65 -8.28 -22.37
N ILE D 158 17.64 -7.44 -22.48
CA ILE D 158 16.94 -7.38 -23.79
C ILE D 158 17.50 -6.07 -24.43
N ARG D 159 18.22 -6.24 -25.48
CA ARG D 159 18.90 -5.17 -26.25
C ARG D 159 18.29 -5.00 -27.62
N ASN D 160 18.36 -3.76 -28.13
CA ASN D 160 18.13 -3.54 -29.57
C ASN D 160 16.74 -4.02 -29.93
N VAL D 161 15.80 -3.77 -28.98
CA VAL D 161 14.43 -4.22 -29.25
C VAL D 161 13.86 -3.57 -30.50
N LEU D 162 14.02 -2.28 -30.79
CA LEU D 162 13.71 -1.66 -32.07
C LEU D 162 14.95 -1.65 -32.97
N GLN D 163 14.68 -2.18 -34.12
CA GLN D 163 15.64 -2.44 -35.23
C GLN D 163 15.85 -1.11 -35.92
N PRO D 164 17.09 -0.81 -36.37
CA PRO D 164 17.37 0.37 -37.20
C PRO D 164 16.32 0.50 -38.30
N SER D 165 15.89 1.71 -38.53
CA SER D 165 14.82 2.08 -39.43
C SER D 165 13.46 1.53 -39.16
N SER D 166 13.20 1.04 -37.94
CA SER D 166 11.80 0.70 -37.58
C SER D 166 10.97 1.94 -37.24
N VAL D 167 11.65 3.06 -37.00
CA VAL D 167 10.93 4.29 -36.47
C VAL D 167 11.34 5.39 -37.45
N ASP D 168 10.45 6.28 -37.76
CA ASP D 168 10.89 7.44 -38.63
C ASP D 168 9.93 8.58 -38.34
N SER D 169 9.99 9.61 -39.19
CA SER D 169 9.25 10.85 -38.93
C SER D 169 7.78 10.56 -38.98
N GLN D 170 7.41 9.44 -39.64
CA GLN D 170 5.95 9.24 -39.81
C GLN D 170 5.47 8.30 -38.68
N THR D 171 6.39 7.84 -37.83
CA THR D 171 5.93 7.09 -36.63
C THR D 171 4.94 7.82 -35.74
N ALA D 172 3.81 7.17 -35.44
CA ALA D 172 2.80 7.71 -34.52
C ALA D 172 2.87 7.17 -33.10
N MET D 173 2.91 5.83 -32.95
CA MET D 173 2.94 5.22 -31.57
C MET D 173 3.60 3.87 -31.74
N VAL D 174 4.45 3.60 -30.78
CA VAL D 174 5.19 2.33 -30.69
C VAL D 174 4.78 1.60 -29.36
N LEU D 175 4.50 0.32 -29.57
CA LEU D 175 4.22 -0.54 -28.33
C LEU D 175 5.43 -1.44 -28.10
N VAL D 176 6.04 -1.32 -26.92
CA VAL D 176 7.19 -2.20 -26.59
C VAL D 176 6.72 -3.07 -25.35
N ASN D 177 7.08 -4.36 -25.45
CA ASN D 177 6.60 -5.30 -24.41
C ASN D 177 7.69 -6.34 -24.29
N ALA D 178 8.42 -6.25 -23.17
CA ALA D 178 9.57 -7.17 -23.01
C ALA D 178 9.52 -7.72 -21.58
N ILE D 179 9.97 -8.95 -21.47
CA ILE D 179 9.82 -9.64 -20.11
C ILE D 179 11.01 -10.51 -19.97
N VAL D 180 11.52 -10.54 -18.71
CA VAL D 180 12.59 -11.46 -18.31
C VAL D 180 12.08 -12.26 -17.07
N PHE D 181 12.32 -13.54 -17.12
CA PHE D 181 11.90 -14.45 -16.02
C PHE D 181 13.09 -15.25 -15.58
N LYS D 182 13.25 -15.41 -14.26
CA LYS D 182 14.11 -16.48 -13.72
C LYS D 182 13.41 -16.96 -12.43
N GLY D 183 13.36 -18.28 -12.32
CA GLY D 183 12.55 -18.92 -11.19
C GLY D 183 13.42 -20.02 -10.59
N LEU D 184 13.29 -20.21 -9.22
CA LEU D 184 13.85 -21.41 -8.59
C LEU D 184 12.80 -22.58 -8.66
N TRP D 185 13.31 -23.76 -8.97
CA TRP D 185 12.43 -24.95 -8.81
C TRP D 185 12.08 -25.23 -7.36
N GLU D 186 11.01 -25.97 -7.10
CA GLU D 186 10.86 -26.38 -5.68
C GLU D 186 11.94 -27.38 -5.37
N LYS D 187 12.12 -28.26 -6.33
CA LYS D 187 13.14 -29.31 -6.17
C LYS D 187 14.30 -29.11 -7.11
N ALA D 188 15.45 -28.86 -6.52
CA ALA D 188 16.66 -28.54 -7.24
C ALA D 188 17.20 -29.77 -7.92
N PHE D 189 17.83 -29.56 -9.04
CA PHE D 189 18.69 -30.50 -9.77
C PHE D 189 20.11 -30.29 -9.22
N LYS D 190 20.86 -31.36 -9.06
CA LYS D 190 22.21 -31.15 -8.50
C LYS D 190 23.11 -30.88 -9.71
N ASP D 191 24.02 -29.90 -9.58
CA ASP D 191 24.99 -29.59 -10.59
C ASP D 191 25.82 -30.81 -10.95
N GLU D 192 26.24 -31.53 -9.93
CA GLU D 192 27.08 -32.71 -10.29
C GLU D 192 26.29 -33.65 -11.18
N ASP D 193 24.96 -33.64 -11.15
CA ASP D 193 24.20 -34.63 -11.98
C ASP D 193 24.12 -34.26 -13.43
N THR D 194 24.40 -32.99 -13.75
CA THR D 194 24.30 -32.45 -15.10
C THR D 194 25.45 -32.94 -15.96
N GLN D 195 25.14 -33.39 -17.17
CA GLN D 195 26.18 -33.97 -18.04
C GLN D 195 25.79 -33.65 -19.50
N ALA D 196 26.78 -33.72 -20.33
CA ALA D 196 26.55 -33.35 -21.79
C ALA D 196 25.89 -34.62 -22.33
N MET D 197 24.85 -34.48 -23.10
CA MET D 197 24.21 -35.72 -23.69
C MET D 197 23.67 -35.27 -25.02
N PRO D 198 23.45 -36.18 -25.96
CA PRO D 198 23.00 -35.78 -27.30
C PRO D 198 21.54 -35.38 -27.29
N PHE D 199 21.24 -34.25 -27.94
CA PHE D 199 19.85 -33.82 -28.10
C PHE D 199 19.52 -34.09 -29.57
N ARG D 200 18.50 -34.87 -29.80
CA ARG D 200 18.10 -35.17 -31.19
C ARG D 200 17.17 -34.16 -31.79
N VAL D 201 17.70 -33.15 -32.46
CA VAL D 201 16.91 -32.10 -33.19
C VAL D 201 16.08 -32.72 -34.31
N THR D 202 16.69 -33.63 -35.09
CA THR D 202 15.88 -34.38 -36.06
C THR D 202 16.18 -35.86 -35.97
N GLU D 203 15.68 -36.58 -36.98
CA GLU D 203 16.07 -38.03 -36.97
C GLU D 203 17.56 -38.11 -37.22
N GLN D 204 18.09 -37.13 -37.94
CA GLN D 204 19.43 -37.23 -38.54
C GLN D 204 20.51 -36.40 -37.88
N GLU D 205 20.13 -35.41 -37.09
CA GLU D 205 21.04 -34.46 -36.45
C GLU D 205 20.88 -34.54 -34.92
N SER D 206 21.97 -34.32 -34.24
CA SER D 206 22.04 -34.34 -32.77
C SER D 206 23.05 -33.25 -32.40
N LYS D 207 22.83 -32.62 -31.30
CA LYS D 207 23.81 -31.63 -30.74
C LYS D 207 24.01 -32.10 -29.29
N PRO D 208 25.21 -32.03 -28.77
CA PRO D 208 25.34 -32.22 -27.31
C PRO D 208 24.69 -31.09 -26.57
N VAL D 209 23.95 -31.32 -25.52
CA VAL D 209 23.53 -30.21 -24.59
C VAL D 209 23.86 -30.64 -23.17
N GLN D 210 23.74 -29.71 -22.26
CA GLN D 210 23.89 -29.94 -20.84
C GLN D 210 22.52 -30.41 -20.29
N MET D 211 22.46 -31.69 -19.97
CA MET D 211 21.15 -32.34 -19.65
C MET D 211 21.08 -32.37 -18.14
N MET D 212 20.11 -31.70 -17.52
CA MET D 212 19.99 -31.84 -16.05
C MET D 212 19.27 -33.19 -15.69
N TYR D 213 19.53 -33.67 -14.47
CA TYR D 213 18.92 -34.97 -14.06
C TYR D 213 18.56 -34.99 -12.59
N GLN D 214 17.38 -35.54 -12.24
CA GLN D 214 17.10 -35.82 -10.82
C GLN D 214 16.07 -36.98 -10.77
N ILE D 215 15.91 -37.52 -9.62
CA ILE D 215 14.75 -38.36 -9.27
C ILE D 215 13.86 -37.68 -8.28
N GLY D 216 12.58 -37.62 -8.55
CA GLY D 216 11.66 -36.87 -7.68
C GLY D 216 10.26 -37.47 -7.85
N LEU D 217 9.38 -36.98 -6.99
CA LEU D 217 7.95 -37.31 -7.05
C LEU D 217 7.29 -36.17 -7.81
N PHE D 218 6.81 -36.49 -9.00
CA PHE D 218 6.20 -35.47 -9.83
C PHE D 218 4.87 -36.00 -10.38
N ARG D 219 3.93 -35.09 -10.61
CA ARG D 219 2.81 -35.32 -11.53
C ARG D 219 3.22 -35.59 -12.96
N VAL D 220 2.86 -36.75 -13.44
CA VAL D 220 3.16 -37.17 -14.82
C VAL D 220 1.93 -37.90 -15.39
N ALA D 221 1.83 -38.03 -16.67
CA ALA D 221 0.80 -38.66 -17.51
C ALA D 221 1.47 -39.13 -18.78
N SER D 222 1.28 -40.40 -19.09
CA SER D 222 1.85 -41.06 -20.27
C SER D 222 0.69 -41.48 -21.12
N MET D 223 0.69 -41.11 -22.39
CA MET D 223 -0.61 -41.19 -23.16
C MET D 223 -0.36 -41.99 -24.43
N ALA D 224 -1.01 -43.15 -24.50
CA ALA D 224 -0.79 -44.15 -25.57
C ALA D 224 -1.27 -43.53 -26.90
N SER D 225 -2.46 -42.96 -26.89
CA SER D 225 -3.09 -42.58 -28.21
C SER D 225 -2.40 -41.34 -28.78
N GLU D 226 -2.14 -40.39 -27.85
CA GLU D 226 -1.37 -39.20 -28.29
C GLU D 226 0.10 -39.51 -28.47
N LYS D 227 0.55 -40.66 -28.01
CA LYS D 227 1.98 -41.00 -28.01
C LYS D 227 2.85 -39.87 -27.47
N MET D 228 2.48 -39.45 -26.27
CA MET D 228 3.25 -38.38 -25.56
C MET D 228 3.20 -38.63 -24.05
N LYS D 229 4.02 -37.91 -23.32
CA LYS D 229 4.08 -37.85 -21.84
C LYS D 229 4.04 -36.37 -21.44
N ILE D 230 3.39 -36.02 -20.36
CA ILE D 230 3.43 -34.66 -19.81
C ILE D 230 4.04 -34.78 -18.39
N LEU D 231 4.92 -33.91 -18.04
CA LEU D 231 5.56 -33.75 -16.70
C LEU D 231 5.20 -32.37 -16.14
N GLU D 232 4.82 -32.29 -14.89
CA GLU D 232 4.65 -31.01 -14.22
C GLU D 232 5.80 -30.84 -13.23
N LEU D 233 6.52 -29.72 -13.36
CA LEU D 233 7.53 -29.27 -12.39
C LEU D 233 7.17 -27.94 -11.72
N PRO D 234 6.91 -27.99 -10.44
CA PRO D 234 6.48 -26.80 -9.68
C PRO D 234 7.71 -25.92 -9.41
N PHE D 235 7.47 -24.64 -9.43
CA PHE D 235 8.43 -23.59 -9.01
C PHE D 235 8.29 -23.43 -7.50
N ALA D 236 9.40 -23.02 -6.92
CA ALA D 236 9.47 -22.82 -5.47
C ALA D 236 8.36 -21.99 -4.91
N SER D 237 7.80 -21.05 -5.63
CA SER D 237 6.77 -20.22 -4.86
C SER D 237 5.53 -20.98 -4.46
N GLY D 238 5.24 -22.12 -5.08
CA GLY D 238 3.93 -22.82 -5.08
C GLY D 238 2.87 -22.05 -5.85
N THR D 239 3.26 -21.10 -6.72
CA THR D 239 2.29 -20.31 -7.47
C THR D 239 2.36 -20.55 -8.99
N MET D 240 3.37 -21.28 -9.41
CA MET D 240 3.53 -21.52 -10.88
C MET D 240 4.08 -22.93 -11.05
N SER D 241 3.87 -23.46 -12.25
CA SER D 241 4.56 -24.80 -12.52
C SER D 241 4.91 -24.82 -13.99
N MET D 242 5.88 -25.61 -14.41
CA MET D 242 6.14 -25.84 -15.82
C MET D 242 5.57 -27.20 -16.22
N LEU D 243 4.84 -27.23 -17.31
CA LEU D 243 4.39 -28.50 -17.93
C LEU D 243 5.28 -28.76 -19.11
N VAL D 244 5.82 -29.89 -19.25
CA VAL D 244 6.66 -30.26 -20.41
C VAL D 244 5.87 -31.31 -21.21
N LEU D 245 5.66 -31.04 -22.52
CA LEU D 245 4.86 -32.05 -23.32
C LEU D 245 5.84 -32.66 -24.28
N LEU D 246 6.14 -33.92 -24.10
CA LEU D 246 7.20 -34.56 -24.91
C LEU D 246 6.60 -35.69 -25.74
N PRO D 247 6.62 -35.51 -27.04
CA PRO D 247 6.29 -36.65 -27.94
C PRO D 247 7.22 -37.83 -27.71
N ASP D 248 6.73 -39.05 -27.89
CA ASP D 248 7.53 -40.29 -27.83
C ASP D 248 8.58 -40.27 -28.93
N GLU D 249 8.23 -39.73 -30.10
CA GLU D 249 9.25 -39.80 -31.21
C GLU D 249 9.72 -38.43 -31.58
N VAL D 250 10.96 -38.38 -32.07
CA VAL D 250 11.44 -37.09 -32.66
C VAL D 250 10.39 -36.46 -33.58
N SER D 251 9.80 -37.28 -34.45
CA SER D 251 8.93 -36.84 -35.52
C SER D 251 7.54 -36.45 -35.06
N GLY D 252 7.23 -36.61 -33.80
CA GLY D 252 5.83 -36.57 -33.31
C GLY D 252 5.42 -35.15 -32.94
N LEU D 253 6.32 -34.18 -33.03
CA LEU D 253 5.99 -32.83 -32.54
C LEU D 253 4.93 -32.15 -33.40
N GLU D 254 5.03 -32.34 -34.71
CA GLU D 254 4.13 -31.62 -35.61
C GLU D 254 2.69 -31.96 -35.31
N GLN D 255 2.47 -33.25 -35.06
CA GLN D 255 1.06 -33.65 -34.76
C GLN D 255 0.58 -33.04 -33.46
N LEU D 256 1.54 -33.02 -32.48
CA LEU D 256 1.14 -32.46 -31.17
C LEU D 256 0.81 -30.97 -31.28
N GLU D 257 1.62 -30.26 -32.09
CA GLU D 257 1.28 -28.83 -32.33
C GLU D 257 -0.01 -28.65 -33.05
N SER D 258 -0.44 -29.59 -33.89
CA SER D 258 -1.81 -29.49 -34.48
C SER D 258 -2.94 -29.62 -33.46
N ILE D 259 -2.79 -30.44 -32.42
CA ILE D 259 -4.03 -30.63 -31.57
C ILE D 259 -4.08 -29.78 -30.35
N ILE D 260 -2.94 -29.12 -30.01
CA ILE D 260 -2.85 -28.51 -28.67
C ILE D 260 -3.81 -27.31 -28.61
N ASN D 261 -4.63 -27.25 -27.54
CA ASN D 261 -5.55 -26.12 -27.39
C ASN D 261 -5.96 -26.16 -25.95
N PHE D 262 -6.84 -25.28 -25.53
CA PHE D 262 -7.30 -25.18 -24.15
C PHE D 262 -7.98 -26.48 -23.71
N GLU D 263 -8.91 -26.93 -24.57
CA GLU D 263 -9.70 -28.14 -24.15
C GLU D 263 -8.76 -29.31 -23.93
N LYS D 264 -7.81 -29.51 -24.88
CA LYS D 264 -6.89 -30.64 -24.80
C LYS D 264 -6.00 -30.49 -23.56
N LEU D 265 -5.53 -29.27 -23.28
CA LEU D 265 -4.52 -29.16 -22.20
C LEU D 265 -5.25 -29.43 -20.89
N THR D 266 -6.46 -28.92 -20.84
CA THR D 266 -7.31 -29.21 -19.68
C THR D 266 -7.51 -30.72 -19.44
N GLU D 267 -7.85 -31.43 -20.47
CA GLU D 267 -8.12 -32.92 -20.41
C GLU D 267 -6.84 -33.55 -19.92
N TRP D 268 -5.70 -33.23 -20.53
CA TRP D 268 -4.41 -33.89 -20.28
C TRP D 268 -3.85 -33.64 -18.89
N THR D 269 -4.31 -32.61 -18.19
CA THR D 269 -3.65 -32.30 -16.89
C THR D 269 -4.66 -32.50 -15.77
N SER D 270 -5.76 -33.15 -16.12
CA SER D 270 -6.81 -33.46 -15.15
C SER D 270 -6.31 -34.58 -14.24
N SER D 271 -7.02 -34.70 -13.12
CA SER D 271 -6.53 -35.56 -11.99
C SER D 271 -6.84 -37.00 -12.30
N ASN D 272 -7.77 -37.25 -13.23
CA ASN D 272 -7.92 -38.64 -13.75
C ASN D 272 -6.67 -39.08 -14.45
N VAL D 273 -5.95 -38.05 -14.96
CA VAL D 273 -4.94 -38.43 -15.97
C VAL D 273 -3.56 -38.40 -15.31
N MET D 274 -3.31 -37.32 -14.58
CA MET D 274 -1.96 -37.12 -14.04
C MET D 274 -1.81 -37.77 -12.67
N GLU D 275 -0.74 -38.54 -12.58
CA GLU D 275 -0.53 -39.16 -11.23
C GLU D 275 0.81 -38.70 -10.72
N GLU D 276 0.89 -38.52 -9.41
CA GLU D 276 2.18 -38.42 -8.70
C GLU D 276 2.90 -39.74 -8.63
N ARG D 277 4.10 -39.75 -9.16
CA ARG D 277 4.93 -40.95 -9.34
C ARG D 277 6.38 -40.48 -9.07
N LYS D 278 7.16 -41.45 -8.63
CA LYS D 278 8.63 -41.05 -8.50
C LYS D 278 9.21 -41.36 -9.84
N ILE D 279 10.05 -40.46 -10.38
CA ILE D 279 10.43 -40.62 -11.82
C ILE D 279 11.81 -39.93 -11.96
N LYS D 280 12.56 -40.48 -12.86
CA LYS D 280 13.84 -39.98 -13.32
C LYS D 280 13.53 -38.92 -14.42
N VAL D 281 14.01 -37.72 -14.17
CA VAL D 281 13.69 -36.56 -15.08
C VAL D 281 15.01 -36.20 -15.74
N TYR D 282 15.10 -36.11 -17.06
CA TYR D 282 16.16 -35.51 -17.81
C TYR D 282 15.54 -34.27 -18.53
N LEU D 283 16.02 -33.12 -18.15
CA LEU D 283 15.67 -31.84 -18.80
C LEU D 283 16.92 -30.98 -19.14
N PRO D 284 16.96 -30.43 -20.37
CA PRO D 284 18.17 -29.63 -20.76
C PRO D 284 18.14 -28.32 -20.02
N ARG D 285 19.32 -27.79 -19.69
CA ARG D 285 19.44 -26.33 -19.40
C ARG D 285 18.97 -25.59 -20.69
N MET D 286 18.13 -24.59 -20.47
CA MET D 286 17.57 -23.82 -21.63
C MET D 286 17.84 -22.32 -21.38
N LYS D 287 18.24 -21.62 -22.46
CA LYS D 287 18.07 -20.12 -22.34
C LYS D 287 17.27 -19.67 -23.55
N MET D 288 16.10 -19.17 -23.26
CA MET D 288 15.09 -18.94 -24.38
C MET D 288 15.11 -17.40 -24.54
N GLU D 289 15.21 -16.91 -25.78
CA GLU D 289 14.96 -15.44 -25.89
C GLU D 289 14.48 -15.25 -27.34
N GLU D 290 13.36 -14.64 -27.44
CA GLU D 290 12.85 -14.50 -28.87
C GLU D 290 12.22 -13.11 -28.95
N LYS D 291 12.21 -12.57 -30.17
CA LYS D 291 11.50 -11.26 -30.32
C LYS D 291 10.58 -11.45 -31.54
N TYR D 292 9.38 -10.97 -31.43
CA TYR D 292 8.41 -11.02 -32.49
C TYR D 292 7.87 -9.62 -32.79
N ASN D 293 7.62 -9.53 -34.09
CA ASN D 293 6.82 -8.42 -34.64
C ASN D 293 5.36 -8.71 -34.43
N LEU D 294 4.83 -7.98 -33.45
CA LEU D 294 3.44 -8.20 -33.05
C LEU D 294 2.51 -7.79 -34.20
N THR D 295 2.99 -6.77 -34.94
CA THR D 295 2.04 -6.25 -35.94
C THR D 295 1.69 -7.36 -36.92
N SER D 296 2.71 -8.02 -37.49
CA SER D 296 2.39 -9.13 -38.40
C SER D 296 1.51 -10.19 -37.79
N VAL D 297 1.86 -10.62 -36.58
CA VAL D 297 1.13 -11.74 -35.96
C VAL D 297 -0.30 -11.31 -35.76
N LEU D 298 -0.49 -10.16 -35.09
CA LEU D 298 -1.85 -9.74 -34.73
C LEU D 298 -2.70 -9.42 -35.97
N MET D 299 -2.01 -8.90 -37.01
CA MET D 299 -2.88 -8.65 -38.21
C MET D 299 -3.39 -10.02 -38.72
N ALA D 300 -2.54 -11.04 -38.68
CA ALA D 300 -2.98 -12.35 -39.29
C ALA D 300 -4.17 -12.92 -38.55
N MET D 301 -4.31 -12.51 -37.30
CA MET D 301 -5.28 -13.01 -36.34
C MET D 301 -6.57 -12.21 -36.41
N GLY D 302 -6.50 -11.08 -37.14
CA GLY D 302 -7.65 -10.21 -37.32
C GLY D 302 -7.70 -8.97 -36.48
N ILE D 303 -6.61 -8.48 -35.93
CA ILE D 303 -6.59 -7.12 -35.34
C ILE D 303 -5.87 -6.26 -36.41
N THR D 304 -6.68 -5.47 -37.11
CA THR D 304 -6.13 -4.76 -38.33
C THR D 304 -6.32 -3.27 -38.24
N ASP D 305 -7.47 -2.81 -37.69
CA ASP D 305 -7.76 -1.35 -37.76
C ASP D 305 -6.69 -0.56 -36.96
N VAL D 306 -6.25 -1.16 -35.84
CA VAL D 306 -5.37 -0.46 -34.89
C VAL D 306 -4.05 -0.03 -35.51
N PHE D 307 -3.65 -0.78 -36.52
CA PHE D 307 -2.38 -0.59 -37.24
C PHE D 307 -2.58 0.29 -38.49
N SER D 308 -3.81 0.71 -38.68
CA SER D 308 -4.09 1.39 -40.02
C SER D 308 -4.67 2.76 -39.81
N SER D 309 -4.93 3.38 -40.97
CA SER D 309 -5.54 4.73 -40.95
C SER D 309 -6.93 4.67 -40.41
N SER D 310 -7.58 3.48 -40.46
CA SER D 310 -8.93 3.39 -39.89
C SER D 310 -8.98 3.34 -38.37
N ALA D 311 -7.78 3.39 -37.77
CA ALA D 311 -7.74 3.11 -36.32
C ALA D 311 -8.71 4.01 -35.59
N ASN D 312 -9.44 3.51 -34.59
CA ASN D 312 -10.20 4.46 -33.76
C ASN D 312 -9.66 4.39 -32.32
N LEU D 313 -8.71 5.27 -32.02
CA LEU D 313 -8.11 5.45 -30.69
C LEU D 313 -8.52 6.71 -29.98
N SER D 314 -9.80 7.03 -30.10
CA SER D 314 -10.31 8.35 -29.72
C SER D 314 -10.52 8.41 -28.25
N GLY D 315 -10.33 7.24 -27.62
CA GLY D 315 -10.25 7.35 -26.15
C GLY D 315 -8.84 7.69 -25.70
N ILE D 316 -7.82 7.66 -26.53
CA ILE D 316 -6.48 8.13 -26.13
C ILE D 316 -6.22 9.60 -26.54
N SER D 317 -6.48 9.90 -27.79
CA SER D 317 -6.23 11.23 -28.35
C SER D 317 -7.33 11.62 -29.35
N SER D 318 -7.52 12.94 -29.43
CA SER D 318 -8.47 13.54 -30.38
C SER D 318 -7.89 13.57 -31.77
N ALA D 319 -6.58 13.52 -31.88
CA ALA D 319 -5.95 13.63 -33.22
C ALA D 319 -6.24 12.43 -34.06
N GLU D 320 -6.50 12.64 -35.34
CA GLU D 320 -7.09 11.58 -36.19
C GLU D 320 -6.12 10.62 -36.84
N SER D 321 -4.84 10.85 -36.86
CA SER D 321 -3.83 9.94 -37.42
C SER D 321 -3.23 8.99 -36.38
N LEU D 322 -3.72 9.06 -35.17
CA LEU D 322 -3.15 8.10 -34.13
C LEU D 322 -3.45 6.65 -34.53
N LYS D 323 -2.41 5.86 -34.60
CA LYS D 323 -2.47 4.40 -34.81
C LYS D 323 -1.24 3.74 -34.19
N ILE D 324 -1.23 2.41 -34.16
CA ILE D 324 0.06 1.75 -33.80
C ILE D 324 0.93 1.54 -35.03
N SER D 325 2.11 2.13 -35.00
CA SER D 325 3.07 1.98 -36.09
C SER D 325 4.01 0.80 -35.94
N GLN D 326 4.35 0.42 -34.70
CA GLN D 326 5.23 -0.76 -34.48
C GLN D 326 4.80 -1.37 -33.11
N ALA D 327 4.89 -2.68 -33.04
CA ALA D 327 4.50 -3.43 -31.78
C ALA D 327 5.44 -4.59 -31.70
N VAL D 328 6.24 -4.61 -30.62
CA VAL D 328 7.27 -5.67 -30.61
C VAL D 328 7.13 -6.40 -29.22
N HIS D 329 7.35 -7.72 -29.27
CA HIS D 329 7.32 -8.52 -27.97
C HIS D 329 8.64 -9.25 -27.92
N ALA D 330 9.31 -9.13 -26.71
CA ALA D 330 10.52 -9.90 -26.49
C ALA D 330 10.44 -10.60 -25.11
N ALA D 331 10.91 -11.86 -25.12
CA ALA D 331 10.72 -12.68 -23.86
C ALA D 331 12.04 -13.39 -23.70
N HIS D 332 12.43 -13.44 -22.43
CA HIS D 332 13.71 -14.14 -22.15
C HIS D 332 13.52 -14.95 -20.85
N ALA D 333 14.02 -16.17 -20.87
CA ALA D 333 14.00 -16.99 -19.60
C ALA D 333 15.16 -17.93 -19.68
N GLU D 334 15.75 -18.14 -18.47
CA GLU D 334 16.79 -19.20 -18.43
C GLU D 334 16.24 -20.26 -17.44
N ILE D 335 16.46 -21.49 -17.84
CA ILE D 335 15.89 -22.61 -16.98
C ILE D 335 17.13 -23.44 -16.64
N ASN D 336 17.50 -23.50 -15.38
CA ASN D 336 18.66 -24.41 -15.10
C ASN D 336 18.40 -25.19 -13.81
N GLU D 337 19.45 -25.60 -13.11
CA GLU D 337 19.40 -26.45 -11.93
C GLU D 337 18.75 -25.82 -10.73
N ALA D 338 18.77 -24.48 -10.66
CA ALA D 338 18.51 -23.85 -9.35
C ALA D 338 17.19 -24.22 -8.73
N GLY D 339 17.23 -24.56 -7.44
CA GLY D 339 15.91 -24.85 -6.74
C GLY D 339 16.11 -24.66 -5.27
N ARG D 340 15.03 -24.89 -4.53
CA ARG D 340 15.03 -24.46 -3.12
C ARG D 340 15.50 -25.61 -2.25
N GLU D 341 15.06 -26.82 -2.61
CA GLU D 341 15.66 -27.96 -1.88
C GLU D 341 16.06 -29.13 -2.71
N VAL D 342 16.84 -29.96 -2.06
CA VAL D 342 17.31 -31.30 -2.53
C VAL D 342 16.84 -32.40 -1.56
N VAL D 343 16.58 -33.59 -2.02
CA VAL D 343 16.15 -34.73 -1.11
C VAL D 343 17.36 -35.13 -0.26
N GLY D 344 17.11 -35.52 0.98
CA GLY D 344 18.23 -35.95 1.87
C GLY D 344 18.67 -37.32 1.37
N SER D 345 19.81 -37.70 1.89
CA SER D 345 20.64 -38.81 1.44
C SER D 345 19.92 -40.15 1.62
N ALA D 346 19.31 -40.29 2.80
CA ALA D 346 18.63 -41.55 3.12
C ALA D 346 17.49 -41.78 2.14
N GLU D 347 16.71 -40.74 1.89
CA GLU D 347 15.53 -40.94 0.95
C GLU D 347 16.06 -41.09 -0.45
N ALA D 348 17.13 -40.34 -0.78
CA ALA D 348 17.64 -40.40 -2.17
C ALA D 348 18.16 -41.79 -2.55
N GLY D 349 18.71 -42.46 -1.54
CA GLY D 349 19.20 -43.83 -1.65
C GLY D 349 18.03 -44.76 -2.03
N VAL D 350 16.98 -44.68 -1.23
CA VAL D 350 15.72 -45.38 -1.53
C VAL D 350 15.18 -45.12 -2.95
N ASP D 351 15.12 -43.87 -3.35
CA ASP D 351 14.66 -43.46 -4.69
C ASP D 351 15.46 -44.07 -5.85
N ALA D 352 16.76 -43.89 -5.80
CA ALA D 352 17.70 -44.46 -6.80
C ALA D 352 17.36 -45.95 -6.98
N ALA D 353 17.25 -46.67 -5.88
CA ALA D 353 16.87 -48.09 -5.87
C ALA D 353 15.49 -48.43 -6.41
N SER D 354 14.46 -47.64 -6.09
CA SER D 354 13.09 -48.06 -6.32
C SER D 354 12.58 -47.55 -7.67
N VAL D 355 13.26 -46.60 -8.31
CA VAL D 355 12.62 -45.89 -9.47
C VAL D 355 13.05 -46.50 -10.80
N SER D 356 12.04 -46.75 -11.68
CA SER D 356 12.48 -47.18 -13.03
C SER D 356 11.92 -46.35 -14.15
N GLU D 357 10.81 -45.69 -13.93
CA GLU D 357 10.19 -44.94 -15.07
C GLU D 357 11.02 -43.66 -15.28
N GLU D 358 10.95 -43.12 -16.48
CA GLU D 358 11.73 -41.94 -16.81
C GLU D 358 10.96 -41.01 -17.76
N PHE D 359 11.33 -39.76 -17.67
CA PHE D 359 10.82 -38.68 -18.60
C PHE D 359 12.12 -38.10 -19.16
N ARG D 360 12.45 -38.37 -20.39
CA ARG D 360 13.78 -38.08 -20.93
C ARG D 360 13.62 -37.07 -22.09
N ALA D 361 13.60 -35.78 -21.77
CA ALA D 361 13.38 -34.68 -22.77
C ALA D 361 14.63 -34.48 -23.58
N ASP D 362 15.00 -35.46 -24.41
CA ASP D 362 16.19 -35.29 -25.30
C ASP D 362 15.84 -35.12 -26.76
N HIS D 363 14.65 -34.65 -27.01
CA HIS D 363 14.28 -34.30 -28.43
C HIS D 363 13.19 -33.24 -28.27
N PRO D 364 12.76 -32.61 -29.36
CA PRO D 364 12.02 -31.35 -29.21
C PRO D 364 10.74 -31.56 -28.42
N PHE D 365 10.39 -30.52 -27.67
CA PHE D 365 9.18 -30.63 -26.80
C PHE D 365 8.49 -29.27 -26.76
N LEU D 366 7.24 -29.23 -26.37
CA LEU D 366 6.57 -27.98 -25.96
C LEU D 366 6.63 -27.80 -24.44
N PHE D 367 6.43 -26.56 -24.00
CA PHE D 367 6.44 -26.30 -22.53
C PHE D 367 5.56 -25.10 -22.32
N CYS D 368 5.04 -25.11 -21.11
CA CYS D 368 4.06 -24.06 -20.74
C CYS D 368 4.42 -23.73 -19.30
N ILE D 369 4.51 -22.46 -18.95
CA ILE D 369 4.61 -22.11 -17.49
C ILE D 369 3.28 -21.49 -17.14
N LYS D 370 2.58 -22.07 -16.16
CA LYS D 370 1.23 -21.61 -15.80
C LYS D 370 1.18 -21.10 -14.38
N HIS D 371 0.22 -20.26 -14.14
CA HIS D 371 -0.17 -19.74 -12.80
C HIS D 371 -1.22 -20.72 -12.28
N ILE D 372 -0.82 -21.36 -11.18
CA ILE D 372 -1.61 -22.41 -10.56
C ILE D 372 -3.02 -21.93 -10.19
N ALA D 373 -3.17 -20.84 -9.46
CA ALA D 373 -4.56 -20.55 -8.94
C ALA D 373 -5.51 -20.38 -10.11
N THR D 374 -5.03 -19.77 -11.21
CA THR D 374 -6.00 -19.33 -12.25
C THR D 374 -5.91 -20.12 -13.54
N ASN D 375 -5.00 -21.07 -13.61
CA ASN D 375 -4.64 -21.74 -14.84
C ASN D 375 -4.32 -20.80 -16.00
N ALA D 376 -3.91 -19.57 -15.75
CA ALA D 376 -3.36 -18.65 -16.77
C ALA D 376 -2.03 -19.13 -17.32
N VAL D 377 -1.86 -18.98 -18.66
CA VAL D 377 -0.48 -19.30 -19.16
C VAL D 377 0.33 -18.02 -19.13
N LEU D 378 1.42 -18.08 -18.39
CA LEU D 378 2.46 -17.06 -18.31
C LEU D 378 3.44 -17.16 -19.46
N PHE D 379 3.94 -18.34 -19.78
CA PHE D 379 4.85 -18.52 -20.92
C PHE D 379 4.50 -19.80 -21.68
N PHE D 380 4.77 -19.77 -22.96
CA PHE D 380 4.52 -20.88 -23.89
C PHE D 380 5.70 -20.97 -24.84
N GLY D 381 6.24 -22.17 -25.07
CA GLY D 381 7.25 -22.31 -26.12
C GLY D 381 7.48 -23.69 -26.62
N ARG D 382 8.35 -23.72 -27.59
CA ARG D 382 8.75 -24.95 -28.34
C ARG D 382 10.26 -24.95 -28.24
N CYS D 383 10.83 -26.03 -27.68
CA CYS D 383 12.25 -26.17 -27.54
C CYS D 383 12.75 -27.18 -28.56
N VAL D 384 13.39 -26.66 -29.61
CA VAL D 384 14.03 -27.44 -30.69
C VAL D 384 15.55 -27.41 -30.44
N SER D 385 16.05 -26.31 -29.87
CA SER D 385 17.48 -26.14 -29.59
C SER D 385 17.80 -25.51 -28.26
N PRO D 386 18.14 -26.17 -27.16
CA PRO D 386 17.95 -25.50 -25.84
C PRO D 386 18.97 -24.40 -25.52
C1 NAG E . 3.43 2.78 31.87
C2 NAG E . 4.03 1.45 31.59
C3 NAG E . 4.18 0.65 32.88
C4 NAG E . 5.00 1.47 33.87
C5 NAG E . 4.50 2.92 34.00
C6 NAG E . 5.57 3.82 34.65
C7 NAG E . 3.68 0.45 29.38
C8 NAG E . 2.74 -0.02 28.34
N2 NAG E . 3.16 0.67 30.63
O3 NAG E . 4.85 -0.54 32.50
O4 NAG E . 4.85 0.92 35.21
O5 NAG E . 4.25 3.49 32.77
O6 NAG E . 4.90 4.71 35.46
O7 NAG E . 4.77 0.68 29.18
CA CA F . -4.85 26.71 -10.79
C1 NAG G . -22.57 8.32 -16.32
C2 NAG G . -21.42 8.96 -17.03
C3 NAG G . -21.91 10.02 -18.07
C4 NAG G . -23.02 9.34 -18.91
C5 NAG G . -24.11 8.83 -17.92
C6 NAG G . -25.30 8.28 -18.62
C7 NAG G . -19.28 9.44 -15.92
C8 NAG G . -18.57 10.23 -14.85
N2 NAG G . -20.61 9.69 -16.01
O3 NAG G . -20.80 10.16 -18.93
O4 NAG G . -23.57 10.22 -19.88
O5 NAG G . -23.46 7.72 -17.24
O6 NAG G . -25.06 7.15 -19.36
O7 NAG G . -18.84 8.57 -16.50
C1 NAG H . 37.25 -14.33 5.26
C2 NAG H . 37.81 -15.67 4.82
C3 NAG H . 38.00 -16.49 6.10
C4 NAG H . 38.92 -15.71 7.10
C5 NAG H . 38.13 -14.41 7.44
C6 NAG H . 38.75 -13.46 8.42
C7 NAG H . 36.84 -16.41 2.63
C8 NAG H . 35.71 -17.21 2.07
N2 NAG H . 36.72 -16.29 3.99
O3 NAG H . 38.61 -17.68 5.79
O4 NAG H . 39.13 -16.52 8.28
O5 NAG H . 38.16 -13.74 6.18
O6 NAG H . 40.08 -13.28 8.16
O7 NAG H . 37.90 -16.44 2.16
C1 NAG I . 6.41 -5.70 -38.74
C2 NAG I . 7.49 -4.93 -39.45
C3 NAG I . 6.93 -3.85 -40.38
C4 NAG I . 5.77 -4.47 -41.21
C5 NAG I . 4.74 -5.18 -40.32
C6 NAG I . 3.68 -5.89 -41.09
C7 NAG I . 9.55 -4.60 -38.10
C8 NAG I . 10.14 -3.73 -37.04
N2 NAG I . 8.27 -4.22 -38.42
O3 NAG I . 8.01 -3.50 -41.25
O4 NAG I . 5.16 -3.39 -41.95
O5 NAG I . 5.49 -6.27 -39.67
O6 NAG I . 4.19 -6.99 -41.77
O7 NAG I . 10.16 -5.11 -38.93
#